data_9NO2
#
_entry.id   9NO2
#
_cell.length_a   1.00
_cell.length_b   1.00
_cell.length_c   1.00
_cell.angle_alpha   90.00
_cell.angle_beta   90.00
_cell.angle_gamma   90.00
#
_symmetry.space_group_name_H-M   'P 1'
#
loop_
_entity.id
_entity.type
_entity.pdbx_description
1 polymer Enolase
2 polymer 'Riboflavin biosynthesis protein RibD'
#
loop_
_entity_poly.entity_id
_entity_poly.type
_entity_poly.pdbx_seq_one_letter_code
_entity_poly.pdbx_strand_id
1 'polypeptide(L)'
;MSSQIKQVFARQILDSRGNPTVEVDVVLESGAFGRAAVPSGASTGIREALELRDGNKALFLGKSVYKAVENVNTKIAQAV
KGLDALDQRLIDKTMIELDGSENKKNLGANAILGVSLATARAAASHLRKPFYRYLMDVKEYLMPVPMMNVINGGSHADNN
VDMQEFMIVPAGFDTFSEALRCGTEVFHTLKKVLIADGYSVAGVGDEGGYAPDLPSNEAAIEAILKAVKEAGYEPGKHVF
IALDPASSEFYKDGKYELKSENKSLTSEEMIDYYAAWVEKYPIVSIEDGLAEEDWAGWKLLTEKLGNKVQLVGDDLFVTN
PSILAKGIEKGIANSILIKLNQIGTLTETFEAMAMAGQAGYTCVVSHRSGETSDTIIADLAVATCSGQIKTGSLSRSDRI
AKYNQLLRIEEELGENAIYPGIKAFVFNSDEEVEEDVQEIIVEDSEAEKVVVQVEE
;
A,C
2 'polypeptide(L)'
;MKNIDKYYMQQALTLANRGRLTVSPNPMVGCIIVKNGAIISEGWHETVGEAHAEVHALIKVGDKAKGATAYVTLEPCCHH
GRTPPCTDTIIKAGIKKVIIATLDPNPKVAGKGVERLKNAGITVEVGLLEKQAQELNKIFFHYQTTKKPFVYAKWAMSLD
GKIAVNDGDSKKISSHQAFVNTHELRNICDAILIGKQTLIDDNPSLDVRININKIKHPTRFILANHLTTINHNWRVLDQR
HAKTIFVCSKISAQVATKLNQLGIEYWLLPQSQHQVCLDTLLEKMGKIGITSLLVEGGNKTLNSFINQKLVNEFYTYLAP
VIIADYNPKQQLSFNQISVREDIIINSCFKENSNV
;
B,D
#
# COMPACT_ATOMS: atom_id res chain seq x y z
N SER A 2 -2.96 -11.36 14.20
CA SER A 2 -3.58 -12.56 13.68
C SER A 2 -3.67 -12.50 12.15
N SER A 3 -3.46 -13.63 11.50
CA SER A 3 -3.48 -13.71 10.04
C SER A 3 -4.70 -14.43 9.50
N GLN A 4 -5.74 -14.57 10.32
CA GLN A 4 -6.96 -15.22 9.86
C GLN A 4 -7.74 -14.31 8.93
N ILE A 5 -8.43 -14.91 7.97
CA ILE A 5 -9.17 -14.13 6.97
C ILE A 5 -10.40 -13.52 7.62
N LYS A 6 -10.55 -12.20 7.48
CA LYS A 6 -11.67 -11.47 8.06
C LYS A 6 -12.74 -11.14 7.02
N GLN A 7 -12.35 -10.65 5.85
CA GLN A 7 -13.32 -10.25 4.84
C GLN A 7 -12.82 -10.61 3.45
N VAL A 8 -13.72 -11.09 2.60
CA VAL A 8 -13.46 -11.36 1.19
C VAL A 8 -14.55 -10.68 0.37
N PHE A 9 -14.14 -9.84 -0.58
CA PHE A 9 -15.08 -9.09 -1.40
C PHE A 9 -14.69 -9.20 -2.87
N ALA A 10 -15.68 -9.07 -3.75
CA ALA A 10 -15.45 -9.20 -5.18
C ALA A 10 -16.13 -8.07 -5.94
N ARG A 11 -15.63 -7.82 -7.14
CA ARG A 11 -16.12 -6.75 -8.00
C ARG A 11 -16.05 -7.20 -9.46
N GLN A 12 -16.93 -6.63 -10.28
CA GLN A 12 -16.87 -6.77 -11.73
C GLN A 12 -16.18 -5.53 -12.28
N ILE A 13 -14.94 -5.68 -12.75
CA ILE A 13 -14.18 -4.59 -13.32
C ILE A 13 -13.94 -4.93 -14.78
N LEU A 14 -13.23 -4.07 -15.51
CA LEU A 14 -12.94 -4.33 -16.91
C LEU A 14 -11.45 -4.57 -17.11
N ASP A 15 -11.12 -5.45 -18.05
CA ASP A 15 -9.74 -5.77 -18.35
C ASP A 15 -9.25 -4.93 -19.53
N SER A 16 -8.07 -5.27 -20.05
CA SER A 16 -7.43 -4.48 -21.10
C SER A 16 -8.15 -4.54 -22.43
N ARG A 17 -9.10 -5.45 -22.61
CA ARG A 17 -9.81 -5.58 -23.88
C ARG A 17 -11.24 -5.07 -23.81
N GLY A 18 -11.61 -4.41 -22.71
CA GLY A 18 -12.97 -3.94 -22.56
C GLY A 18 -13.98 -5.03 -22.25
N ASN A 19 -13.57 -6.07 -21.52
CA ASN A 19 -14.44 -7.16 -21.13
C ASN A 19 -14.43 -7.32 -19.62
N PRO A 20 -15.58 -7.63 -19.01
CA PRO A 20 -15.63 -7.77 -17.55
C PRO A 20 -14.77 -8.91 -17.04
N THR A 21 -14.24 -8.71 -15.83
CA THR A 21 -13.46 -9.72 -15.12
C THR A 21 -13.67 -9.49 -13.64
N VAL A 22 -13.20 -10.45 -12.84
CA VAL A 22 -13.45 -10.49 -11.40
C VAL A 22 -12.22 -9.95 -10.68
N GLU A 23 -12.45 -9.06 -9.72
CA GLU A 23 -11.39 -8.59 -8.83
C GLU A 23 -11.78 -8.90 -7.39
N VAL A 24 -10.82 -9.39 -6.60
CA VAL A 24 -11.08 -9.86 -5.25
C VAL A 24 -10.17 -9.12 -4.27
N ASP A 25 -10.75 -8.63 -3.19
CA ASP A 25 -10.03 -8.02 -2.08
C ASP A 25 -10.16 -8.90 -0.85
N VAL A 26 -9.04 -9.15 -0.18
CA VAL A 26 -9.02 -9.97 1.03
C VAL A 26 -8.38 -9.16 2.15
N VAL A 27 -9.08 -9.06 3.28
CA VAL A 27 -8.62 -8.33 4.46
C VAL A 27 -8.53 -9.29 5.62
N LEU A 28 -7.38 -9.30 6.29
CA LEU A 28 -7.15 -10.17 7.44
C LEU A 28 -7.55 -9.49 8.73
N GLU A 29 -7.41 -10.20 9.85
CA GLU A 29 -7.77 -9.64 11.15
C GLU A 29 -6.79 -8.56 11.59
N SER A 30 -5.53 -8.65 11.16
CA SER A 30 -4.53 -7.66 11.53
C SER A 30 -4.58 -6.42 10.65
N GLY A 31 -5.50 -6.38 9.67
CA GLY A 31 -5.60 -5.25 8.77
C GLY A 31 -4.86 -5.38 7.47
N ALA A 32 -4.12 -6.48 7.27
CA ALA A 32 -3.41 -6.69 6.02
C ALA A 32 -4.40 -6.80 4.87
N PHE A 33 -4.07 -6.16 3.75
CA PHE A 33 -4.96 -6.04 2.61
C PHE A 33 -4.29 -6.60 1.37
N GLY A 34 -5.04 -7.39 0.60
CA GLY A 34 -4.54 -7.91 -0.65
C GLY A 34 -5.57 -7.79 -1.75
N ARG A 35 -5.14 -7.53 -2.97
CA ARG A 35 -6.06 -7.30 -4.09
C ARG A 35 -5.55 -8.06 -5.31
N ALA A 36 -6.45 -8.75 -6.01
CA ALA A 36 -6.05 -9.57 -7.14
C ALA A 36 -7.08 -9.50 -8.24
N ALA A 37 -6.62 -9.33 -9.47
CA ALA A 37 -7.46 -9.34 -10.66
C ALA A 37 -7.12 -10.56 -11.51
N VAL A 38 -8.15 -11.14 -12.14
CA VAL A 38 -8.01 -12.41 -12.86
C VAL A 38 -7.98 -12.10 -14.35
N PRO A 39 -6.91 -12.42 -15.07
CA PRO A 39 -6.92 -12.26 -16.52
C PRO A 39 -7.89 -13.23 -17.18
N SER A 40 -8.48 -12.79 -18.27
CA SER A 40 -9.53 -13.57 -18.94
C SER A 40 -8.95 -14.79 -19.62
N GLY A 41 -9.63 -15.92 -19.45
CA GLY A 41 -9.24 -17.17 -20.08
C GLY A 41 -10.34 -17.77 -20.93
N ALA A 42 -10.27 -19.07 -21.17
CA ALA A 42 -11.24 -19.75 -22.03
C ALA A 42 -12.46 -20.15 -21.22
N SER A 43 -13.65 -19.87 -21.76
CA SER A 43 -14.91 -20.17 -21.09
C SER A 43 -15.52 -21.50 -21.51
N THR A 44 -14.82 -22.28 -22.34
CA THR A 44 -15.31 -23.60 -22.73
C THR A 44 -14.11 -24.44 -23.15
N GLY A 45 -14.27 -25.75 -23.04
CA GLY A 45 -13.20 -26.66 -23.39
C GLY A 45 -13.44 -28.04 -22.78
N ILE A 46 -12.42 -28.89 -22.89
CA ILE A 46 -12.50 -30.24 -22.38
C ILE A 46 -11.38 -30.61 -21.43
N ARG A 47 -10.21 -29.97 -21.49
CA ARG A 47 -9.07 -30.35 -20.66
C ARG A 47 -8.49 -29.15 -19.91
N GLU A 48 -9.28 -28.11 -19.66
CA GLU A 48 -8.80 -26.89 -19.03
C GLU A 48 -9.81 -26.46 -17.98
N ALA A 49 -9.33 -25.67 -17.02
CA ALA A 49 -10.21 -25.13 -15.98
C ALA A 49 -11.23 -24.18 -16.61
N LEU A 50 -12.46 -24.25 -16.11
CA LEU A 50 -13.60 -23.58 -16.74
C LEU A 50 -13.84 -22.22 -16.12
N GLU A 51 -14.22 -21.26 -16.96
CA GLU A 51 -14.54 -19.90 -16.55
C GLU A 51 -16.05 -19.68 -16.68
N LEU A 52 -16.65 -19.11 -15.66
CA LEU A 52 -18.11 -18.97 -15.57
C LEU A 52 -18.54 -17.56 -15.98
N ARG A 53 -19.48 -17.49 -16.92
CA ARG A 53 -20.04 -16.23 -17.38
C ARG A 53 -21.56 -16.34 -17.45
N ASP A 54 -22.22 -15.18 -17.39
CA ASP A 54 -23.67 -15.15 -17.24
C ASP A 54 -24.38 -15.70 -18.47
N GLY A 55 -23.88 -15.39 -19.65
CA GLY A 55 -24.61 -15.71 -20.87
C GLY A 55 -25.91 -14.94 -21.02
N ASN A 56 -25.88 -13.64 -20.73
CA ASN A 56 -27.04 -12.77 -20.82
C ASN A 56 -26.79 -11.73 -21.90
N LYS A 57 -27.68 -11.66 -22.90
CA LYS A 57 -27.50 -10.74 -24.00
C LYS A 57 -27.83 -9.30 -23.62
N ALA A 58 -28.79 -9.10 -22.71
CA ALA A 58 -29.11 -7.74 -22.27
C ALA A 58 -27.95 -7.12 -21.49
N LEU A 59 -27.08 -7.95 -20.91
CA LEU A 59 -25.87 -7.46 -20.26
C LEU A 59 -24.80 -7.19 -21.32
N PHE A 60 -23.53 -7.06 -20.88
CA PHE A 60 -22.47 -6.41 -21.66
C PHE A 60 -22.42 -6.83 -23.12
N LEU A 61 -22.06 -8.08 -23.42
CA LEU A 61 -22.47 -8.63 -24.70
C LEU A 61 -23.22 -9.94 -24.48
N GLY A 62 -22.52 -10.89 -23.87
CA GLY A 62 -23.09 -12.06 -23.25
C GLY A 62 -22.21 -12.42 -22.07
N LYS A 63 -21.20 -11.60 -21.86
CA LYS A 63 -20.06 -11.92 -20.99
C LYS A 63 -19.99 -10.94 -19.82
N SER A 64 -20.74 -11.27 -18.77
CA SER A 64 -20.66 -10.57 -17.49
C SER A 64 -20.41 -11.61 -16.41
N VAL A 65 -19.78 -11.18 -15.32
CA VAL A 65 -19.26 -12.11 -14.33
C VAL A 65 -20.01 -11.96 -13.02
N TYR A 66 -21.31 -11.64 -13.12
CA TYR A 66 -22.11 -11.49 -11.91
C TYR A 66 -22.28 -12.81 -11.18
N LYS A 67 -22.41 -13.93 -11.91
CA LYS A 67 -22.52 -15.22 -11.25
C LYS A 67 -21.26 -15.57 -10.49
N ALA A 68 -20.09 -15.32 -11.08
CA ALA A 68 -18.83 -15.61 -10.39
C ALA A 68 -18.66 -14.74 -9.15
N VAL A 69 -19.00 -13.46 -9.25
CA VAL A 69 -18.89 -12.55 -8.10
C VAL A 69 -19.84 -12.98 -6.99
N GLU A 70 -21.08 -13.36 -7.34
CA GLU A 70 -22.03 -13.81 -6.35
C GLU A 70 -21.59 -15.13 -5.72
N ASN A 71 -21.03 -16.04 -6.53
CA ASN A 71 -20.50 -17.30 -5.99
C ASN A 71 -19.39 -17.03 -4.99
N VAL A 72 -18.48 -16.11 -5.31
CA VAL A 72 -17.47 -15.69 -4.33
C VAL A 72 -18.16 -15.22 -3.06
N ASN A 73 -18.96 -14.16 -3.20
CA ASN A 73 -19.47 -13.41 -2.05
C ASN A 73 -20.32 -14.27 -1.12
N THR A 74 -21.08 -15.22 -1.66
CA THR A 74 -21.79 -16.15 -0.78
C THR A 74 -20.91 -17.33 -0.38
N LYS A 75 -20.59 -18.20 -1.35
CA LYS A 75 -20.08 -19.52 -1.01
C LYS A 75 -18.63 -19.45 -0.53
N ILE A 76 -17.77 -18.77 -1.30
CA ILE A 76 -16.36 -18.81 -0.96
C ILE A 76 -16.11 -17.95 0.27
N ALA A 77 -16.86 -16.86 0.42
CA ALA A 77 -16.72 -16.02 1.61
C ALA A 77 -17.14 -16.74 2.86
N GLN A 78 -18.24 -17.50 2.84
CA GLN A 78 -18.59 -18.27 4.03
C GLN A 78 -17.80 -19.56 4.16
N ALA A 79 -17.03 -19.96 3.15
CA ALA A 79 -16.21 -21.16 3.26
C ALA A 79 -14.82 -20.87 3.82
N VAL A 80 -14.14 -19.84 3.32
CA VAL A 80 -12.74 -19.60 3.67
C VAL A 80 -12.59 -18.56 4.77
N LYS A 81 -13.69 -18.10 5.36
CA LYS A 81 -13.60 -17.12 6.44
C LYS A 81 -13.13 -17.80 7.72
N GLY A 82 -12.12 -17.21 8.36
CA GLY A 82 -11.55 -17.75 9.57
C GLY A 82 -10.36 -18.66 9.38
N LEU A 83 -9.99 -18.97 8.14
CA LEU A 83 -8.82 -19.80 7.89
C LEU A 83 -7.55 -18.96 7.92
N ASP A 84 -6.44 -19.61 8.21
CA ASP A 84 -5.15 -18.93 8.27
C ASP A 84 -4.66 -18.62 6.86
N ALA A 85 -4.37 -17.34 6.61
CA ALA A 85 -3.97 -16.91 5.27
C ALA A 85 -2.56 -17.36 4.91
N LEU A 86 -1.74 -17.74 5.89
CA LEU A 86 -0.38 -18.18 5.63
C LEU A 86 -0.31 -19.65 5.22
N ASP A 87 -1.43 -20.34 5.20
CA ASP A 87 -1.52 -21.73 4.74
C ASP A 87 -2.25 -21.72 3.41
N GLN A 88 -1.49 -21.53 2.33
CA GLN A 88 -2.08 -21.47 0.99
C GLN A 88 -2.69 -22.80 0.60
N ARG A 89 -2.05 -23.91 0.97
CA ARG A 89 -2.52 -25.23 0.59
C ARG A 89 -3.89 -25.52 1.19
N LEU A 90 -4.10 -25.14 2.45
CA LEU A 90 -5.38 -25.40 3.10
C LEU A 90 -6.52 -24.66 2.41
N ILE A 91 -6.32 -23.39 2.09
CA ILE A 91 -7.35 -22.60 1.43
C ILE A 91 -7.62 -23.12 0.03
N ASP A 92 -6.55 -23.46 -0.72
CA ASP A 92 -6.73 -23.93 -2.08
C ASP A 92 -7.49 -25.26 -2.11
N LYS A 93 -7.09 -26.22 -1.28
CA LYS A 93 -7.83 -27.49 -1.26
C LYS A 93 -9.22 -27.34 -0.64
N THR A 94 -9.43 -26.35 0.23
CA THR A 94 -10.77 -26.07 0.70
C THR A 94 -11.68 -25.65 -0.45
N MET A 95 -11.19 -24.74 -1.30
CA MET A 95 -12.00 -24.32 -2.45
C MET A 95 -12.18 -25.46 -3.45
N ILE A 96 -11.15 -26.29 -3.65
CA ILE A 96 -11.26 -27.42 -4.57
C ILE A 96 -12.32 -28.40 -4.09
N GLU A 97 -12.32 -28.72 -2.78
CA GLU A 97 -13.29 -29.64 -2.24
C GLU A 97 -14.69 -29.04 -2.25
N LEU A 98 -14.80 -27.74 -1.98
CA LEU A 98 -16.11 -27.08 -2.00
C LEU A 98 -16.70 -27.09 -3.40
N ASP A 99 -15.88 -26.85 -4.42
CA ASP A 99 -16.40 -26.80 -5.79
C ASP A 99 -16.82 -28.19 -6.24
N GLY A 100 -15.96 -29.20 -6.04
CA GLY A 100 -16.34 -30.57 -6.27
C GLY A 100 -16.36 -31.03 -7.72
N SER A 101 -15.58 -30.40 -8.59
CA SER A 101 -15.48 -30.83 -9.97
C SER A 101 -14.03 -30.73 -10.43
N GLU A 102 -13.69 -31.52 -11.45
CA GLU A 102 -12.31 -31.58 -11.92
C GLU A 102 -11.92 -30.35 -12.73
N ASN A 103 -12.86 -29.74 -13.44
CA ASN A 103 -12.59 -28.57 -14.25
C ASN A 103 -13.10 -27.28 -13.63
N LYS A 104 -13.45 -27.31 -12.34
CA LYS A 104 -13.94 -26.14 -11.60
C LYS A 104 -15.16 -25.53 -12.26
N LYS A 105 -16.09 -26.38 -12.71
CA LYS A 105 -17.26 -25.91 -13.42
C LYS A 105 -18.25 -25.19 -12.52
N ASN A 106 -18.42 -25.65 -11.28
CA ASN A 106 -19.50 -25.16 -10.42
C ASN A 106 -19.25 -23.73 -9.97
N LEU A 107 -18.00 -23.35 -9.70
CA LEU A 107 -17.69 -22.01 -9.23
C LEU A 107 -16.89 -21.17 -10.20
N GLY A 108 -16.31 -21.77 -11.24
CA GLY A 108 -15.49 -21.02 -12.18
C GLY A 108 -14.07 -20.88 -11.72
N ALA A 109 -13.11 -20.94 -12.65
CA ALA A 109 -11.71 -20.86 -12.27
C ALA A 109 -11.30 -19.43 -11.90
N ASN A 110 -11.99 -18.44 -12.46
CA ASN A 110 -11.63 -17.04 -12.19
C ASN A 110 -11.84 -16.69 -10.73
N ALA A 111 -12.96 -17.11 -10.16
CA ALA A 111 -13.24 -16.85 -8.75
C ALA A 111 -12.18 -17.45 -7.85
N ILE A 112 -11.86 -18.73 -8.07
CA ILE A 112 -10.91 -19.44 -7.23
C ILE A 112 -9.51 -18.84 -7.37
N LEU A 113 -9.09 -18.53 -8.59
CA LEU A 113 -7.77 -17.93 -8.79
C LEU A 113 -7.68 -16.56 -8.14
N GLY A 114 -8.73 -15.74 -8.28
CA GLY A 114 -8.72 -14.45 -7.63
C GLY A 114 -8.62 -14.54 -6.13
N VAL A 115 -9.39 -15.45 -5.52
CA VAL A 115 -9.33 -15.61 -4.08
C VAL A 115 -7.94 -16.06 -3.64
N SER A 116 -7.35 -17.02 -4.36
CA SER A 116 -6.03 -17.52 -3.97
C SER A 116 -4.95 -16.45 -4.10
N LEU A 117 -4.95 -15.70 -5.21
CA LEU A 117 -3.94 -14.67 -5.39
C LEU A 117 -4.10 -13.54 -4.38
N ALA A 118 -5.34 -13.14 -4.10
CA ALA A 118 -5.58 -12.10 -3.11
C ALA A 118 -5.14 -12.55 -1.72
N THR A 119 -5.39 -13.83 -1.38
CA THR A 119 -4.94 -14.36 -0.10
C THR A 119 -3.42 -14.35 0.00
N ALA A 120 -2.74 -14.73 -1.09
CA ALA A 120 -1.28 -14.72 -1.08
C ALA A 120 -0.74 -13.30 -0.91
N ARG A 121 -1.35 -12.33 -1.60
CA ARG A 121 -0.91 -10.94 -1.46
C ARG A 121 -1.15 -10.41 -0.05
N ALA A 122 -2.29 -10.77 0.55
CA ALA A 122 -2.57 -10.35 1.93
C ALA A 122 -1.58 -10.96 2.91
N ALA A 123 -1.24 -12.24 2.73
CA ALA A 123 -0.26 -12.87 3.60
C ALA A 123 1.12 -12.25 3.43
N ALA A 124 1.49 -11.90 2.19
CA ALA A 124 2.79 -11.25 1.97
C ALA A 124 2.83 -9.87 2.60
N SER A 125 1.72 -9.12 2.52
CA SER A 125 1.66 -7.81 3.15
C SER A 125 1.67 -7.91 4.67
N HIS A 126 1.10 -8.98 5.22
CA HIS A 126 1.09 -9.17 6.66
C HIS A 126 2.49 -9.35 7.22
N LEU A 127 3.35 -10.08 6.50
CA LEU A 127 4.72 -10.32 6.94
C LEU A 127 5.67 -9.18 6.61
N ARG A 128 5.19 -8.14 5.92
CA ARG A 128 6.01 -7.01 5.49
C ARG A 128 7.18 -7.46 4.62
N LYS A 129 6.86 -8.22 3.59
CA LYS A 129 7.84 -8.76 2.65
C LYS A 129 7.39 -8.51 1.23
N PRO A 130 8.33 -8.37 0.29
CA PRO A 130 7.96 -8.32 -1.12
C PRO A 130 7.38 -9.65 -1.58
N PHE A 131 6.54 -9.58 -2.62
CA PHE A 131 5.84 -10.78 -3.06
C PHE A 131 6.80 -11.85 -3.58
N TYR A 132 7.83 -11.44 -4.33
CA TYR A 132 8.81 -12.41 -4.80
C TYR A 132 9.62 -13.00 -3.65
N ARG A 133 9.91 -12.19 -2.62
CA ARG A 133 10.62 -12.71 -1.46
C ARG A 133 9.71 -13.53 -0.56
N TYR A 134 8.40 -13.27 -0.59
CA TYR A 134 7.47 -14.12 0.15
C TYR A 134 7.34 -15.48 -0.50
N LEU A 135 7.27 -15.53 -1.83
CA LEU A 135 7.13 -16.79 -2.54
C LEU A 135 8.35 -17.68 -2.34
N MET A 136 9.54 -17.11 -2.45
CA MET A 136 10.78 -17.85 -2.26
C MET A 136 11.81 -16.93 -1.61
N ASP A 137 12.29 -17.32 -0.44
CA ASP A 137 13.21 -16.49 0.36
C ASP A 137 14.61 -17.09 0.26
N VAL A 138 15.35 -16.66 -0.76
CA VAL A 138 16.75 -17.07 -0.94
C VAL A 138 17.60 -15.81 -1.00
N LYS A 139 18.91 -15.98 -1.18
CA LYS A 139 19.81 -14.84 -1.26
C LYS A 139 20.03 -14.37 -2.69
N GLU A 140 20.43 -15.28 -3.58
CA GLU A 140 20.72 -14.94 -4.97
C GLU A 140 19.49 -15.19 -5.83
N TYR A 141 19.14 -14.20 -6.64
CA TYR A 141 18.00 -14.28 -7.54
C TYR A 141 18.45 -14.11 -8.98
N LEU A 142 17.72 -14.74 -9.89
CA LEU A 142 18.00 -14.68 -11.32
C LEU A 142 16.95 -13.82 -12.00
N MET A 143 17.39 -12.80 -12.70
CA MET A 143 16.47 -11.96 -13.45
C MET A 143 16.09 -12.64 -14.76
N PRO A 144 14.80 -12.64 -15.11
CA PRO A 144 14.37 -13.35 -16.32
C PRO A 144 14.86 -12.70 -17.59
N VAL A 145 15.09 -13.53 -18.60
CA VAL A 145 15.43 -13.07 -19.94
C VAL A 145 14.12 -12.80 -20.68
N PRO A 146 13.84 -11.56 -21.09
CA PRO A 146 12.55 -11.27 -21.72
C PRO A 146 12.54 -11.68 -23.18
N MET A 147 11.45 -12.31 -23.60
CA MET A 147 11.17 -12.56 -25.00
C MET A 147 10.08 -11.59 -25.42
N MET A 148 10.36 -10.78 -26.44
CA MET A 148 9.59 -9.59 -26.76
C MET A 148 8.92 -9.79 -28.11
N ASN A 149 7.58 -9.84 -28.12
CA ASN A 149 6.83 -10.02 -29.35
C ASN A 149 6.98 -8.80 -30.23
N VAL A 150 7.38 -8.99 -31.48
CA VAL A 150 7.50 -7.89 -32.41
C VAL A 150 6.59 -8.01 -33.63
N ILE A 151 6.28 -9.23 -34.08
CA ILE A 151 5.41 -9.41 -35.25
C ILE A 151 4.31 -10.39 -34.90
N ASN A 152 3.07 -10.04 -35.25
CA ASN A 152 1.91 -10.91 -35.07
C ASN A 152 1.34 -11.29 -36.43
N GLY A 153 0.97 -12.55 -36.57
CA GLY A 153 0.63 -13.11 -37.87
C GLY A 153 -0.79 -13.60 -38.08
N GLY A 154 -0.94 -14.93 -38.12
CA GLY A 154 -2.14 -15.60 -38.59
C GLY A 154 -3.47 -15.21 -37.99
N SER A 155 -3.68 -15.53 -36.71
CA SER A 155 -4.97 -15.22 -36.09
C SER A 155 -5.07 -13.76 -35.68
N HIS A 156 -3.94 -13.12 -35.39
CA HIS A 156 -3.97 -11.76 -34.87
C HIS A 156 -4.17 -10.71 -35.96
N ALA A 157 -4.00 -11.08 -37.23
CA ALA A 157 -4.13 -10.12 -38.31
C ALA A 157 -4.46 -10.85 -39.61
N ASP A 158 -4.95 -10.09 -40.58
CA ASP A 158 -5.18 -10.59 -41.93
C ASP A 158 -4.05 -10.09 -42.83
N ASN A 159 -2.92 -10.80 -42.77
CA ASN A 159 -1.72 -10.39 -43.50
C ASN A 159 -1.01 -11.57 -44.13
N ASN A 160 -1.74 -12.64 -44.44
CA ASN A 160 -1.28 -13.87 -45.09
C ASN A 160 0.05 -14.41 -44.55
N VAL A 161 0.30 -14.23 -43.25
CA VAL A 161 1.43 -14.85 -42.57
C VAL A 161 0.88 -16.01 -41.75
N ASP A 162 1.30 -17.23 -42.07
CA ASP A 162 0.71 -18.41 -41.47
C ASP A 162 1.19 -18.69 -40.05
N MET A 163 2.30 -18.11 -39.63
CA MET A 163 2.82 -18.28 -38.28
C MET A 163 2.35 -17.14 -37.40
N GLN A 164 2.13 -17.45 -36.12
CA GLN A 164 1.45 -16.48 -35.25
C GLN A 164 2.37 -15.37 -34.80
N GLU A 165 3.42 -15.69 -34.05
CA GLU A 165 4.24 -14.66 -33.42
C GLU A 165 5.72 -14.83 -33.75
N PHE A 166 6.38 -13.70 -34.02
CA PHE A 166 7.83 -13.62 -34.13
C PHE A 166 8.32 -12.67 -33.05
N MET A 167 9.37 -13.08 -32.32
CA MET A 167 9.77 -12.47 -31.07
C MET A 167 11.27 -12.27 -31.06
N ILE A 168 11.76 -11.30 -30.29
CA ILE A 168 13.19 -11.03 -30.17
C ILE A 168 13.64 -11.30 -28.74
N VAL A 169 14.82 -11.90 -28.62
CA VAL A 169 15.39 -12.28 -27.33
C VAL A 169 16.74 -11.58 -27.20
N PRO A 170 16.81 -10.50 -26.40
CA PRO A 170 18.10 -9.81 -26.15
C PRO A 170 18.92 -10.48 -25.05
N ALA A 171 19.67 -11.51 -25.45
CA ALA A 171 20.36 -12.38 -24.51
C ALA A 171 21.88 -12.19 -24.51
N GLY A 172 22.39 -11.10 -25.06
CA GLY A 172 23.82 -10.90 -25.11
C GLY A 172 24.35 -9.80 -24.21
N PHE A 173 23.71 -9.60 -23.05
CA PHE A 173 24.02 -8.48 -22.18
C PHE A 173 24.25 -8.96 -20.75
N ASP A 174 24.91 -8.12 -19.96
CA ASP A 174 25.28 -8.45 -18.60
C ASP A 174 24.23 -8.04 -17.57
N THR A 175 23.29 -7.18 -17.94
CA THR A 175 22.26 -6.71 -17.02
C THR A 175 20.92 -6.65 -17.73
N PHE A 176 19.86 -6.57 -16.93
CA PHE A 176 18.51 -6.46 -17.48
C PHE A 176 18.26 -5.08 -18.08
N SER A 177 18.93 -4.05 -17.56
CA SER A 177 18.73 -2.70 -18.06
C SER A 177 19.21 -2.55 -19.50
N GLU A 178 20.38 -3.10 -19.81
CA GLU A 178 20.87 -3.07 -21.18
C GLU A 178 20.00 -3.90 -22.12
N ALA A 179 19.48 -5.02 -21.62
CA ALA A 179 18.56 -5.83 -22.43
C ALA A 179 17.28 -5.05 -22.74
N LEU A 180 16.74 -4.34 -21.75
CA LEU A 180 15.53 -3.56 -21.99
C LEU A 180 15.80 -2.40 -22.94
N ARG A 181 16.96 -1.75 -22.81
CA ARG A 181 17.33 -0.70 -23.74
C ARG A 181 17.46 -1.24 -25.16
N CYS A 182 18.06 -2.42 -25.30
CA CYS A 182 18.16 -3.06 -26.61
C CYS A 182 16.79 -3.35 -27.20
N GLY A 183 15.88 -3.86 -26.39
CA GLY A 183 14.52 -4.10 -26.87
C GLY A 183 13.83 -2.83 -27.32
N THR A 184 13.98 -1.75 -26.55
CA THR A 184 13.37 -0.47 -26.91
C THR A 184 13.91 0.05 -28.24
N GLU A 185 15.25 0.08 -28.36
CA GLU A 185 15.87 0.62 -29.58
C GLU A 185 15.52 -0.23 -30.79
N VAL A 186 15.54 -1.56 -30.65
CA VAL A 186 15.21 -2.43 -31.77
C VAL A 186 13.75 -2.28 -32.16
N PHE A 187 12.85 -2.07 -31.19
CA PHE A 187 11.45 -1.85 -31.51
C PHE A 187 11.26 -0.58 -32.33
N HIS A 188 11.91 0.52 -31.90
CA HIS A 188 11.78 1.77 -32.64
C HIS A 188 12.39 1.67 -34.04
N THR A 189 13.57 1.04 -34.15
CA THR A 189 14.20 0.88 -35.46
C THR A 189 13.39 -0.06 -36.34
N LEU A 190 12.71 -1.05 -35.77
CA LEU A 190 11.85 -1.92 -36.56
C LEU A 190 10.66 -1.16 -37.10
N LYS A 191 10.08 -0.27 -36.30
CA LYS A 191 9.02 0.60 -36.80
C LYS A 191 9.52 1.43 -37.98
N LYS A 192 10.72 2.01 -37.84
CA LYS A 192 11.26 2.84 -38.92
C LYS A 192 11.54 2.02 -40.18
N VAL A 193 12.07 0.80 -40.02
CA VAL A 193 12.35 -0.06 -41.17
C VAL A 193 11.07 -0.49 -41.87
N LEU A 194 10.05 -0.87 -41.10
CA LEU A 194 8.77 -1.25 -41.70
C LEU A 194 8.11 -0.07 -42.40
N ILE A 195 8.35 1.15 -41.91
CA ILE A 195 7.87 2.33 -42.62
C ILE A 195 8.65 2.52 -43.92
N ALA A 196 9.97 2.33 -43.88
CA ALA A 196 10.80 2.62 -45.05
C ALA A 196 10.56 1.64 -46.20
N ASP A 197 10.01 0.47 -45.91
CA ASP A 197 9.75 -0.53 -46.95
C ASP A 197 8.35 -0.42 -47.54
N GLY A 198 7.58 0.61 -47.18
CA GLY A 198 6.26 0.77 -47.73
C GLY A 198 5.19 -0.12 -47.13
N TYR A 199 5.35 -0.51 -45.87
CA TYR A 199 4.38 -1.34 -45.18
C TYR A 199 3.57 -0.50 -44.20
N SER A 200 2.27 -0.75 -44.15
CA SER A 200 1.38 0.00 -43.27
C SER A 200 1.54 -0.47 -41.84
N VAL A 201 1.81 0.47 -40.93
CA VAL A 201 2.09 0.17 -39.53
C VAL A 201 1.02 0.94 -38.74
N ALA A 202 -0.17 1.05 -39.35
CA ALA A 202 -1.27 1.79 -38.73
C ALA A 202 -1.84 0.99 -37.56
N GLY A 203 -1.45 1.38 -36.35
CA GLY A 203 -1.98 0.78 -35.14
C GLY A 203 -1.01 -0.20 -34.49
N VAL A 204 -1.48 -0.78 -33.38
CA VAL A 204 -0.72 -1.74 -32.60
C VAL A 204 -1.65 -2.90 -32.22
N GLY A 205 -1.06 -4.06 -31.96
CA GLY A 205 -1.82 -5.25 -31.63
C GLY A 205 -2.14 -5.35 -30.16
N ASP A 206 -2.80 -6.47 -29.80
CA ASP A 206 -3.16 -6.72 -28.41
C ASP A 206 -1.94 -6.88 -27.53
N GLU A 207 -0.93 -7.60 -28.02
CA GLU A 207 0.29 -7.87 -27.25
C GLU A 207 1.36 -6.80 -27.47
N GLY A 208 1.00 -5.65 -28.02
CA GLY A 208 1.94 -4.58 -28.23
C GLY A 208 2.80 -4.68 -29.47
N GLY A 209 2.62 -5.72 -30.28
CA GLY A 209 3.45 -5.93 -31.45
C GLY A 209 2.77 -5.49 -32.73
N TYR A 210 3.61 -5.15 -33.72
CA TYR A 210 3.09 -4.73 -35.01
C TYR A 210 2.50 -5.90 -35.76
N ALA A 211 1.57 -5.60 -36.67
CA ALA A 211 0.95 -6.59 -37.54
C ALA A 211 0.94 -6.08 -38.98
N PRO A 212 2.10 -5.97 -39.60
CA PRO A 212 2.16 -5.46 -40.98
C PRO A 212 1.76 -6.53 -41.99
N ASP A 213 1.48 -6.07 -43.21
CA ASP A 213 1.05 -6.95 -44.29
C ASP A 213 2.29 -7.51 -45.01
N LEU A 214 3.03 -8.33 -44.27
CA LEU A 214 4.22 -8.96 -44.82
C LEU A 214 3.83 -10.06 -45.80
N PRO A 215 4.69 -10.34 -46.80
CA PRO A 215 4.33 -11.36 -47.80
C PRO A 215 4.62 -12.78 -47.37
N SER A 216 5.62 -12.98 -46.52
CA SER A 216 6.03 -14.32 -46.13
C SER A 216 6.77 -14.25 -44.80
N ASN A 217 6.99 -15.43 -44.22
CA ASN A 217 7.69 -15.52 -42.95
C ASN A 217 9.18 -15.18 -43.10
N GLU A 218 9.76 -15.54 -44.25
CA GLU A 218 11.13 -15.16 -44.53
C GLU A 218 11.30 -13.65 -44.51
N ALA A 219 10.32 -12.93 -45.06
CA ALA A 219 10.36 -11.47 -45.02
C ALA A 219 10.30 -10.95 -43.59
N ALA A 220 9.50 -11.59 -42.74
CA ALA A 220 9.39 -11.18 -41.34
C ALA A 220 10.72 -11.35 -40.62
N ILE A 221 11.37 -12.51 -40.80
CA ILE A 221 12.63 -12.76 -40.11
C ILE A 221 13.72 -11.84 -40.66
N GLU A 222 13.73 -11.61 -41.97
CA GLU A 222 14.73 -10.71 -42.55
C GLU A 222 14.53 -9.27 -42.08
N ALA A 223 13.26 -8.85 -41.93
CA ALA A 223 12.99 -7.52 -41.40
C ALA A 223 13.44 -7.38 -39.97
N ILE A 224 13.22 -8.43 -39.15
CA ILE A 224 13.67 -8.39 -37.77
C ILE A 224 15.19 -8.30 -37.70
N LEU A 225 15.88 -9.11 -38.51
CA LEU A 225 17.34 -9.07 -38.52
C LEU A 225 17.87 -7.73 -39.02
N LYS A 226 17.20 -7.14 -40.01
CA LYS A 226 17.59 -5.81 -40.50
C LYS A 226 17.40 -4.75 -39.43
N ALA A 227 16.32 -4.85 -38.65
CA ALA A 227 16.12 -3.93 -37.53
C ALA A 227 17.21 -4.09 -36.48
N VAL A 228 17.60 -5.33 -36.19
CA VAL A 228 18.67 -5.56 -35.23
C VAL A 228 19.98 -4.95 -35.73
N LYS A 229 20.30 -5.14 -37.00
CA LYS A 229 21.53 -4.58 -37.55
C LYS A 229 21.49 -3.05 -37.56
N GLU A 230 20.33 -2.47 -37.89
CA GLU A 230 20.19 -1.02 -37.99
C GLU A 230 20.03 -0.34 -36.63
N ALA A 231 19.80 -1.09 -35.56
CA ALA A 231 19.70 -0.54 -34.23
C ALA A 231 21.03 -0.53 -33.49
N GLY A 232 22.10 -1.01 -34.11
CA GLY A 232 23.42 -0.98 -33.52
C GLY A 232 23.88 -2.26 -32.86
N TYR A 233 23.14 -3.36 -32.98
CA TYR A 233 23.48 -4.62 -32.34
C TYR A 233 23.69 -5.70 -33.40
N GLU A 234 24.49 -6.70 -33.05
CA GLU A 234 24.82 -7.79 -33.97
C GLU A 234 23.86 -8.95 -33.76
N PRO A 235 23.13 -9.38 -34.80
CA PRO A 235 22.32 -10.60 -34.67
C PRO A 235 23.19 -11.82 -34.40
N GLY A 236 22.66 -12.74 -33.60
CA GLY A 236 23.36 -13.97 -33.27
C GLY A 236 24.32 -13.85 -32.11
N LYS A 237 24.67 -12.64 -31.69
CA LYS A 237 25.51 -12.40 -30.53
C LYS A 237 24.79 -11.59 -29.46
N HIS A 238 23.94 -10.65 -29.87
CA HIS A 238 23.17 -9.82 -28.95
C HIS A 238 21.68 -10.12 -28.97
N VAL A 239 21.09 -10.35 -30.15
CA VAL A 239 19.66 -10.57 -30.29
C VAL A 239 19.43 -11.87 -31.04
N PHE A 240 18.69 -12.79 -30.42
CA PHE A 240 18.22 -14.01 -31.07
C PHE A 240 16.73 -13.87 -31.37
N ILE A 241 16.17 -14.88 -32.03
CA ILE A 241 14.79 -14.83 -32.50
C ILE A 241 14.04 -16.02 -31.92
N ALA A 242 12.86 -15.76 -31.37
CA ALA A 242 11.96 -16.79 -30.87
C ALA A 242 10.73 -16.86 -31.75
N LEU A 243 10.17 -18.07 -31.85
CA LEU A 243 9.07 -18.35 -32.76
C LEU A 243 7.83 -18.75 -31.98
N ASP A 244 6.67 -18.61 -32.63
CA ASP A 244 5.41 -19.11 -32.09
C ASP A 244 4.49 -19.42 -33.25
N PRO A 245 4.61 -20.61 -33.85
CA PRO A 245 3.75 -20.98 -34.97
C PRO A 245 2.30 -21.23 -34.55
N ALA A 246 2.12 -21.98 -33.46
CA ALA A 246 0.82 -22.46 -33.01
C ALA A 246 0.09 -23.17 -34.15
N SER A 247 0.68 -24.28 -34.59
CA SER A 247 0.25 -25.04 -35.76
C SER A 247 -1.06 -25.77 -35.55
N SER A 248 -1.74 -25.63 -34.41
CA SER A 248 -3.06 -26.22 -34.24
C SER A 248 -4.09 -25.58 -35.17
N GLU A 249 -3.83 -24.37 -35.65
CA GLU A 249 -4.80 -23.67 -36.49
C GLU A 249 -4.85 -24.25 -37.90
N PHE A 250 -3.70 -24.57 -38.48
CA PHE A 250 -3.63 -25.05 -39.87
C PHE A 250 -3.24 -26.52 -39.94
N TYR A 251 -3.78 -27.34 -39.03
CA TYR A 251 -3.58 -28.78 -39.03
C TYR A 251 -4.93 -29.45 -39.22
N LYS A 252 -5.18 -29.98 -40.42
CA LYS A 252 -6.42 -30.67 -40.72
C LYS A 252 -6.11 -31.98 -41.45
N ASP A 253 -6.77 -33.05 -41.01
CA ASP A 253 -6.65 -34.39 -41.61
C ASP A 253 -5.21 -34.88 -41.63
N GLY A 254 -4.43 -34.54 -40.60
CA GLY A 254 -3.06 -34.97 -40.53
C GLY A 254 -2.10 -34.21 -41.41
N LYS A 255 -2.54 -33.10 -42.01
CA LYS A 255 -1.73 -32.32 -42.94
C LYS A 255 -1.42 -30.95 -42.34
N TYR A 256 -0.15 -30.56 -42.36
CA TYR A 256 0.25 -29.20 -41.99
C TYR A 256 0.19 -28.34 -43.24
N GLU A 257 -0.77 -27.44 -43.29
CA GLU A 257 -1.06 -26.66 -44.50
C GLU A 257 -0.50 -25.25 -44.32
N LEU A 258 0.59 -24.95 -45.02
CA LEU A 258 1.18 -23.61 -45.04
C LEU A 258 0.52 -22.85 -46.17
N LYS A 259 -0.45 -22.00 -45.84
CA LYS A 259 -1.22 -21.29 -46.87
C LYS A 259 -0.42 -20.18 -47.51
N SER A 260 0.57 -19.63 -46.80
CA SER A 260 1.38 -18.56 -47.37
C SER A 260 2.17 -19.03 -48.58
N GLU A 261 2.75 -20.23 -48.50
CA GLU A 261 3.46 -20.82 -49.62
C GLU A 261 2.61 -21.83 -50.38
N ASN A 262 1.38 -22.08 -49.91
CA ASN A 262 0.44 -23.02 -50.53
C ASN A 262 1.05 -24.42 -50.63
N LYS A 263 1.36 -24.98 -49.45
CA LYS A 263 1.97 -26.28 -49.35
C LYS A 263 1.23 -27.14 -48.33
N SER A 264 1.25 -28.45 -48.55
CA SER A 264 0.75 -29.43 -47.60
C SER A 264 1.89 -30.36 -47.24
N LEU A 265 2.23 -30.43 -45.96
CA LEU A 265 3.37 -31.19 -45.48
C LEU A 265 2.96 -32.20 -44.44
N THR A 266 3.71 -33.31 -44.37
CA THR A 266 3.56 -34.27 -43.30
C THR A 266 4.34 -33.77 -42.09
N SER A 267 4.51 -34.62 -41.07
CA SER A 267 5.27 -34.21 -39.90
C SER A 267 6.76 -34.13 -40.21
N GLU A 268 7.32 -35.18 -40.84
CA GLU A 268 8.77 -35.29 -40.98
C GLU A 268 9.34 -34.14 -41.79
N GLU A 269 8.70 -33.80 -42.91
CA GLU A 269 9.16 -32.65 -43.69
C GLU A 269 8.93 -31.35 -42.94
N MET A 270 7.98 -31.33 -41.99
CA MET A 270 7.75 -30.12 -41.22
C MET A 270 8.90 -29.88 -40.23
N ILE A 271 9.35 -30.94 -39.55
CA ILE A 271 10.57 -30.79 -38.74
C ILE A 271 11.78 -30.51 -39.63
N ASP A 272 11.80 -31.05 -40.85
CA ASP A 272 12.90 -30.70 -41.76
C ASP A 272 12.92 -29.21 -42.07
N TYR A 273 11.75 -28.63 -42.32
CA TYR A 273 11.65 -27.18 -42.54
C TYR A 273 12.10 -26.41 -41.31
N TYR A 274 11.69 -26.85 -40.12
CA TYR A 274 12.11 -26.19 -38.89
C TYR A 274 13.63 -26.26 -38.72
N ALA A 275 14.24 -27.40 -39.04
CA ALA A 275 15.69 -27.52 -38.92
C ALA A 275 16.40 -26.62 -39.93
N ALA A 276 15.89 -26.55 -41.16
CA ALA A 276 16.45 -25.62 -42.14
C ALA A 276 16.43 -24.20 -41.59
N TRP A 277 15.33 -23.83 -40.91
CA TRP A 277 15.29 -22.54 -40.23
C TRP A 277 16.29 -22.48 -39.07
N VAL A 278 16.52 -23.60 -38.39
CA VAL A 278 17.35 -23.59 -37.18
C VAL A 278 18.80 -23.26 -37.51
N GLU A 279 19.38 -23.95 -38.50
CA GLU A 279 20.70 -23.47 -38.96
C GLU A 279 20.62 -22.45 -40.08
N LYS A 280 19.44 -21.88 -40.35
CA LYS A 280 19.37 -20.72 -41.23
C LYS A 280 19.46 -19.40 -40.45
N TYR A 281 18.87 -19.33 -39.27
CA TYR A 281 18.75 -18.11 -38.48
C TYR A 281 19.16 -18.37 -37.05
N PRO A 282 19.48 -17.31 -36.28
CA PRO A 282 19.69 -17.47 -34.83
C PRO A 282 18.38 -17.66 -34.07
N ILE A 283 17.69 -18.75 -34.38
CA ILE A 283 16.37 -19.05 -33.83
C ILE A 283 16.56 -20.09 -32.73
N VAL A 284 16.34 -19.70 -31.48
CA VAL A 284 16.26 -20.69 -30.42
C VAL A 284 14.97 -20.53 -29.60
N SER A 285 13.86 -21.00 -30.18
CA SER A 285 12.62 -21.39 -29.53
C SER A 285 11.66 -21.87 -30.61
N ILE A 286 10.91 -22.93 -30.34
CA ILE A 286 9.79 -23.30 -31.21
C ILE A 286 8.63 -23.70 -30.32
N GLU A 287 7.71 -22.77 -30.08
CA GLU A 287 6.59 -23.00 -29.18
C GLU A 287 5.39 -23.49 -29.98
N ASP A 288 4.83 -24.63 -29.57
CA ASP A 288 3.72 -25.28 -30.27
C ASP A 288 4.07 -25.52 -31.74
N GLY A 289 5.29 -26.00 -31.98
CA GLY A 289 5.74 -26.24 -33.34
C GLY A 289 4.99 -27.33 -34.06
N LEU A 290 4.28 -28.18 -33.32
CA LEU A 290 3.44 -29.22 -33.90
C LEU A 290 2.11 -29.25 -33.15
N ALA A 291 1.14 -29.97 -33.71
CA ALA A 291 -0.18 -30.00 -33.10
C ALA A 291 -0.17 -30.76 -31.77
N GLU A 292 -1.17 -30.47 -30.94
CA GLU A 292 -1.27 -31.13 -29.65
C GLU A 292 -1.81 -32.56 -29.73
N GLU A 293 -2.43 -32.94 -30.85
CA GLU A 293 -2.88 -34.31 -31.04
C GLU A 293 -1.85 -35.18 -31.74
N ASP A 294 -0.77 -34.59 -32.26
CA ASP A 294 0.25 -35.32 -33.01
C ASP A 294 1.45 -35.56 -32.09
N TRP A 295 1.30 -36.55 -31.19
CA TRP A 295 2.35 -36.84 -30.22
C TRP A 295 3.52 -37.61 -30.82
N ALA A 296 3.27 -38.43 -31.85
CA ALA A 296 4.37 -39.13 -32.50
C ALA A 296 5.33 -38.16 -33.18
N GLY A 297 4.78 -37.18 -33.89
CA GLY A 297 5.61 -36.14 -34.46
C GLY A 297 6.33 -35.32 -33.39
N TRP A 298 5.68 -35.12 -32.25
CA TRP A 298 6.34 -34.43 -31.14
C TRP A 298 7.53 -35.21 -30.63
N LYS A 299 7.38 -36.54 -30.49
CA LYS A 299 8.49 -37.37 -30.05
C LYS A 299 9.64 -37.35 -31.05
N LEU A 300 9.32 -37.42 -32.34
CA LEU A 300 10.37 -37.39 -33.36
C LEU A 300 11.06 -36.02 -33.39
N LEU A 301 10.29 -34.94 -33.21
CA LEU A 301 10.86 -33.60 -33.16
C LEU A 301 11.78 -33.43 -31.95
N THR A 302 11.38 -33.95 -30.79
CA THR A 302 12.25 -33.90 -29.63
C THR A 302 13.48 -34.78 -29.82
N GLU A 303 13.35 -35.85 -30.60
CA GLU A 303 14.50 -36.71 -30.87
C GLU A 303 15.55 -35.99 -31.71
N LYS A 304 15.14 -35.39 -32.82
CA LYS A 304 16.12 -34.87 -33.77
C LYS A 304 16.21 -33.35 -33.79
N LEU A 305 15.60 -32.65 -32.83
CA LEU A 305 15.85 -31.23 -32.63
C LEU A 305 15.89 -30.85 -31.15
N GLY A 306 15.99 -31.83 -30.25
CA GLY A 306 15.96 -31.53 -28.83
C GLY A 306 17.24 -30.95 -28.28
N ASN A 307 18.35 -31.10 -28.98
CA ASN A 307 19.65 -30.63 -28.52
C ASN A 307 20.15 -29.43 -29.32
N LYS A 308 19.29 -28.81 -30.12
CA LYS A 308 19.68 -27.67 -30.95
C LYS A 308 18.89 -26.40 -30.65
N VAL A 309 17.63 -26.52 -30.21
CA VAL A 309 16.81 -25.38 -29.82
C VAL A 309 16.04 -25.76 -28.57
N GLN A 310 15.19 -24.85 -28.11
CA GLN A 310 14.31 -25.09 -26.98
C GLN A 310 12.90 -25.35 -27.49
N LEU A 311 12.32 -26.48 -27.09
CA LEU A 311 10.99 -26.87 -27.52
C LEU A 311 10.00 -26.54 -26.42
N VAL A 312 9.03 -25.70 -26.74
CA VAL A 312 8.07 -25.19 -25.77
C VAL A 312 6.70 -25.75 -26.09
N GLY A 313 5.95 -26.15 -25.06
CA GLY A 313 4.61 -26.66 -25.25
C GLY A 313 3.57 -25.92 -24.44
N ASP A 314 2.61 -25.29 -25.13
CA ASP A 314 1.56 -24.51 -24.48
C ASP A 314 0.20 -25.17 -24.58
N ASP A 315 -0.26 -25.47 -25.79
CA ASP A 315 -1.47 -26.26 -25.98
C ASP A 315 -1.23 -27.74 -25.74
N LEU A 316 0.04 -28.16 -25.71
CA LEU A 316 0.36 -29.56 -25.49
C LEU A 316 0.18 -29.97 -24.03
N PHE A 317 0.57 -29.12 -23.09
CA PHE A 317 0.55 -29.47 -21.68
C PHE A 317 -0.46 -28.67 -20.86
N VAL A 318 -1.04 -27.60 -21.43
CA VAL A 318 -2.00 -26.67 -20.83
C VAL A 318 -1.84 -26.50 -19.32
N THR A 319 -0.59 -26.39 -18.86
CA THR A 319 -0.26 -26.17 -17.44
C THR A 319 -0.95 -27.22 -16.57
N ASN A 320 -0.91 -28.48 -17.01
CA ASN A 320 -1.57 -29.58 -16.33
C ASN A 320 -0.52 -30.55 -15.82
N PRO A 321 -0.48 -30.83 -14.52
CA PRO A 321 0.51 -31.81 -14.02
C PRO A 321 0.37 -33.21 -14.62
N SER A 322 -0.86 -33.67 -14.89
CA SER A 322 -1.04 -35.02 -15.41
C SER A 322 -0.51 -35.14 -16.84
N ILE A 323 -0.88 -34.20 -17.70
CA ILE A 323 -0.42 -34.24 -19.09
C ILE A 323 1.09 -34.01 -19.16
N LEU A 324 1.60 -33.14 -18.29
CA LEU A 324 3.05 -32.94 -18.24
C LEU A 324 3.76 -34.21 -17.80
N ALA A 325 3.21 -34.94 -16.83
CA ALA A 325 3.83 -36.19 -16.40
C ALA A 325 3.81 -37.23 -17.52
N LYS A 326 2.71 -37.29 -18.28
CA LYS A 326 2.66 -38.19 -19.43
C LYS A 326 3.70 -37.81 -20.48
N GLY A 327 3.86 -36.51 -20.72
CA GLY A 327 4.88 -36.06 -21.67
C GLY A 327 6.28 -36.36 -21.20
N ILE A 328 6.52 -36.25 -19.90
CA ILE A 328 7.83 -36.60 -19.36
C ILE A 328 8.12 -38.08 -19.50
N GLU A 329 7.15 -38.94 -19.18
CA GLU A 329 7.40 -40.37 -19.27
C GLU A 329 7.50 -40.83 -20.73
N LYS A 330 6.86 -40.12 -21.65
CA LYS A 330 7.05 -40.42 -23.07
C LYS A 330 8.20 -39.68 -23.70
N GLY A 331 8.83 -38.74 -22.99
CA GLY A 331 9.97 -38.02 -23.52
C GLY A 331 9.62 -37.09 -24.67
N ILE A 332 8.85 -36.06 -24.41
CA ILE A 332 8.36 -35.14 -25.43
C ILE A 332 8.62 -33.71 -24.99
N ALA A 333 9.07 -32.88 -25.95
CA ALA A 333 9.32 -31.44 -25.79
C ALA A 333 10.52 -31.17 -24.89
N ASN A 334 10.82 -29.89 -24.68
CA ASN A 334 12.01 -29.46 -23.95
C ASN A 334 11.74 -28.37 -22.94
N SER A 335 10.54 -27.79 -22.92
CA SER A 335 10.19 -26.72 -21.98
C SER A 335 8.68 -26.69 -21.84
N ILE A 336 8.21 -25.87 -20.91
CA ILE A 336 6.79 -25.71 -20.65
C ILE A 336 6.48 -24.23 -20.43
N LEU A 337 5.35 -23.78 -20.95
CA LEU A 337 4.89 -22.41 -20.78
C LEU A 337 3.82 -22.39 -19.71
N ILE A 338 3.99 -21.54 -18.70
CA ILE A 338 3.20 -21.58 -17.47
C ILE A 338 2.22 -20.42 -17.47
N LYS A 339 0.93 -20.73 -17.35
CA LYS A 339 -0.13 -19.74 -17.18
C LYS A 339 -0.89 -20.02 -15.89
N LEU A 340 -1.19 -18.95 -15.15
CA LEU A 340 -1.79 -19.12 -13.82
C LEU A 340 -3.25 -19.57 -13.91
N ASN A 341 -4.03 -18.95 -14.78
CA ASN A 341 -5.46 -19.21 -14.80
C ASN A 341 -5.82 -20.49 -15.55
N GLN A 342 -4.86 -21.15 -16.18
CA GLN A 342 -5.15 -22.41 -16.86
C GLN A 342 -5.34 -23.57 -15.89
N ILE A 343 -4.93 -23.42 -14.63
CA ILE A 343 -5.10 -24.49 -13.65
C ILE A 343 -5.93 -23.99 -12.47
N GLY A 344 -5.91 -22.69 -12.22
CA GLY A 344 -6.84 -22.06 -11.29
C GLY A 344 -6.33 -21.81 -9.89
N THR A 345 -5.19 -22.38 -9.49
CA THR A 345 -4.67 -22.14 -8.15
C THR A 345 -3.16 -21.95 -8.21
N LEU A 346 -2.62 -21.34 -7.16
CA LEU A 346 -1.18 -21.10 -7.07
C LEU A 346 -0.40 -22.36 -6.71
N THR A 347 -0.98 -23.22 -5.86
CA THR A 347 -0.28 -24.42 -5.42
C THR A 347 -0.13 -25.41 -6.57
N GLU A 348 -1.13 -25.51 -7.45
CA GLU A 348 -1.01 -26.40 -8.60
C GLU A 348 0.01 -25.87 -9.60
N THR A 349 0.08 -24.54 -9.74
CA THR A 349 1.13 -23.93 -10.57
C THR A 349 2.51 -24.27 -10.03
N PHE A 350 2.70 -24.12 -8.71
CA PHE A 350 3.97 -24.48 -8.09
C PHE A 350 4.30 -25.95 -8.30
N GLU A 351 3.30 -26.84 -8.18
CA GLU A 351 3.53 -28.25 -8.41
C GLU A 351 3.98 -28.52 -9.84
N ALA A 352 3.33 -27.88 -10.82
CA ALA A 352 3.71 -28.07 -12.22
C ALA A 352 5.13 -27.60 -12.49
N MET A 353 5.48 -26.42 -11.98
CA MET A 353 6.83 -25.91 -12.20
C MET A 353 7.88 -26.73 -11.45
N ALA A 354 7.56 -27.26 -10.26
CA ALA A 354 8.51 -28.11 -9.56
C ALA A 354 8.74 -29.42 -10.31
N MET A 355 7.68 -30.00 -10.87
CA MET A 355 7.85 -31.20 -11.69
C MET A 355 8.70 -30.90 -12.92
N ALA A 356 8.45 -29.76 -13.57
CA ALA A 356 9.25 -29.39 -14.73
C ALA A 356 10.71 -29.18 -14.35
N GLY A 357 10.96 -28.59 -13.19
CA GLY A 357 12.33 -28.38 -12.75
C GLY A 357 13.07 -29.67 -12.44
N GLN A 358 12.41 -30.62 -11.77
CA GLN A 358 13.06 -31.89 -11.49
C GLN A 358 13.19 -32.77 -12.73
N ALA A 359 12.32 -32.58 -13.73
CA ALA A 359 12.46 -33.35 -14.96
C ALA A 359 13.60 -32.87 -15.84
N GLY A 360 14.13 -31.68 -15.58
CA GLY A 360 15.17 -31.09 -16.40
C GLY A 360 14.70 -30.05 -17.39
N TYR A 361 13.41 -29.72 -17.38
CA TYR A 361 12.85 -28.73 -18.30
C TYR A 361 13.07 -27.32 -17.75
N THR A 362 12.96 -26.34 -18.64
CA THR A 362 12.97 -24.94 -18.26
C THR A 362 11.55 -24.40 -18.30
N CYS A 363 11.25 -23.49 -17.37
CA CYS A 363 9.92 -22.93 -17.21
C CYS A 363 9.88 -21.51 -17.74
N VAL A 364 8.83 -21.19 -18.47
CA VAL A 364 8.60 -19.84 -19.00
C VAL A 364 7.25 -19.35 -18.50
N VAL A 365 7.26 -18.33 -17.66
CA VAL A 365 6.03 -17.74 -17.16
C VAL A 365 5.41 -16.89 -18.26
N SER A 366 4.10 -17.03 -18.46
CA SER A 366 3.42 -16.45 -19.60
C SER A 366 2.34 -15.47 -19.17
N HIS A 367 1.98 -14.59 -20.12
CA HIS A 367 0.88 -13.66 -19.97
C HIS A 367 -0.31 -14.16 -20.79
N ARG A 368 -1.36 -13.35 -20.85
CA ARG A 368 -2.56 -13.68 -21.60
C ARG A 368 -2.99 -12.49 -22.43
N SER A 369 -4.00 -12.72 -23.29
CA SER A 369 -4.46 -11.65 -24.17
C SER A 369 -5.18 -10.55 -23.39
N GLY A 370 -6.12 -10.94 -22.52
CA GLY A 370 -6.80 -9.98 -21.69
C GLY A 370 -6.13 -9.83 -20.34
N GLU A 371 -5.30 -8.81 -20.21
CA GLU A 371 -4.47 -8.63 -19.03
C GLU A 371 -5.00 -7.47 -18.20
N THR A 372 -4.59 -7.45 -16.93
CA THR A 372 -4.95 -6.40 -16.01
C THR A 372 -3.71 -5.56 -15.67
N SER A 373 -3.88 -4.63 -14.73
CA SER A 373 -2.74 -3.83 -14.26
C SER A 373 -1.90 -4.57 -13.23
N ASP A 374 -2.31 -5.76 -12.81
CA ASP A 374 -1.55 -6.55 -11.86
C ASP A 374 -0.28 -7.09 -12.52
N THR A 375 0.78 -7.21 -11.71
CA THR A 375 2.08 -7.65 -12.21
C THR A 375 2.55 -8.88 -11.44
N ILE A 376 1.67 -9.87 -11.29
CA ILE A 376 1.99 -11.08 -10.54
C ILE A 376 3.15 -11.83 -11.19
N ILE A 377 3.14 -11.91 -12.53
CA ILE A 377 4.04 -12.83 -13.22
C ILE A 377 5.50 -12.39 -13.13
N ALA A 378 5.75 -11.09 -12.97
CA ALA A 378 7.13 -10.63 -12.79
C ALA A 378 7.72 -11.14 -11.48
N ASP A 379 6.97 -10.96 -10.38
CA ASP A 379 7.40 -11.48 -9.09
C ASP A 379 7.47 -13.01 -9.12
N LEU A 380 6.56 -13.65 -9.85
CA LEU A 380 6.58 -15.11 -9.97
C LEU A 380 7.84 -15.58 -10.69
N ALA A 381 8.23 -14.89 -11.76
CA ALA A 381 9.41 -15.28 -12.51
C ALA A 381 10.69 -15.01 -11.74
N VAL A 382 10.73 -13.93 -10.95
CA VAL A 382 11.91 -13.65 -10.14
C VAL A 382 12.01 -14.64 -8.98
N ALA A 383 10.89 -14.95 -8.35
CA ALA A 383 10.90 -15.75 -7.12
C ALA A 383 11.39 -17.18 -7.38
N THR A 384 10.93 -17.80 -8.46
CA THR A 384 11.25 -19.19 -8.74
C THR A 384 12.54 -19.36 -9.53
N CYS A 385 13.26 -18.27 -9.80
CA CYS A 385 14.55 -18.29 -10.49
C CYS A 385 14.45 -18.93 -11.87
N SER A 386 13.29 -18.81 -12.52
CA SER A 386 13.15 -19.16 -13.92
C SER A 386 13.86 -18.07 -14.73
N GLY A 387 14.69 -18.48 -15.68
CA GLY A 387 15.47 -17.52 -16.43
C GLY A 387 14.79 -17.03 -17.70
N GLN A 388 13.47 -17.11 -17.75
CA GLN A 388 12.72 -16.71 -18.93
C GLN A 388 11.37 -16.16 -18.53
N ILE A 389 10.83 -15.29 -19.37
CA ILE A 389 9.50 -14.72 -19.17
C ILE A 389 8.94 -14.32 -20.53
N LYS A 390 7.61 -14.38 -20.65
CA LYS A 390 6.91 -14.01 -21.88
C LYS A 390 5.78 -13.06 -21.47
N THR A 391 6.08 -11.75 -21.44
CA THR A 391 5.13 -10.75 -20.94
C THR A 391 4.82 -9.66 -21.96
N GLY A 392 5.02 -9.93 -23.24
CA GLY A 392 4.55 -9.02 -24.27
C GLY A 392 5.59 -8.03 -24.75
N SER A 393 5.12 -7.10 -25.56
CA SER A 393 5.97 -6.13 -26.21
C SER A 393 6.04 -4.82 -25.44
N LEU A 394 6.76 -3.86 -26.00
CA LEU A 394 6.92 -2.54 -25.38
C LEU A 394 6.01 -1.50 -26.03
N SER A 395 4.70 -1.67 -25.90
CA SER A 395 3.77 -0.70 -26.46
C SER A 395 2.54 -0.38 -25.61
N ARG A 396 2.34 -1.03 -24.47
CA ARG A 396 1.13 -0.81 -23.69
C ARG A 396 1.43 -0.95 -22.21
N SER A 397 0.60 -0.32 -21.38
CA SER A 397 0.89 -0.27 -19.95
C SER A 397 0.72 -1.63 -19.28
N ASP A 398 -0.24 -2.44 -19.74
CA ASP A 398 -0.36 -3.80 -19.23
C ASP A 398 0.79 -4.69 -19.66
N ARG A 399 1.60 -4.26 -20.63
CA ARG A 399 2.81 -4.96 -21.00
C ARG A 399 4.07 -4.28 -20.47
N ILE A 400 3.99 -2.99 -20.12
CA ILE A 400 5.14 -2.23 -19.65
C ILE A 400 5.26 -2.27 -18.12
N ALA A 401 4.16 -2.50 -17.41
CA ALA A 401 4.20 -2.55 -15.95
C ALA A 401 5.07 -3.71 -15.46
N LYS A 402 5.07 -4.83 -16.19
CA LYS A 402 5.90 -5.96 -15.81
C LYS A 402 7.39 -5.62 -15.92
N TYR A 403 7.77 -4.93 -17.01
CA TYR A 403 9.17 -4.54 -17.17
C TYR A 403 9.56 -3.48 -16.14
N ASN A 404 8.64 -2.58 -15.79
CA ASN A 404 8.93 -1.61 -14.75
C ASN A 404 9.13 -2.29 -13.39
N GLN A 405 8.30 -3.29 -13.10
CA GLN A 405 8.48 -4.06 -11.87
C GLN A 405 9.81 -4.78 -11.87
N LEU A 406 10.22 -5.31 -13.03
CA LEU A 406 11.51 -6.00 -13.10
C LEU A 406 12.67 -5.03 -12.89
N LEU A 407 12.55 -3.80 -13.42
CA LEU A 407 13.59 -2.79 -13.17
C LEU A 407 13.68 -2.43 -11.69
N ARG A 408 12.53 -2.25 -11.03
CA ARG A 408 12.54 -1.96 -9.60
C ARG A 408 13.13 -3.12 -8.81
N ILE A 409 12.83 -4.36 -9.20
CA ILE A 409 13.38 -5.52 -8.52
C ILE A 409 14.90 -5.57 -8.70
N GLU A 410 15.39 -5.35 -9.92
CA GLU A 410 16.83 -5.49 -10.13
C GLU A 410 17.62 -4.34 -9.53
N GLU A 411 16.99 -3.20 -9.25
CA GLU A 411 17.71 -2.20 -8.47
C GLU A 411 17.54 -2.41 -6.97
N GLU A 412 16.48 -3.08 -6.53
CA GLU A 412 16.32 -3.42 -5.12
C GLU A 412 17.27 -4.54 -4.69
N LEU A 413 17.57 -5.46 -5.61
CA LEU A 413 18.46 -6.59 -5.37
C LEU A 413 19.83 -6.36 -6.01
N GLY A 414 20.37 -5.15 -5.91
CA GLY A 414 21.47 -4.75 -6.79
C GLY A 414 22.68 -5.66 -6.73
N GLU A 415 23.07 -6.06 -5.53
CA GLU A 415 24.20 -6.98 -5.40
C GLU A 415 23.82 -8.41 -5.74
N ASN A 416 22.58 -8.83 -5.41
CA ASN A 416 22.19 -10.23 -5.46
C ASN A 416 21.29 -10.56 -6.64
N ALA A 417 21.31 -9.75 -7.70
CA ALA A 417 20.58 -10.04 -8.92
C ALA A 417 21.56 -10.48 -10.00
N ILE A 418 21.29 -11.61 -10.63
CA ILE A 418 22.16 -12.18 -11.64
C ILE A 418 21.38 -12.34 -12.92
N TYR A 419 21.94 -11.86 -14.03
CA TYR A 419 21.27 -11.97 -15.32
C TYR A 419 21.93 -13.06 -16.14
N PRO A 420 21.30 -14.23 -16.30
CA PRO A 420 21.85 -15.32 -17.12
C PRO A 420 21.53 -15.12 -18.60
N GLY A 421 22.38 -14.34 -19.27
CA GLY A 421 22.13 -13.94 -20.65
C GLY A 421 21.90 -15.09 -21.61
N ILE A 422 22.95 -15.86 -21.89
CA ILE A 422 22.82 -16.98 -22.83
C ILE A 422 22.80 -18.33 -22.12
N LYS A 423 23.24 -18.40 -20.87
CA LYS A 423 23.23 -19.65 -20.13
C LYS A 423 21.83 -20.06 -19.69
N ALA A 424 20.83 -19.19 -19.82
CA ALA A 424 19.47 -19.53 -19.42
C ALA A 424 18.79 -20.50 -20.38
N PHE A 425 19.36 -20.74 -21.55
CA PHE A 425 18.81 -21.69 -22.51
C PHE A 425 19.57 -23.00 -22.34
N VAL A 426 19.01 -23.91 -21.54
CA VAL A 426 19.63 -25.20 -21.26
C VAL A 426 19.08 -26.18 -22.28
N PHE A 427 19.73 -26.23 -23.45
CA PHE A 427 19.40 -27.20 -24.48
C PHE A 427 20.62 -27.90 -25.06
N ASN A 428 21.83 -27.44 -24.78
CA ASN A 428 23.05 -28.08 -25.24
C ASN A 428 23.90 -28.44 -24.03
N SER A 429 24.52 -29.62 -24.10
CA SER A 429 25.33 -30.17 -23.01
C SER A 429 24.55 -30.26 -21.70
N MET B 1 -14.48 23.27 -10.43
CA MET B 1 -14.46 23.09 -8.99
C MET B 1 -15.73 23.67 -8.37
N LYS B 2 -16.24 23.02 -7.34
CA LYS B 2 -17.51 23.43 -6.72
C LYS B 2 -17.39 23.84 -5.27
N ASN B 3 -16.27 23.58 -4.60
CA ASN B 3 -16.11 23.92 -3.20
C ASN B 3 -14.93 24.86 -3.01
N ILE B 4 -14.91 25.93 -3.82
CA ILE B 4 -13.75 26.82 -3.89
C ILE B 4 -13.49 27.50 -2.55
N ASP B 5 -14.55 27.95 -1.86
CA ASP B 5 -14.37 28.63 -0.58
C ASP B 5 -13.74 27.70 0.45
N LYS B 6 -14.15 26.43 0.47
CA LYS B 6 -13.53 25.46 1.36
C LYS B 6 -12.06 25.26 1.02
N TYR B 7 -11.72 25.26 -0.26
CA TYR B 7 -10.33 25.12 -0.67
C TYR B 7 -9.49 26.29 -0.15
N TYR B 8 -9.98 27.51 -0.33
CA TYR B 8 -9.23 28.68 0.12
C TYR B 8 -9.11 28.71 1.64
N MET B 9 -10.17 28.31 2.35
CA MET B 9 -10.09 28.27 3.80
C MET B 9 -9.11 27.21 4.28
N GLN B 10 -9.07 26.05 3.60
CA GLN B 10 -8.11 25.02 3.98
C GLN B 10 -6.67 25.49 3.76
N GLN B 11 -6.43 26.21 2.66
CA GLN B 11 -5.10 26.79 2.46
C GLN B 11 -4.77 27.80 3.55
N ALA B 12 -5.77 28.58 3.98
CA ALA B 12 -5.57 29.53 5.06
C ALA B 12 -5.20 28.83 6.37
N LEU B 13 -5.86 27.72 6.69
CA LEU B 13 -5.50 26.96 7.89
C LEU B 13 -4.12 26.34 7.78
N THR B 14 -3.70 25.92 6.58
CA THR B 14 -2.33 25.45 6.42
C THR B 14 -1.32 26.56 6.70
N LEU B 15 -1.58 27.76 6.16
CA LEU B 15 -0.71 28.90 6.45
C LEU B 15 -0.70 29.22 7.94
N ALA B 16 -1.86 29.10 8.60
CA ALA B 16 -1.92 29.34 10.04
C ALA B 16 -1.11 28.31 10.81
N ASN B 17 -1.14 27.05 10.38
CA ASN B 17 -0.39 26.00 11.04
C ASN B 17 1.11 26.14 10.81
N ARG B 18 1.52 26.90 9.79
CA ARG B 18 2.95 27.14 9.57
C ARG B 18 3.65 27.77 10.78
N GLY B 19 2.90 28.47 11.63
CA GLY B 19 3.49 29.12 12.79
C GLY B 19 3.30 28.35 14.09
N ARG B 20 3.54 27.04 14.06
CA ARG B 20 3.14 26.18 15.18
C ARG B 20 4.00 26.41 16.42
N LEU B 21 5.31 26.58 16.26
CA LEU B 21 6.22 26.50 17.39
C LEU B 21 6.58 27.84 18.02
N THR B 22 6.08 28.96 17.49
CA THR B 22 6.63 30.26 17.88
C THR B 22 5.62 31.38 18.12
N VAL B 23 4.33 31.08 18.24
CA VAL B 23 3.33 32.16 18.31
C VAL B 23 2.75 32.41 19.69
N SER B 24 2.92 31.49 20.63
CA SER B 24 2.33 31.69 21.95
C SER B 24 2.94 32.91 22.62
N PRO B 25 2.13 33.73 23.33
CA PRO B 25 0.71 33.53 23.65
C PRO B 25 -0.29 34.01 22.59
N ASN B 26 0.18 34.45 21.43
CA ASN B 26 -0.74 34.86 20.38
C ASN B 26 -1.24 33.64 19.62
N PRO B 27 -2.41 33.72 18.99
CA PRO B 27 -3.01 32.54 18.36
C PRO B 27 -2.44 32.30 16.96
N MET B 28 -2.97 31.27 16.31
CA MET B 28 -2.61 30.91 14.95
C MET B 28 -3.58 31.61 14.01
N VAL B 29 -3.06 32.53 13.18
CA VAL B 29 -3.90 33.24 12.23
C VAL B 29 -3.25 33.17 10.85
N GLY B 30 -4.02 32.75 9.85
CA GLY B 30 -3.62 32.81 8.47
C GLY B 30 -4.55 33.75 7.71
N CYS B 31 -4.14 34.10 6.49
CA CYS B 31 -4.91 35.03 5.69
C CYS B 31 -4.58 34.84 4.22
N ILE B 32 -5.60 34.93 3.38
CA ILE B 32 -5.45 34.85 1.93
C ILE B 32 -6.30 35.93 1.29
N ILE B 33 -5.70 36.72 0.39
CA ILE B 33 -6.42 37.74 -0.37
C ILE B 33 -6.53 37.26 -1.80
N VAL B 34 -7.76 37.13 -2.30
CA VAL B 34 -8.04 36.59 -3.62
C VAL B 34 -8.77 37.65 -4.43
N LYS B 35 -8.22 38.00 -5.59
CA LYS B 35 -8.87 38.93 -6.50
C LYS B 35 -8.84 38.35 -7.91
N ASN B 36 -10.00 38.41 -8.58
CA ASN B 36 -10.15 37.89 -9.94
C ASN B 36 -9.78 36.41 -10.03
N GLY B 37 -10.11 35.66 -8.98
CA GLY B 37 -9.85 34.23 -8.96
C GLY B 37 -8.41 33.83 -8.77
N ALA B 38 -7.50 34.77 -8.57
CA ALA B 38 -6.08 34.49 -8.40
C ALA B 38 -5.65 34.93 -7.00
N ILE B 39 -4.93 34.05 -6.31
CA ILE B 39 -4.41 34.36 -4.98
C ILE B 39 -3.25 35.31 -5.14
N ILE B 40 -3.44 36.58 -4.81
CA ILE B 40 -2.29 37.46 -4.67
C ILE B 40 -2.24 38.07 -3.27
N SER B 41 -1.84 37.23 -2.31
CA SER B 41 -1.29 37.58 -0.99
C SER B 41 -1.09 36.29 -0.21
N GLU B 42 -0.21 36.32 0.79
CA GLU B 42 -0.07 35.23 1.75
C GLU B 42 0.40 35.83 3.05
N GLY B 43 -0.13 35.36 4.16
CA GLY B 43 0.27 35.88 5.45
C GLY B 43 -0.01 34.89 6.55
N TRP B 44 0.83 34.93 7.58
CA TRP B 44 0.61 34.11 8.76
C TRP B 44 1.36 34.74 9.93
N HIS B 45 0.78 34.57 11.13
CA HIS B 45 1.41 35.06 12.34
C HIS B 45 2.56 34.12 12.70
N GLU B 46 3.77 34.66 12.78
CA GLU B 46 4.97 33.85 12.96
C GLU B 46 5.67 34.06 14.30
N THR B 47 5.73 35.29 14.80
CA THR B 47 6.40 35.58 16.06
C THR B 47 5.56 36.59 16.84
N VAL B 48 5.62 36.49 18.16
CA VAL B 48 4.94 37.44 19.04
C VAL B 48 5.57 38.81 18.87
N GLY B 49 4.73 39.85 18.81
CA GLY B 49 5.16 41.23 18.72
C GLY B 49 5.28 41.75 17.30
N GLU B 50 5.34 40.86 16.31
CA GLU B 50 5.51 41.28 14.92
C GLU B 50 4.17 41.63 14.29
N ALA B 51 4.17 41.81 12.97
CA ALA B 51 2.96 42.18 12.25
C ALA B 51 1.95 41.04 12.27
N HIS B 52 0.67 41.40 12.36
CA HIS B 52 -0.39 40.41 12.31
C HIS B 52 -0.51 39.84 10.90
N ALA B 53 -1.30 38.77 10.78
CA ALA B 53 -1.43 38.08 9.50
C ALA B 53 -2.03 38.97 8.43
N GLU B 54 -3.07 39.74 8.79
CA GLU B 54 -3.70 40.63 7.82
C GLU B 54 -2.76 41.73 7.37
N VAL B 55 -2.02 42.33 8.30
CA VAL B 55 -1.07 43.38 7.95
C VAL B 55 0.08 42.81 7.13
N HIS B 56 0.64 41.67 7.57
CA HIS B 56 1.72 41.04 6.82
C HIS B 56 1.27 40.60 5.44
N ALA B 57 -0.03 40.36 5.26
CA ALA B 57 -0.56 39.96 3.96
C ALA B 57 -0.84 41.17 3.07
N LEU B 58 -1.28 42.28 3.67
CA LEU B 58 -1.75 43.43 2.90
C LEU B 58 -0.68 44.49 2.64
N ILE B 59 0.42 44.49 3.40
CA ILE B 59 1.47 45.46 3.13
C ILE B 59 2.19 45.12 1.82
N LYS B 60 2.47 43.84 1.59
CA LYS B 60 3.25 43.46 0.41
C LYS B 60 2.47 43.71 -0.88
N VAL B 61 1.15 43.58 -0.86
CA VAL B 61 0.35 43.77 -2.07
C VAL B 61 0.11 45.22 -2.42
N GLY B 62 0.47 46.15 -1.53
CA GLY B 62 0.21 47.55 -1.81
C GLY B 62 -1.28 47.85 -1.77
N ASP B 63 -1.78 48.46 -2.83
CA ASP B 63 -3.18 48.82 -2.94
C ASP B 63 -3.81 48.20 -4.19
N LYS B 64 -3.35 47.01 -4.56
CA LYS B 64 -3.95 46.25 -5.63
C LYS B 64 -5.06 45.32 -5.13
N ALA B 65 -5.37 45.36 -3.84
CA ALA B 65 -6.40 44.53 -3.24
C ALA B 65 -7.77 45.19 -3.25
N LYS B 66 -7.93 46.30 -3.97
CA LYS B 66 -9.19 47.01 -4.04
C LYS B 66 -10.27 46.15 -4.69
N GLY B 67 -11.27 45.75 -3.91
CA GLY B 67 -12.33 44.91 -4.42
C GLY B 67 -12.09 43.42 -4.32
N ALA B 68 -11.13 42.99 -3.50
CA ALA B 68 -10.75 41.59 -3.41
C ALA B 68 -11.60 40.89 -2.35
N THR B 69 -11.22 39.67 -2.00
CA THR B 69 -11.88 38.86 -0.99
C THR B 69 -10.84 38.37 0.00
N ALA B 70 -11.19 38.37 1.29
CA ALA B 70 -10.28 37.97 2.35
C ALA B 70 -10.77 36.71 3.03
N TYR B 71 -9.91 35.72 3.12
CA TYR B 71 -10.15 34.50 3.89
C TYR B 71 -9.23 34.55 5.11
N VAL B 72 -9.83 34.76 6.29
CA VAL B 72 -9.09 34.91 7.53
C VAL B 72 -9.65 33.90 8.53
N THR B 73 -8.77 33.13 9.16
CA THR B 73 -9.19 32.03 10.02
C THR B 73 -9.71 32.48 11.38
N LEU B 74 -9.49 33.73 11.77
CA LEU B 74 -9.95 34.24 13.05
C LEU B 74 -10.51 35.64 12.84
N GLU B 75 -11.37 36.06 13.76
CA GLU B 75 -11.94 37.41 13.68
C GLU B 75 -10.82 38.44 13.84
N PRO B 76 -10.75 39.44 12.95
CA PRO B 76 -9.74 40.49 13.11
C PRO B 76 -9.94 41.27 14.39
N CYS B 77 -8.85 41.64 15.02
CA CYS B 77 -8.89 42.35 16.29
C CYS B 77 -9.16 43.84 16.06
N CYS B 78 -10.12 44.38 16.81
CA CYS B 78 -10.48 45.79 16.73
C CYS B 78 -10.25 46.54 18.04
N HIS B 79 -10.57 45.92 19.17
CA HIS B 79 -10.41 46.58 20.46
C HIS B 79 -8.95 46.73 20.85
N HIS B 80 -8.07 45.87 20.32
CA HIS B 80 -6.65 45.92 20.66
C HIS B 80 -6.01 47.20 20.14
N GLY B 81 -5.67 48.11 21.05
CA GLY B 81 -5.04 49.36 20.71
C GLY B 81 -3.52 49.36 20.73
N ARG B 82 -2.89 48.20 20.92
CA ARG B 82 -1.43 48.12 20.88
C ARG B 82 -0.90 48.46 19.50
N THR B 83 -1.59 48.03 18.45
CA THR B 83 -1.24 48.27 17.06
C THR B 83 -2.49 48.73 16.34
N PRO B 84 -2.35 49.39 15.18
CA PRO B 84 -3.52 49.69 14.36
C PRO B 84 -4.31 48.43 14.04
N PRO B 85 -5.62 48.45 14.24
CA PRO B 85 -6.42 47.22 14.09
C PRO B 85 -6.40 46.71 12.66
N CYS B 86 -6.51 45.38 12.53
CA CYS B 86 -6.53 44.77 11.20
C CYS B 86 -7.77 45.14 10.43
N THR B 87 -8.87 45.47 11.12
CA THR B 87 -10.07 45.94 10.43
C THR B 87 -9.82 47.26 9.72
N ASP B 88 -9.03 48.15 10.33
CA ASP B 88 -8.67 49.40 9.68
C ASP B 88 -7.86 49.15 8.41
N THR B 89 -6.90 48.23 8.48
CA THR B 89 -6.12 47.89 7.29
C THR B 89 -6.99 47.28 6.20
N ILE B 90 -7.93 46.42 6.59
CA ILE B 90 -8.84 45.81 5.62
C ILE B 90 -9.69 46.87 4.95
N ILE B 91 -10.21 47.82 5.73
CA ILE B 91 -11.08 48.86 5.17
C ILE B 91 -10.30 49.79 4.25
N LYS B 92 -9.10 50.19 4.67
CA LYS B 92 -8.30 51.08 3.82
C LYS B 92 -7.82 50.37 2.56
N ALA B 93 -7.57 49.06 2.62
CA ALA B 93 -7.18 48.32 1.44
C ALA B 93 -8.29 48.29 0.39
N GLY B 94 -9.53 48.08 0.83
CA GLY B 94 -10.66 48.10 -0.08
C GLY B 94 -11.26 46.74 -0.33
N ILE B 95 -11.22 45.86 0.67
CA ILE B 95 -11.77 44.52 0.53
C ILE B 95 -13.30 44.60 0.56
N LYS B 96 -13.94 43.96 -0.41
CA LYS B 96 -15.40 43.97 -0.47
C LYS B 96 -16.02 42.87 0.38
N LYS B 97 -15.39 41.70 0.45
CA LYS B 97 -15.96 40.55 1.13
C LYS B 97 -14.92 39.94 2.06
N VAL B 98 -15.32 39.68 3.30
CA VAL B 98 -14.47 39.05 4.30
C VAL B 98 -15.16 37.79 4.80
N ILE B 99 -14.45 36.67 4.74
CA ILE B 99 -14.97 35.38 5.19
C ILE B 99 -14.15 34.95 6.40
N ILE B 100 -14.83 34.71 7.51
CA ILE B 100 -14.17 34.40 8.78
C ILE B 100 -14.56 33.00 9.20
N ALA B 101 -13.59 32.23 9.65
CA ALA B 101 -13.87 30.85 10.07
C ALA B 101 -14.57 30.82 11.42
N THR B 102 -13.97 31.43 12.44
CA THR B 102 -14.51 31.42 13.79
C THR B 102 -14.56 32.83 14.35
N LEU B 103 -15.43 33.02 15.33
CA LEU B 103 -15.45 34.27 16.09
C LEU B 103 -14.33 34.26 17.13
N ASP B 104 -14.09 35.41 17.72
CA ASP B 104 -13.05 35.52 18.74
C ASP B 104 -13.52 34.81 20.01
N PRO B 105 -12.67 33.99 20.64
CA PRO B 105 -13.12 33.22 21.81
C PRO B 105 -13.55 34.08 22.99
N ASN B 106 -12.98 35.27 23.15
CA ASN B 106 -13.36 36.13 24.27
C ASN B 106 -14.76 36.67 24.07
N PRO B 107 -15.70 36.44 24.99
CA PRO B 107 -17.08 36.94 24.79
C PRO B 107 -17.19 38.45 24.69
N LYS B 108 -16.33 39.21 25.37
CA LYS B 108 -16.44 40.66 25.34
C LYS B 108 -15.95 41.24 24.02
N VAL B 109 -15.14 40.49 23.27
CA VAL B 109 -14.56 40.98 22.03
C VAL B 109 -15.31 40.34 20.86
N ALA B 110 -15.91 39.18 21.11
CA ALA B 110 -16.59 38.45 20.05
C ALA B 110 -17.74 39.26 19.47
N GLY B 111 -17.72 39.42 18.15
CA GLY B 111 -18.74 40.17 17.45
C GLY B 111 -18.44 41.63 17.24
N LYS B 112 -17.45 42.19 17.94
CA LYS B 112 -17.14 43.61 17.77
C LYS B 112 -16.50 43.87 16.41
N GLY B 113 -15.55 43.03 16.00
CA GLY B 113 -14.92 43.21 14.70
C GLY B 113 -15.89 43.00 13.55
N VAL B 114 -16.79 42.03 13.69
CA VAL B 114 -17.79 41.77 12.65
C VAL B 114 -18.70 42.99 12.46
N GLU B 115 -19.18 43.56 13.58
CA GLU B 115 -20.03 44.74 13.49
C GLU B 115 -19.26 45.93 12.95
N ARG B 116 -18.01 46.09 13.36
CA ARG B 116 -17.22 47.24 12.90
C ARG B 116 -16.95 47.14 11.40
N LEU B 117 -16.71 45.93 10.90
CA LEU B 117 -16.60 45.73 9.46
C LEU B 117 -17.92 45.99 8.75
N LYS B 118 -19.03 45.53 9.34
CA LYS B 118 -20.32 45.67 8.66
C LYS B 118 -20.85 47.09 8.69
N ASN B 119 -20.30 47.96 9.55
CA ASN B 119 -20.66 49.37 9.45
C ASN B 119 -20.24 49.96 8.10
N ALA B 120 -19.06 49.60 7.62
CA ALA B 120 -18.52 50.15 6.38
C ALA B 120 -19.06 49.45 5.13
N GLY B 121 -20.06 48.60 5.26
CA GLY B 121 -20.66 47.93 4.14
C GLY B 121 -19.96 46.68 3.66
N ILE B 122 -18.92 46.22 4.36
CA ILE B 122 -18.23 45.01 3.98
C ILE B 122 -19.11 43.81 4.23
N THR B 123 -19.10 42.84 3.31
CA THR B 123 -19.85 41.62 3.48
C THR B 123 -19.07 40.64 4.36
N VAL B 124 -19.70 40.17 5.43
CA VAL B 124 -19.05 39.32 6.41
C VAL B 124 -19.80 38.00 6.49
N GLU B 125 -19.07 36.90 6.32
CA GLU B 125 -19.60 35.55 6.50
C GLU B 125 -18.77 34.84 7.55
N VAL B 126 -19.44 34.29 8.57
CA VAL B 126 -18.76 33.62 9.67
C VAL B 126 -19.32 32.21 9.80
N GLY B 127 -18.44 31.22 9.82
CA GLY B 127 -18.86 29.85 10.07
C GLY B 127 -18.35 28.82 9.09
N LEU B 128 -17.41 29.19 8.22
CA LEU B 128 -16.85 28.27 7.24
C LEU B 128 -15.67 27.53 7.87
N LEU B 129 -15.75 26.19 7.88
CA LEU B 129 -14.74 25.33 8.48
C LEU B 129 -14.46 25.75 9.92
N GLU B 130 -15.53 25.87 10.70
CA GLU B 130 -15.41 26.39 12.06
C GLU B 130 -14.78 25.37 13.00
N LYS B 131 -15.15 24.09 12.87
CA LYS B 131 -14.65 23.07 13.78
C LYS B 131 -13.15 22.86 13.63
N GLN B 132 -12.66 22.82 12.39
CA GLN B 132 -11.23 22.67 12.16
C GLN B 132 -10.45 23.85 12.71
N ALA B 133 -10.98 25.06 12.53
CA ALA B 133 -10.30 26.26 13.03
C ALA B 133 -10.40 26.39 14.54
N GLN B 134 -11.37 25.74 15.18
CA GLN B 134 -11.40 25.71 16.63
C GLN B 134 -10.48 24.63 17.19
N GLU B 135 -10.30 23.53 16.45
CA GLU B 135 -9.38 22.49 16.89
C GLU B 135 -7.92 22.90 16.68
N LEU B 136 -7.67 23.71 15.64
CA LEU B 136 -6.31 24.21 15.41
C LEU B 136 -5.84 25.10 16.56
N ASN B 137 -6.73 25.91 17.11
CA ASN B 137 -6.44 26.85 18.18
C ASN B 137 -6.95 26.37 19.53
N LYS B 138 -6.79 25.08 19.82
CA LYS B 138 -7.35 24.52 21.06
C LYS B 138 -6.74 25.17 22.30
N ILE B 139 -5.44 25.44 22.29
CA ILE B 139 -4.78 26.04 23.45
C ILE B 139 -5.32 27.43 23.71
N PHE B 140 -5.35 28.28 22.68
CA PHE B 140 -5.81 29.65 22.85
C PHE B 140 -7.30 29.70 23.18
N PHE B 141 -8.10 28.86 22.52
CA PHE B 141 -9.53 28.84 22.79
C PHE B 141 -9.80 28.40 24.22
N HIS B 142 -9.10 27.37 24.69
CA HIS B 142 -9.26 26.93 26.08
C HIS B 142 -8.84 28.02 27.06
N TYR B 143 -7.70 28.66 26.81
CA TYR B 143 -7.21 29.69 27.71
C TYR B 143 -8.15 30.90 27.75
N GLN B 144 -8.73 31.26 26.61
CA GLN B 144 -9.62 32.42 26.59
C GLN B 144 -10.99 32.10 27.18
N THR B 145 -11.50 30.89 26.96
CA THR B 145 -12.80 30.55 27.51
C THR B 145 -12.75 30.25 29.00
N THR B 146 -11.62 29.76 29.51
CA THR B 146 -11.51 29.31 30.88
C THR B 146 -10.67 30.23 31.76
N LYS B 147 -9.73 30.98 31.16
CA LYS B 147 -8.74 31.79 31.88
C LYS B 147 -7.84 30.93 32.76
N LYS B 148 -7.62 29.68 32.33
CA LYS B 148 -6.71 28.74 32.96
C LYS B 148 -5.80 28.15 31.89
N PRO B 149 -4.58 27.77 32.25
CA PRO B 149 -3.64 27.26 31.25
C PRO B 149 -4.05 25.89 30.72
N PHE B 150 -3.57 25.59 29.51
CA PHE B 150 -3.69 24.27 28.92
C PHE B 150 -2.58 23.39 29.48
N VAL B 151 -2.92 22.17 29.88
CA VAL B 151 -2.02 21.31 30.65
C VAL B 151 -1.59 20.13 29.79
N TYR B 152 -0.29 19.91 29.70
CA TYR B 152 0.30 18.73 29.09
C TYR B 152 0.97 17.88 30.15
N ALA B 153 0.66 16.58 30.16
CA ALA B 153 1.30 15.62 31.05
C ALA B 153 2.12 14.66 30.20
N LYS B 154 3.40 14.53 30.51
CA LYS B 154 4.32 13.72 29.72
C LYS B 154 5.32 13.03 30.62
N TRP B 155 5.44 11.71 30.48
CA TRP B 155 6.38 10.93 31.28
C TRP B 155 6.77 9.68 30.50
N ALA B 156 7.86 9.06 30.93
CA ALA B 156 8.36 7.82 30.35
C ALA B 156 8.30 6.71 31.37
N MET B 157 8.04 5.49 30.89
CA MET B 157 7.97 4.34 31.77
C MET B 157 8.52 3.12 31.05
N SER B 158 8.90 2.12 31.84
CA SER B 158 9.44 0.87 31.33
C SER B 158 8.28 -0.07 30.97
N LEU B 159 8.61 -1.30 30.59
CA LEU B 159 7.57 -2.24 30.19
C LEU B 159 6.74 -2.76 31.36
N ASP B 160 7.26 -2.69 32.58
CA ASP B 160 6.55 -3.17 33.76
C ASP B 160 5.91 -2.05 34.57
N GLY B 161 5.99 -0.81 34.11
CA GLY B 161 5.34 0.29 34.76
C GLY B 161 6.15 1.05 35.80
N LYS B 162 7.46 1.16 35.61
CA LYS B 162 8.32 1.91 36.52
C LYS B 162 8.85 3.14 35.81
N ILE B 163 8.73 4.29 36.45
CA ILE B 163 9.19 5.55 35.86
C ILE B 163 10.65 5.83 36.18
N ALA B 164 11.03 5.71 37.44
CA ALA B 164 12.40 5.96 37.88
C ALA B 164 13.22 4.68 37.90
N VAL B 165 14.53 4.85 37.81
CA VAL B 165 15.45 3.73 37.78
C VAL B 165 16.15 3.63 39.13
N ASN B 166 16.90 2.55 39.33
CA ASN B 166 17.68 2.37 40.55
C ASN B 166 18.91 3.27 40.53
N ASP B 167 19.54 3.40 41.68
CA ASP B 167 20.66 4.32 41.85
C ASP B 167 21.87 3.85 41.04
N GLY B 168 22.52 4.80 40.37
CA GLY B 168 23.70 4.54 39.58
C GLY B 168 23.43 4.19 38.12
N ASP B 169 22.17 4.07 37.72
CA ASP B 169 21.85 3.70 36.35
C ASP B 169 22.00 4.91 35.43
N SER B 170 22.06 4.64 34.12
CA SER B 170 22.32 5.68 33.13
C SER B 170 21.19 6.70 33.00
N LYS B 171 20.00 6.37 33.54
CA LYS B 171 18.84 7.29 33.55
C LYS B 171 18.41 7.70 32.15
N LYS B 172 18.42 6.76 31.21
CA LYS B 172 17.95 7.00 29.85
C LYS B 172 16.92 5.92 29.49
N ILE B 173 15.65 6.31 29.44
CA ILE B 173 14.57 5.43 29.04
C ILE B 173 13.87 5.95 27.79
N SER B 174 14.55 6.81 27.02
CA SER B 174 13.95 7.45 25.86
C SER B 174 14.95 7.49 24.71
N SER B 175 14.43 7.46 23.49
CA SER B 175 15.24 7.51 22.28
C SER B 175 15.39 8.96 21.80
N HIS B 176 15.89 9.13 20.58
CA HIS B 176 16.09 10.46 20.02
C HIS B 176 14.78 11.13 19.63
N GLN B 177 13.81 10.35 19.12
CA GLN B 177 12.53 10.93 18.75
C GLN B 177 11.77 11.44 19.96
N ALA B 178 11.89 10.74 21.09
CA ALA B 178 11.32 11.25 22.33
C ALA B 178 12.00 12.55 22.75
N PHE B 179 13.31 12.64 22.55
CA PHE B 179 14.05 13.86 22.84
C PHE B 179 13.53 15.03 22.00
N VAL B 180 13.34 14.79 20.70
CA VAL B 180 12.85 15.83 19.80
C VAL B 180 11.44 16.26 20.17
N ASN B 181 10.57 15.29 20.46
CA ASN B 181 9.19 15.60 20.84
C ASN B 181 9.15 16.39 22.16
N THR B 182 9.99 16.00 23.12
CA THR B 182 10.03 16.69 24.40
C THR B 182 10.48 18.13 24.23
N HIS B 183 11.51 18.38 23.42
CA HIS B 183 11.99 19.74 23.26
C HIS B 183 11.04 20.58 22.40
N GLU B 184 10.33 19.96 21.46
CA GLU B 184 9.30 20.70 20.73
C GLU B 184 8.16 21.11 21.66
N LEU B 185 7.72 20.22 22.54
CA LEU B 185 6.69 20.59 23.52
C LEU B 185 7.20 21.63 24.51
N ARG B 186 8.51 21.62 24.81
CA ARG B 186 9.07 22.68 25.64
C ARG B 186 9.05 24.02 24.91
N ASN B 187 9.35 24.01 23.61
CA ASN B 187 9.31 25.25 22.84
C ASN B 187 7.89 25.80 22.73
N ILE B 188 6.90 24.91 22.56
CA ILE B 188 5.52 25.36 22.42
C ILE B 188 5.00 25.95 23.74
N CYS B 189 5.23 25.25 24.85
CA CYS B 189 4.62 25.60 26.11
C CYS B 189 5.23 26.87 26.69
N ASP B 190 4.42 27.59 27.47
CA ASP B 190 4.84 28.83 28.11
C ASP B 190 5.43 28.63 29.49
N ALA B 191 5.36 27.41 30.03
CA ALA B 191 5.89 27.13 31.36
C ALA B 191 6.35 25.68 31.42
N ILE B 192 7.16 25.38 32.42
CA ILE B 192 7.59 24.02 32.71
C ILE B 192 7.51 23.80 34.22
N LEU B 193 6.92 22.68 34.63
CA LEU B 193 6.69 22.40 36.04
C LEU B 193 7.28 21.05 36.40
N ILE B 194 8.05 21.02 37.50
CA ILE B 194 8.58 19.79 38.06
C ILE B 194 8.32 19.81 39.56
N GLY B 195 8.81 18.78 40.26
CA GLY B 195 8.71 18.72 41.70
C GLY B 195 10.04 19.01 42.37
N LYS B 196 9.98 19.16 43.69
CA LYS B 196 11.20 19.36 44.48
C LYS B 196 12.06 18.10 44.46
N GLN B 197 11.43 16.93 44.55
CA GLN B 197 12.18 15.67 44.56
C GLN B 197 12.92 15.46 43.25
N THR B 198 12.27 15.77 42.12
CA THR B 198 12.94 15.66 40.83
C THR B 198 14.13 16.60 40.75
N LEU B 199 13.99 17.82 41.30
CA LEU B 199 15.09 18.77 41.29
C LEU B 199 16.26 18.28 42.14
N ILE B 200 15.99 17.73 43.33
CA ILE B 200 17.08 17.29 44.18
C ILE B 200 17.69 15.99 43.70
N ASP B 201 16.96 15.19 42.92
CA ASP B 201 17.51 13.93 42.43
C ASP B 201 18.24 14.08 41.11
N ASP B 202 17.55 14.57 40.08
CA ASP B 202 18.12 14.65 38.74
C ASP B 202 18.96 15.90 38.51
N ASN B 203 18.64 17.00 39.19
CA ASN B 203 19.22 18.31 38.94
C ASN B 203 19.11 18.70 37.46
N PRO B 204 17.90 18.89 36.95
CA PRO B 204 17.74 19.17 35.52
C PRO B 204 17.69 20.65 35.18
N SER B 205 18.09 20.95 33.96
CA SER B 205 17.88 22.26 33.35
C SER B 205 16.78 22.13 32.31
N LEU B 206 15.78 22.99 32.40
CA LEU B 206 14.56 22.85 31.61
C LEU B 206 14.56 23.74 30.37
N ASP B 207 15.71 23.90 29.74
CA ASP B 207 15.83 24.71 28.54
C ASP B 207 15.53 23.85 27.30
N VAL B 208 15.84 24.38 26.12
CA VAL B 208 15.64 23.70 24.85
C VAL B 208 17.00 23.49 24.20
N ARG B 209 17.30 22.25 23.83
CA ARG B 209 18.64 21.87 23.38
C ARG B 209 18.63 21.24 21.99
N ILE B 210 17.70 21.66 21.12
CA ILE B 210 17.71 21.26 19.72
C ILE B 210 17.51 22.51 18.86
N ASN B 211 17.43 22.30 17.55
CA ASN B 211 17.43 23.39 16.58
C ASN B 211 16.02 23.89 16.27
N ILE B 212 15.71 25.11 16.71
CA ILE B 212 14.49 25.83 16.35
C ILE B 212 14.92 27.22 15.90
N ASN B 213 14.19 27.78 14.93
CA ASN B 213 14.50 29.12 14.44
C ASN B 213 14.45 30.15 15.56
N LYS B 214 13.42 30.09 16.40
CA LYS B 214 13.28 30.97 17.56
C LYS B 214 13.19 30.11 18.81
N ILE B 215 14.21 30.17 19.64
CA ILE B 215 14.24 29.41 20.90
C ILE B 215 13.45 30.18 21.95
N LYS B 216 12.46 29.53 22.54
CA LYS B 216 11.58 30.14 23.54
C LYS B 216 11.63 29.29 24.80
N HIS B 217 12.52 29.67 25.73
CA HIS B 217 12.66 28.92 26.98
C HIS B 217 11.44 29.15 27.87
N PRO B 218 10.82 28.10 28.38
CA PRO B 218 9.64 28.26 29.23
C PRO B 218 10.00 28.74 30.62
N THR B 219 8.99 29.30 31.30
CA THR B 219 9.14 29.71 32.68
C THR B 219 9.15 28.48 33.59
N ARG B 220 10.11 28.44 34.50
CA ARG B 220 10.29 27.28 35.38
C ARG B 220 9.49 27.45 36.65
N PHE B 221 8.73 26.42 37.02
CA PHE B 221 7.98 26.38 38.26
C PHE B 221 8.48 25.20 39.09
N ILE B 222 8.85 25.47 40.34
CA ILE B 222 9.32 24.44 41.25
C ILE B 222 8.30 24.31 42.38
N LEU B 223 7.68 23.13 42.47
CA LEU B 223 6.62 22.87 43.43
C LEU B 223 7.21 22.22 44.67
N ALA B 224 6.96 22.81 45.83
CA ALA B 224 7.45 22.26 47.09
C ALA B 224 6.44 22.56 48.19
N ASN B 225 6.04 21.53 48.94
CA ASN B 225 5.10 21.74 50.03
C ASN B 225 5.75 22.50 51.18
N HIS B 226 6.99 22.15 51.53
CA HIS B 226 7.72 22.81 52.59
C HIS B 226 9.11 23.20 52.08
N LEU B 227 9.48 24.46 52.28
CA LEU B 227 10.77 24.99 51.83
C LEU B 227 11.66 25.18 53.05
N THR B 228 12.68 24.32 53.18
CA THR B 228 13.60 24.41 54.30
C THR B 228 15.04 24.43 53.83
N THR B 229 15.33 23.77 52.71
CA THR B 229 16.70 23.62 52.21
C THR B 229 16.82 24.27 50.83
N ILE B 230 17.83 25.09 50.66
CA ILE B 230 18.17 25.71 49.39
C ILE B 230 19.62 25.38 49.06
N ASN B 231 19.85 24.78 47.90
CA ASN B 231 21.18 24.35 47.49
C ASN B 231 21.79 25.35 46.52
N HIS B 232 23.07 25.65 46.72
CA HIS B 232 23.76 26.60 45.84
C HIS B 232 24.01 26.00 44.46
N ASN B 233 24.22 24.69 44.38
CA ASN B 233 24.58 24.04 43.14
C ASN B 233 23.38 23.71 42.25
N TRP B 234 22.18 24.16 42.63
CA TRP B 234 21.01 23.97 41.78
C TRP B 234 21.17 24.75 40.47
N ARG B 235 20.81 24.10 39.36
CA ARG B 235 20.95 24.75 38.06
C ARG B 235 19.77 25.66 37.74
N VAL B 236 18.65 25.54 38.45
CA VAL B 236 17.50 26.39 38.19
C VAL B 236 17.65 27.79 38.76
N LEU B 237 18.65 28.01 39.63
CA LEU B 237 18.85 29.34 40.20
C LEU B 237 19.47 30.32 39.22
N ASP B 238 19.92 29.87 38.06
CA ASP B 238 20.49 30.76 37.05
C ASP B 238 19.36 31.40 36.26
N GLN B 239 19.24 32.72 36.37
CA GLN B 239 18.14 33.47 35.76
C GLN B 239 18.50 34.05 34.40
N ARG B 240 19.61 33.59 33.80
CA ARG B 240 20.07 34.18 32.54
C ARG B 240 19.11 33.88 31.39
N HIS B 241 18.62 32.65 31.32
CA HIS B 241 17.80 32.24 30.18
C HIS B 241 16.30 32.39 30.43
N ALA B 242 15.83 31.99 31.61
CA ALA B 242 14.40 32.00 31.90
C ALA B 242 14.19 32.47 33.34
N LYS B 243 12.97 32.28 33.84
CA LYS B 243 12.57 32.73 35.16
C LYS B 243 12.11 31.53 35.99
N THR B 244 12.50 31.52 37.26
CA THR B 244 12.19 30.42 38.17
C THR B 244 11.30 30.92 39.30
N ILE B 245 10.19 30.23 39.53
CA ILE B 245 9.21 30.60 40.55
C ILE B 245 8.98 29.41 41.45
N PHE B 246 9.08 29.64 42.77
CA PHE B 246 8.90 28.60 43.78
C PHE B 246 7.48 28.68 44.32
N VAL B 247 6.73 27.60 44.19
CA VAL B 247 5.38 27.50 44.73
C VAL B 247 5.45 26.75 46.05
N CYS B 248 4.89 27.35 47.10
CA CYS B 248 5.02 26.78 48.44
C CYS B 248 3.80 27.14 49.27
N SER B 249 3.65 26.43 50.39
CA SER B 249 2.62 26.71 51.37
C SER B 249 3.16 27.16 52.71
N LYS B 250 4.35 26.68 53.09
CA LYS B 250 5.00 27.09 54.33
C LYS B 250 6.49 27.23 54.07
N ILE B 251 7.01 28.45 54.20
CA ILE B 251 8.39 28.76 53.85
C ILE B 251 9.10 29.29 55.09
N SER B 252 10.34 28.83 55.29
CA SER B 252 11.15 29.28 56.41
C SER B 252 11.63 30.71 56.18
N ALA B 253 11.94 31.39 57.30
CA ALA B 253 12.43 32.77 57.21
C ALA B 253 13.79 32.84 56.56
N GLN B 254 14.68 31.90 56.89
CA GLN B 254 16.01 31.88 56.26
C GLN B 254 15.89 31.62 54.76
N VAL B 255 15.02 30.69 54.37
CA VAL B 255 14.80 30.40 52.97
C VAL B 255 14.24 31.62 52.25
N ALA B 256 13.28 32.30 52.88
CA ALA B 256 12.70 33.51 52.28
C ALA B 256 13.74 34.59 52.09
N THR B 257 14.59 34.81 53.10
CA THR B 257 15.65 35.82 52.97
C THR B 257 16.65 35.44 51.89
N LYS B 258 17.02 34.16 51.82
CA LYS B 258 17.94 33.71 50.78
C LYS B 258 17.36 33.89 49.38
N LEU B 259 16.06 33.59 49.22
CA LEU B 259 15.41 33.79 47.93
C LEU B 259 15.31 35.26 47.57
N ASN B 260 15.03 36.12 48.56
CA ASN B 260 14.98 37.55 48.32
C ASN B 260 16.34 38.08 47.90
N GLN B 261 17.42 37.57 48.51
CA GLN B 261 18.76 37.95 48.09
C GLN B 261 19.06 37.45 46.69
N LEU B 262 18.60 36.23 46.36
CA LEU B 262 18.86 35.64 45.05
C LEU B 262 17.95 36.19 43.96
N GLY B 263 16.88 36.90 44.31
CA GLY B 263 15.96 37.42 43.33
C GLY B 263 14.91 36.44 42.86
N ILE B 264 14.72 35.33 43.55
CA ILE B 264 13.73 34.33 43.15
C ILE B 264 12.39 34.67 43.80
N GLU B 265 11.35 34.73 43.00
CA GLU B 265 10.00 35.03 43.48
C GLU B 265 9.32 33.77 43.97
N TYR B 266 8.74 33.84 45.18
CA TYR B 266 8.02 32.72 45.75
C TYR B 266 6.54 33.04 45.86
N TRP B 267 5.72 32.00 45.70
CA TRP B 267 4.26 32.11 45.78
C TRP B 267 3.76 31.32 46.97
N LEU B 268 2.97 31.96 47.82
CA LEU B 268 2.42 31.33 49.01
C LEU B 268 0.96 31.01 48.77
N LEU B 269 0.61 29.73 48.83
CA LEU B 269 -0.73 29.25 48.54
C LEU B 269 -1.20 28.32 49.63
N PRO B 270 -2.51 28.21 49.85
CA PRO B 270 -3.03 27.31 50.88
C PRO B 270 -2.82 25.85 50.50
N GLN B 271 -3.10 24.98 51.46
CA GLN B 271 -2.91 23.55 51.31
C GLN B 271 -4.26 22.87 51.06
N SER B 272 -4.29 21.95 50.09
CA SER B 272 -5.52 21.22 49.79
C SER B 272 -5.15 19.86 49.22
N GLN B 273 -5.69 18.80 49.83
CA GLN B 273 -5.53 17.42 49.36
C GLN B 273 -4.06 17.02 49.28
N HIS B 274 -3.35 17.18 50.41
CA HIS B 274 -1.95 16.82 50.58
C HIS B 274 -1.01 17.55 49.63
N GLN B 275 -1.51 18.57 48.93
CA GLN B 275 -0.71 19.39 48.02
C GLN B 275 -1.03 20.84 48.29
N VAL B 276 -0.44 21.73 47.49
CA VAL B 276 -0.86 23.13 47.50
C VAL B 276 -2.15 23.21 46.69
N CYS B 277 -2.86 24.33 46.79
CA CYS B 277 -4.10 24.51 46.04
C CYS B 277 -3.75 24.63 44.57
N LEU B 278 -3.98 23.57 43.81
CA LEU B 278 -3.63 23.59 42.38
C LEU B 278 -4.57 24.47 41.58
N ASP B 279 -5.84 24.56 41.98
CA ASP B 279 -6.77 25.43 41.28
C ASP B 279 -6.37 26.90 41.42
N THR B 280 -5.96 27.30 42.63
CA THR B 280 -5.50 28.66 42.84
C THR B 280 -4.22 28.93 42.05
N LEU B 281 -3.33 27.94 41.97
CA LEU B 281 -2.11 28.09 41.19
C LEU B 281 -2.43 28.25 39.70
N LEU B 282 -3.39 27.47 39.19
CA LEU B 282 -3.79 27.62 37.79
C LEU B 282 -4.42 28.98 37.53
N GLU B 283 -5.25 29.46 38.47
CA GLU B 283 -5.83 30.79 38.33
C GLU B 283 -4.76 31.87 38.32
N LYS B 284 -3.75 31.75 39.20
CA LYS B 284 -2.68 32.74 39.25
C LYS B 284 -1.85 32.72 37.97
N MET B 285 -1.53 31.53 37.45
CA MET B 285 -0.77 31.46 36.21
C MET B 285 -1.58 32.02 35.04
N GLY B 286 -2.88 31.78 35.01
CA GLY B 286 -3.72 32.38 33.98
C GLY B 286 -3.74 33.89 34.08
N LYS B 287 -3.79 34.42 35.31
CA LYS B 287 -3.83 35.86 35.49
C LYS B 287 -2.51 36.53 35.11
N ILE B 288 -1.38 35.87 35.40
CA ILE B 288 -0.10 36.56 35.21
C ILE B 288 0.36 36.52 33.75
N GLY B 289 -0.05 35.52 32.97
CA GLY B 289 0.25 35.56 31.55
C GLY B 289 0.58 34.26 30.85
N ILE B 290 0.76 33.16 31.59
CA ILE B 290 1.04 31.88 30.96
C ILE B 290 -0.23 31.34 30.29
N THR B 291 -0.08 30.86 29.06
CA THR B 291 -1.17 30.33 28.25
C THR B 291 -1.26 28.81 28.30
N SER B 292 -0.13 28.11 28.22
CA SER B 292 -0.10 26.66 28.29
C SER B 292 0.98 26.22 29.27
N LEU B 293 0.73 25.10 29.94
CA LEU B 293 1.59 24.60 31.01
C LEU B 293 1.98 23.16 30.72
N LEU B 294 3.22 22.82 31.06
CA LEU B 294 3.76 21.49 30.81
C LEU B 294 4.26 20.87 32.11
N VAL B 295 3.75 19.69 32.45
CA VAL B 295 4.11 18.97 33.65
C VAL B 295 4.94 17.76 33.26
N GLU B 296 6.18 17.69 33.73
CA GLU B 296 7.08 16.59 33.44
C GLU B 296 7.60 15.97 34.73
N GLY B 297 7.62 14.65 34.78
CA GLY B 297 8.35 13.92 35.80
C GLY B 297 7.76 13.97 37.20
N GLY B 298 8.14 12.99 38.01
CA GLY B 298 7.71 12.93 39.40
C GLY B 298 6.41 12.18 39.56
N ASN B 299 6.45 11.06 40.29
CA ASN B 299 5.22 10.31 40.53
C ASN B 299 4.24 11.10 41.38
N LYS B 300 4.76 11.81 42.39
CA LYS B 300 3.89 12.60 43.26
C LYS B 300 3.19 13.71 42.47
N THR B 301 3.95 14.49 41.71
CA THR B 301 3.38 15.61 40.97
C THR B 301 2.39 15.13 39.91
N LEU B 302 2.77 14.09 39.15
CA LEU B 302 1.89 13.57 38.12
C LEU B 302 0.62 12.99 38.71
N ASN B 303 0.74 12.25 39.81
CA ASN B 303 -0.45 11.66 40.43
C ASN B 303 -1.35 12.75 41.00
N SER B 304 -0.77 13.78 41.60
CA SER B 304 -1.57 14.88 42.14
C SER B 304 -2.31 15.62 41.03
N PHE B 305 -1.64 15.85 39.90
CA PHE B 305 -2.32 16.52 38.78
C PHE B 305 -3.37 15.63 38.14
N ILE B 306 -3.14 14.32 38.09
CA ILE B 306 -4.11 13.42 37.49
C ILE B 306 -5.35 13.29 38.37
N ASN B 307 -5.16 13.22 39.69
CA ASN B 307 -6.28 13.03 40.61
C ASN B 307 -7.25 14.21 40.62
N GLN B 308 -6.80 15.40 40.21
CA GLN B 308 -7.66 16.58 40.19
C GLN B 308 -8.26 16.84 38.81
N LYS B 309 -8.02 15.96 37.84
CA LYS B 309 -8.62 16.01 36.50
C LYS B 309 -8.27 17.30 35.77
N LEU B 310 -7.09 17.85 36.03
CA LEU B 310 -6.66 19.10 35.41
C LEU B 310 -5.88 18.90 34.12
N VAL B 311 -5.64 17.66 33.70
CA VAL B 311 -4.82 17.39 32.52
C VAL B 311 -5.71 17.34 31.29
N ASN B 312 -5.26 17.98 30.21
CA ASN B 312 -6.02 18.03 28.96
C ASN B 312 -5.50 17.08 27.90
N GLU B 313 -4.23 16.69 27.94
CA GLU B 313 -3.68 15.77 26.96
C GLU B 313 -2.46 15.08 27.56
N PHE B 314 -2.21 13.86 27.11
CA PHE B 314 -1.17 13.01 27.69
C PHE B 314 -0.11 12.65 26.66
N TYR B 315 1.06 12.28 27.16
CA TYR B 315 2.14 11.75 26.34
C TYR B 315 2.90 10.72 27.16
N THR B 316 3.13 9.54 26.59
CA THR B 316 3.83 8.46 27.27
C THR B 316 4.95 7.93 26.38
N TYR B 317 6.13 7.76 26.96
CA TYR B 317 7.30 7.24 26.24
C TYR B 317 7.62 5.86 26.81
N LEU B 318 7.16 4.82 26.14
CA LEU B 318 7.36 3.45 26.60
C LEU B 318 8.53 2.83 25.87
N ALA B 319 9.52 2.35 26.63
CA ALA B 319 10.74 1.78 26.10
C ALA B 319 10.79 0.27 26.37
N PRO B 320 11.49 -0.51 25.52
CA PRO B 320 11.64 -1.95 25.79
C PRO B 320 12.71 -2.23 26.85
N VAL B 321 12.38 -1.89 28.09
CA VAL B 321 13.31 -1.97 29.21
C VAL B 321 12.57 -2.59 30.40
N ILE B 322 13.24 -3.50 31.10
CA ILE B 322 12.71 -4.07 32.33
C ILE B 322 13.45 -3.44 33.51
N ILE B 323 12.69 -2.90 34.46
CA ILE B 323 13.25 -2.24 35.64
C ILE B 323 12.94 -3.11 36.84
N ALA B 324 13.99 -3.54 37.54
CA ALA B 324 13.87 -4.48 38.65
C ALA B 324 14.97 -4.16 39.64
N ASP B 325 15.29 -5.12 40.51
CA ASP B 325 16.36 -4.96 41.48
C ASP B 325 17.74 -4.90 40.82
N TYR B 326 17.78 -5.04 39.50
CA TYR B 326 19.02 -4.90 38.75
C TYR B 326 19.60 -3.50 38.94
N ASN B 327 20.90 -3.43 39.22
CA ASN B 327 21.57 -2.13 39.18
C ASN B 327 21.61 -1.57 37.75
N PRO B 328 22.04 -2.30 36.73
CA PRO B 328 21.78 -1.84 35.36
C PRO B 328 20.51 -2.46 34.79
N LYS B 329 19.70 -1.61 34.16
CA LYS B 329 18.48 -2.11 33.55
C LYS B 329 18.81 -2.93 32.31
N GLN B 330 18.01 -3.97 32.08
CA GLN B 330 18.24 -4.94 31.03
C GLN B 330 17.39 -4.59 29.81
N GLN B 331 18.04 -4.33 28.69
CA GLN B 331 17.31 -3.98 27.48
C GLN B 331 16.56 -5.20 26.93
N LEU B 332 15.56 -4.92 26.12
CA LEU B 332 14.72 -5.93 25.47
C LEU B 332 14.71 -5.66 23.97
N SER B 333 13.83 -6.35 23.25
CA SER B 333 13.61 -6.10 21.84
C SER B 333 12.18 -6.51 21.50
N PHE B 334 11.43 -5.57 20.95
CA PHE B 334 10.05 -5.84 20.55
C PHE B 334 10.01 -6.78 19.35
N ASN B 335 8.99 -7.64 19.32
CA ASN B 335 8.79 -8.55 18.20
C ASN B 335 7.48 -8.30 17.46
N GLN B 336 6.35 -8.29 18.16
CA GLN B 336 5.06 -7.97 17.56
C GLN B 336 4.40 -6.88 18.39
N ILE B 337 4.02 -5.78 17.73
CA ILE B 337 3.19 -4.74 18.32
C ILE B 337 1.91 -4.68 17.48
N SER B 338 0.81 -5.16 18.05
CA SER B 338 -0.49 -5.11 17.39
C SER B 338 -1.31 -4.02 18.04
N VAL B 339 -1.50 -2.91 17.33
CA VAL B 339 -2.18 -1.74 17.86
C VAL B 339 -3.67 -1.85 17.54
N ARG B 340 -4.48 -1.83 18.58
CA ARG B 340 -5.94 -1.93 18.49
C ARG B 340 -6.51 -1.15 19.66
N GLU B 341 -7.76 -1.46 20.03
CA GLU B 341 -8.37 -0.91 21.25
C GLU B 341 -7.40 -0.88 22.42
N ASP B 342 -6.69 -1.97 22.66
CA ASP B 342 -5.62 -2.00 23.66
C ASP B 342 -4.36 -2.56 23.01
N ILE B 343 -3.22 -1.93 23.28
CA ILE B 343 -1.96 -2.36 22.68
C ILE B 343 -1.58 -3.73 23.24
N ILE B 344 -1.16 -4.63 22.36
CA ILE B 344 -0.67 -5.95 22.73
C ILE B 344 0.78 -6.05 22.26
N ILE B 345 1.69 -6.30 23.21
CA ILE B 345 3.12 -6.18 22.97
C ILE B 345 3.79 -7.50 23.29
N ASN B 346 4.73 -7.90 22.43
CA ASN B 346 5.52 -9.11 22.62
C ASN B 346 7.00 -8.76 22.60
N SER B 347 7.76 -9.30 23.54
CA SER B 347 9.18 -9.02 23.66
C SER B 347 9.94 -10.32 23.83
N CYS B 348 11.03 -10.48 23.07
CA CYS B 348 11.77 -11.73 23.00
C CYS B 348 13.08 -11.69 23.77
N PHE B 349 13.88 -10.64 23.61
CA PHE B 349 15.17 -10.54 24.29
C PHE B 349 14.96 -10.47 25.80
N LYS B 350 15.95 -10.96 26.53
CA LYS B 350 15.84 -11.21 27.97
C LYS B 350 14.63 -12.10 28.25
N SER C 2 5.92 11.98 12.77
CA SER C 2 6.32 13.19 12.04
C SER C 2 6.06 13.03 10.55
N SER C 3 5.71 14.14 9.90
CA SER C 3 5.39 14.13 8.47
C SER C 3 6.45 14.85 7.64
N GLN C 4 7.66 14.99 8.17
CA GLN C 4 8.73 15.63 7.43
C GLN C 4 9.32 14.67 6.40
N ILE C 5 9.81 15.24 5.30
CA ILE C 5 10.33 14.41 4.21
C ILE C 5 11.69 13.83 4.62
N LYS C 6 11.80 12.50 4.54
CA LYS C 6 13.02 11.81 4.91
C LYS C 6 13.87 11.42 3.70
N GLN C 7 13.24 10.85 2.67
CA GLN C 7 14.00 10.41 1.49
C GLN C 7 13.21 10.70 0.23
N VAL C 8 13.92 11.15 -0.80
CA VAL C 8 13.37 11.36 -2.14
C VAL C 8 14.26 10.65 -3.13
N PHE C 9 13.69 9.76 -3.93
CA PHE C 9 14.44 8.96 -4.89
C PHE C 9 13.74 9.00 -6.24
N ALA C 10 14.51 8.89 -7.31
CA ALA C 10 13.95 8.91 -8.66
C ALA C 10 14.62 7.83 -9.51
N ARG C 11 13.88 7.36 -10.51
CA ARG C 11 14.40 6.34 -11.41
C ARG C 11 13.80 6.53 -12.79
N GLN C 12 14.47 5.96 -13.78
CA GLN C 12 14.04 6.04 -15.18
C GLN C 12 13.27 4.77 -15.53
N ILE C 13 11.97 4.92 -15.79
CA ILE C 13 11.11 3.80 -16.16
C ILE C 13 10.60 4.07 -17.57
N LEU C 14 9.76 3.18 -18.10
CA LEU C 14 9.19 3.37 -19.42
C LEU C 14 7.69 3.66 -19.30
N ASP C 15 7.18 4.52 -20.17
CA ASP C 15 5.77 4.85 -20.17
C ASP C 15 5.02 3.93 -21.14
N SER C 16 3.77 4.27 -21.45
CA SER C 16 2.92 3.40 -22.27
C SER C 16 3.35 3.35 -23.73
N ARG C 17 4.28 4.19 -24.17
CA ARG C 17 4.70 4.21 -25.56
C ARG C 17 6.14 3.75 -25.74
N GLY C 18 6.70 3.08 -24.73
CA GLY C 18 8.09 2.64 -24.79
C GLY C 18 9.09 3.77 -24.79
N ASN C 19 8.87 4.80 -23.98
CA ASN C 19 9.74 5.95 -23.88
C ASN C 19 10.11 6.19 -22.42
N PRO C 20 11.36 6.58 -22.14
CA PRO C 20 11.76 6.82 -20.75
C PRO C 20 11.00 7.96 -20.12
N THR C 21 10.77 7.82 -18.81
CA THR C 21 10.13 8.86 -18.02
C THR C 21 10.60 8.72 -16.58
N VAL C 22 10.36 9.76 -15.79
CA VAL C 22 10.87 9.88 -14.43
C VAL C 22 9.80 9.38 -13.46
N GLU C 23 10.21 8.53 -12.52
CA GLU C 23 9.30 8.01 -11.51
C GLU C 23 9.93 8.22 -10.14
N VAL C 24 9.19 8.84 -9.22
CA VAL C 24 9.73 9.37 -7.98
C VAL C 24 9.03 8.72 -6.79
N ASP C 25 9.82 8.31 -5.81
CA ASP C 25 9.35 7.79 -4.54
C ASP C 25 9.74 8.74 -3.42
N VAL C 26 8.80 9.02 -2.51
CA VAL C 26 9.03 9.90 -1.38
C VAL C 26 8.63 9.18 -0.10
N VAL C 27 9.55 9.13 0.87
CA VAL C 27 9.33 8.46 2.15
C VAL C 27 9.46 9.50 3.25
N LEU C 28 8.45 9.55 4.13
CA LEU C 28 8.44 10.49 5.24
C LEU C 28 9.11 9.87 6.47
N GLU C 29 9.17 10.64 7.56
CA GLU C 29 9.80 10.15 8.78
C GLU C 29 8.96 9.07 9.46
N SER C 30 7.64 9.16 9.35
CA SER C 30 6.76 8.17 9.96
C SER C 30 6.64 6.89 9.14
N GLY C 31 7.34 6.80 8.01
CA GLY C 31 7.27 5.63 7.17
C GLY C 31 6.27 5.70 6.03
N ALA C 32 5.51 6.80 5.94
CA ALA C 32 4.56 6.95 4.85
C ALA C 32 5.28 7.01 3.51
N PHE C 33 4.72 6.33 2.51
CA PHE C 33 5.37 6.15 1.23
C PHE C 33 4.47 6.64 0.12
N GLY C 34 5.03 7.40 -0.81
CA GLY C 34 4.28 7.88 -1.95
C GLY C 34 5.07 7.68 -3.22
N ARG C 35 4.35 7.41 -4.30
CA ARG C 35 4.95 7.05 -5.58
C ARG C 35 4.23 7.79 -6.70
N ALA C 36 5.00 8.35 -7.63
CA ALA C 36 4.39 9.14 -8.71
C ALA C 36 5.20 9.00 -9.99
N ALA C 37 4.50 8.75 -11.09
CA ALA C 37 5.08 8.71 -12.43
C ALA C 37 4.58 9.90 -13.23
N VAL C 38 5.44 10.44 -14.09
CA VAL C 38 5.17 11.67 -14.82
C VAL C 38 4.85 11.30 -16.27
N PRO C 39 3.64 11.60 -16.76
CA PRO C 39 3.37 11.36 -18.18
C PRO C 39 4.17 12.30 -19.07
N SER C 40 4.51 11.79 -20.25
CA SER C 40 5.39 12.53 -21.15
C SER C 40 4.68 13.72 -21.77
N GLY C 41 5.40 14.84 -21.88
CA GLY C 41 4.88 16.04 -22.49
C GLY C 41 5.82 16.63 -23.52
N ALA C 42 5.61 17.90 -23.88
CA ALA C 42 6.42 18.55 -24.90
C ALA C 42 7.72 19.05 -24.32
N SER C 43 8.83 18.81 -25.03
CA SER C 43 10.15 19.20 -24.58
C SER C 43 10.62 20.53 -25.19
N THR C 44 9.78 21.19 -25.96
CA THR C 44 10.15 22.48 -26.54
C THR C 44 8.90 23.33 -26.72
N GLY C 45 9.11 24.63 -26.79
CA GLY C 45 8.02 25.58 -26.90
C GLY C 45 8.38 26.87 -26.21
N ILE C 46 7.37 27.74 -26.08
CA ILE C 46 7.57 29.03 -25.45
C ILE C 46 6.47 29.28 -24.42
N ARG C 47 5.43 28.46 -24.44
CA ARG C 47 4.25 28.66 -23.61
C ARG C 47 4.18 27.73 -22.42
N GLU C 48 4.34 26.42 -22.63
CA GLU C 48 4.23 25.45 -21.56
C GLU C 48 5.55 25.31 -20.80
N ALA C 49 5.50 24.56 -19.70
CA ALA C 49 6.70 24.20 -18.97
C ALA C 49 7.46 23.12 -19.73
N LEU C 50 8.78 23.27 -19.80
CA LEU C 50 9.60 22.41 -20.64
C LEU C 50 10.08 21.17 -19.89
N GLU C 51 10.34 20.11 -20.65
CA GLU C 51 10.76 18.81 -20.14
C GLU C 51 12.20 18.58 -20.55
N LEU C 52 13.02 18.15 -19.59
CA LEU C 52 14.47 18.01 -19.82
C LEU C 52 14.80 16.60 -20.27
N ARG C 53 15.50 16.51 -21.40
CA ARG C 53 15.97 15.23 -21.94
C ARG C 53 17.43 15.36 -22.35
N ASP C 54 18.13 14.22 -22.33
CA ASP C 54 19.59 14.23 -22.51
C ASP C 54 19.98 14.63 -23.93
N GLY C 55 19.22 14.19 -24.93
CA GLY C 55 19.65 14.37 -26.30
C GLY C 55 20.87 13.57 -26.66
N ASN C 56 20.95 12.33 -26.22
CA ASN C 56 22.09 11.45 -26.49
C ASN C 56 21.65 10.39 -27.50
N LYS C 57 22.33 10.33 -28.64
CA LYS C 57 21.94 9.38 -29.68
C LYS C 57 22.36 7.96 -29.34
N ALA C 58 23.47 7.79 -28.60
CA ALA C 58 23.88 6.46 -28.18
C ALA C 58 22.92 5.87 -27.15
N LEU C 59 22.19 6.73 -26.43
CA LEU C 59 21.16 6.29 -25.49
C LEU C 59 19.88 5.96 -26.25
N PHE C 60 18.75 5.85 -25.53
CA PHE C 60 17.54 5.19 -26.02
C PHE C 60 17.16 5.56 -27.44
N LEU C 61 16.73 6.80 -27.69
CA LEU C 61 16.89 7.34 -29.03
C LEU C 61 17.63 8.67 -28.93
N GLY C 62 17.05 9.60 -28.19
CA GLY C 62 17.70 10.77 -27.65
C GLY C 62 17.00 11.11 -26.35
N LYS C 63 16.16 10.18 -25.90
CA LYS C 63 15.11 10.44 -24.93
C LYS C 63 15.42 9.92 -23.53
N SER C 64 16.67 9.65 -23.23
CA SER C 64 17.04 9.30 -21.87
C SER C 64 16.83 10.49 -20.94
N VAL C 65 16.37 10.20 -19.73
CA VAL C 65 15.99 11.24 -18.78
C VAL C 65 16.94 11.19 -17.58
N TYR C 66 18.20 10.84 -17.83
CA TYR C 66 19.17 10.70 -16.75
C TYR C 66 19.47 12.05 -16.10
N LYS C 67 19.48 13.13 -16.88
CA LYS C 67 19.75 14.45 -16.30
C LYS C 67 18.64 14.88 -15.35
N ALA C 68 17.39 14.60 -15.69
CA ALA C 68 16.28 14.94 -14.80
C ALA C 68 16.35 14.15 -13.50
N VAL C 69 16.68 12.86 -13.59
CA VAL C 69 16.80 12.03 -12.39
C VAL C 69 17.95 12.51 -11.52
N GLU C 70 19.08 12.85 -12.14
CA GLU C 70 20.22 13.36 -11.38
C GLU C 70 19.91 14.71 -10.74
N ASN C 71 19.19 15.58 -11.46
CA ASN C 71 18.77 16.86 -10.91
C ASN C 71 17.90 16.65 -9.69
N VAL C 72 16.93 15.73 -9.78
CA VAL C 72 16.15 15.36 -8.59
C VAL C 72 17.08 14.95 -7.46
N ASN C 73 17.85 13.88 -7.69
CA ASN C 73 18.58 13.19 -6.64
C ASN C 73 19.60 14.07 -5.96
N THR C 74 20.22 15.00 -6.68
CA THR C 74 21.10 15.98 -6.01
C THR C 74 20.31 17.18 -5.51
N LYS C 75 19.80 18.00 -6.43
CA LYS C 75 19.36 19.33 -6.06
C LYS C 75 18.04 19.30 -5.31
N ILE C 76 17.04 18.59 -5.85
CA ILE C 76 15.73 18.64 -5.22
C ILE C 76 15.76 17.86 -3.92
N ALA C 77 16.52 16.76 -3.88
CA ALA C 77 16.61 15.97 -2.66
C ALA C 77 17.28 16.76 -1.53
N GLN C 78 18.35 17.51 -1.82
CA GLN C 78 18.91 18.32 -0.75
C GLN C 78 18.18 19.64 -0.54
N ALA C 79 17.23 20.00 -1.40
CA ALA C 79 16.45 21.21 -1.18
C ALA C 79 15.20 20.97 -0.34
N VAL C 80 14.45 19.91 -0.63
CA VAL C 80 13.15 19.70 0.00
C VAL C 80 13.22 18.72 1.17
N LYS C 81 14.41 18.27 1.54
CA LYS C 81 14.54 17.36 2.67
C LYS C 81 14.33 18.11 3.98
N GLY C 82 13.49 17.55 4.85
CA GLY C 82 13.19 18.16 6.13
C GLY C 82 11.97 19.05 6.15
N LEU C 83 11.36 19.33 5.00
CA LEU C 83 10.16 20.14 4.95
C LEU C 83 8.93 19.29 5.29
N ASP C 84 7.91 19.94 5.82
CA ASP C 84 6.68 19.26 6.21
C ASP C 84 5.86 18.95 4.96
N ALA C 85 5.57 17.67 4.75
CA ALA C 85 4.90 17.23 3.53
C ALA C 85 3.43 17.66 3.45
N LEU C 86 2.83 18.10 4.55
CA LEU C 86 1.43 18.52 4.53
C LEU C 86 1.25 19.96 4.06
N ASP C 87 2.34 20.68 3.80
CA ASP C 87 2.28 22.05 3.27
C ASP C 87 2.74 22.00 1.82
N GLN C 88 1.79 21.72 0.92
CA GLN C 88 2.11 21.57 -0.50
C GLN C 88 2.66 22.86 -1.08
N ARG C 89 2.15 24.01 -0.62
CA ARG C 89 2.62 25.30 -1.12
C ARG C 89 4.09 25.50 -0.82
N LEU C 90 4.55 25.05 0.35
CA LEU C 90 5.94 25.25 0.73
C LEU C 90 6.89 24.50 -0.21
N ILE C 91 6.65 23.21 -0.44
CA ILE C 91 7.50 22.43 -1.34
C ILE C 91 7.40 22.96 -2.76
N ASP C 92 6.20 23.30 -3.22
CA ASP C 92 6.03 23.77 -4.59
C ASP C 92 6.79 25.07 -4.83
N LYS C 93 6.59 26.06 -3.95
CA LYS C 93 7.29 27.33 -4.12
C LYS C 93 8.78 27.18 -3.88
N THR C 94 9.20 26.24 -3.04
CA THR C 94 10.63 25.98 -2.88
C THR C 94 11.25 25.49 -4.19
N MET C 95 10.58 24.56 -4.87
CA MET C 95 11.11 24.09 -6.15
C MET C 95 11.08 25.19 -7.21
N ILE C 96 10.02 26.00 -7.22
CA ILE C 96 9.94 27.10 -8.19
C ILE C 96 11.07 28.09 -7.97
N GLU C 97 11.34 28.44 -6.70
CA GLU C 97 12.41 29.40 -6.41
C GLU C 97 13.78 28.80 -6.69
N LEU C 98 13.97 27.52 -6.38
CA LEU C 98 15.25 26.87 -6.65
C LEU C 98 15.54 26.79 -8.14
N ASP C 99 14.51 26.51 -8.94
CA ASP C 99 14.71 26.39 -10.38
C ASP C 99 15.05 27.75 -10.99
N GLY C 100 14.25 28.77 -10.65
CA GLY C 100 14.58 30.13 -11.01
C GLY C 100 14.22 30.57 -12.42
N SER C 101 13.38 29.83 -13.12
CA SER C 101 12.95 30.20 -14.46
C SER C 101 11.44 30.07 -14.57
N GLU C 102 10.86 30.85 -15.49
CA GLU C 102 9.40 30.86 -15.64
C GLU C 102 8.88 29.62 -16.34
N ASN C 103 9.68 29.01 -17.22
CA ASN C 103 9.28 27.81 -17.94
C ASN C 103 9.92 26.54 -17.39
N LYS C 104 10.54 26.61 -16.21
CA LYS C 104 11.14 25.46 -15.53
C LYS C 104 12.20 24.78 -16.40
N LYS C 105 13.04 25.59 -17.04
CA LYS C 105 14.04 25.05 -17.96
C LYS C 105 15.18 24.37 -17.22
N ASN C 106 15.60 24.92 -16.08
CA ASN C 106 16.83 24.47 -15.43
C ASN C 106 16.69 23.06 -14.86
N LEU C 107 15.55 22.72 -14.29
CA LEU C 107 15.35 21.41 -13.68
C LEU C 107 14.38 20.53 -14.45
N GLY C 108 13.61 21.08 -15.38
CA GLY C 108 12.63 20.30 -16.10
C GLY C 108 11.32 20.19 -15.37
N ALA C 109 10.20 20.18 -16.10
CA ALA C 109 8.90 20.11 -15.45
C ALA C 109 8.58 18.72 -14.93
N ASN C 110 9.14 17.68 -15.57
CA ASN C 110 8.84 16.32 -15.16
C ASN C 110 9.35 16.03 -13.75
N ALA C 111 10.57 16.49 -13.44
CA ALA C 111 11.13 16.30 -12.11
C ALA C 111 10.27 16.95 -11.04
N ILE C 112 9.90 18.22 -11.25
CA ILE C 112 9.14 18.97 -10.28
C ILE C 112 7.75 18.39 -10.09
N LEU C 113 7.09 18.01 -11.20
CA LEU C 113 5.77 17.41 -11.10
C LEU C 113 5.81 16.08 -10.38
N GLY C 114 6.81 15.26 -10.66
CA GLY C 114 6.94 13.99 -9.96
C GLY C 114 7.14 14.17 -8.47
N VAL C 115 8.01 15.11 -8.08
CA VAL C 115 8.25 15.35 -6.67
C VAL C 115 6.98 15.83 -5.98
N SER C 116 6.24 16.75 -6.62
CA SER C 116 5.03 17.28 -5.99
C SER C 116 3.95 16.21 -5.84
N LEU C 117 3.72 15.41 -6.89
CA LEU C 117 2.71 14.37 -6.81
C LEU C 117 3.08 13.30 -5.80
N ALA C 118 4.35 12.90 -5.76
CA ALA C 118 4.78 11.91 -4.78
C ALA C 118 4.63 12.43 -3.36
N THR C 119 4.94 13.71 -3.15
CA THR C 119 4.76 14.31 -1.84
C THR C 119 3.29 14.31 -1.43
N ALA C 120 2.40 14.64 -2.37
CA ALA C 120 0.96 14.62 -2.07
C ALA C 120 0.49 13.23 -1.72
N ARG C 121 0.94 12.21 -2.46
CA ARG C 121 0.53 10.84 -2.15
C ARG C 121 1.08 10.38 -0.81
N ALA C 122 2.31 10.75 -0.48
CA ALA C 122 2.88 10.40 0.82
C ALA C 122 2.11 11.06 1.96
N ALA C 123 1.73 12.34 1.79
CA ALA C 123 0.95 13.02 2.80
C ALA C 123 -0.43 12.39 2.96
N ALA C 124 -1.05 11.99 1.85
CA ALA C 124 -2.36 11.34 1.93
C ALA C 124 -2.26 9.98 2.63
N SER C 125 -1.19 9.23 2.35
CA SER C 125 -1.00 7.95 3.03
C SER C 125 -0.71 8.13 4.52
N HIS C 126 -0.03 9.23 4.87
CA HIS C 126 0.28 9.49 6.27
C HIS C 126 -0.98 9.71 7.09
N LEU C 127 -1.98 10.39 6.52
CA LEU C 127 -3.22 10.68 7.23
C LEU C 127 -4.22 9.54 7.17
N ARG C 128 -3.90 8.47 6.46
CA ARG C 128 -4.78 7.31 6.28
C ARG C 128 -6.10 7.73 5.64
N LYS C 129 -5.99 8.36 4.47
CA LYS C 129 -7.13 8.88 3.73
C LYS C 129 -7.05 8.44 2.28
N PRO C 130 -8.20 8.30 1.62
CA PRO C 130 -8.17 8.21 0.15
C PRO C 130 -7.69 9.52 -0.45
N PHE C 131 -7.09 9.42 -1.63
CA PHE C 131 -6.40 10.58 -2.21
C PHE C 131 -7.40 11.66 -2.60
N TYR C 132 -8.58 11.27 -3.10
CA TYR C 132 -9.60 12.26 -3.42
C TYR C 132 -10.18 12.90 -2.17
N ARG C 133 -10.22 12.16 -1.05
CA ARG C 133 -10.66 12.76 0.21
C ARG C 133 -9.58 13.63 0.83
N TYR C 134 -8.31 13.32 0.55
CA TYR C 134 -7.24 14.20 0.99
C TYR C 134 -7.27 15.53 0.22
N LEU C 135 -7.51 15.46 -1.09
CA LEU C 135 -7.56 16.68 -1.89
C LEU C 135 -8.73 17.57 -1.49
N MET C 136 -9.92 17.01 -1.33
CA MET C 136 -11.10 17.75 -0.92
C MET C 136 -11.94 16.87 -0.01
N ASP C 137 -12.16 17.31 1.22
CA ASP C 137 -12.88 16.54 2.23
C ASP C 137 -14.28 17.15 2.39
N VAL C 138 -15.22 16.67 1.58
CA VAL C 138 -16.62 17.07 1.65
C VAL C 138 -17.46 15.82 1.84
N LYS C 139 -18.77 16.01 1.91
CA LYS C 139 -19.69 14.88 2.11
C LYS C 139 -20.19 14.32 0.78
N GLU C 140 -20.78 15.17 -0.06
CA GLU C 140 -21.37 14.76 -1.33
C GLU C 140 -20.38 14.96 -2.46
N TYR C 141 -20.28 13.96 -3.33
CA TYR C 141 -19.34 14.00 -4.44
C TYR C 141 -20.07 13.77 -5.75
N LEU C 142 -19.51 14.34 -6.82
CA LEU C 142 -20.04 14.20 -8.18
C LEU C 142 -19.15 13.26 -8.97
N MET C 143 -19.75 12.26 -9.60
CA MET C 143 -19.00 11.36 -10.45
C MET C 143 -18.86 11.95 -11.84
N PRO C 144 -17.67 11.90 -12.43
CA PRO C 144 -17.45 12.55 -13.73
C PRO C 144 -18.18 11.86 -14.86
N VAL C 145 -18.55 12.65 -15.86
CA VAL C 145 -19.14 12.14 -17.09
C VAL C 145 -18.00 11.90 -18.08
N PRO C 146 -17.77 10.67 -18.50
CA PRO C 146 -16.60 10.39 -19.34
C PRO C 146 -16.87 10.65 -20.82
N MET C 147 -15.86 11.16 -21.50
CA MET C 147 -15.85 11.25 -22.95
C MET C 147 -14.89 10.20 -23.50
N MET C 148 -15.40 9.36 -24.39
CA MET C 148 -14.71 8.15 -24.83
C MET C 148 -14.31 8.30 -26.28
N ASN C 149 -13.00 8.43 -26.53
CA ASN C 149 -12.46 8.67 -27.87
C ASN C 149 -12.68 7.42 -28.72
N VAL C 150 -13.71 7.44 -29.56
CA VAL C 150 -14.00 6.26 -30.37
C VAL C 150 -13.31 6.33 -31.73
N ILE C 151 -13.21 7.49 -32.36
CA ILE C 151 -12.62 7.59 -33.69
C ILE C 151 -11.46 8.57 -33.67
N ASN C 152 -10.32 8.16 -34.22
CA ASN C 152 -9.16 9.01 -34.39
C ASN C 152 -9.02 9.42 -35.86
N GLY C 153 -8.37 10.56 -36.09
CA GLY C 153 -8.41 11.16 -37.40
C GLY C 153 -7.09 11.53 -38.06
N GLY C 154 -6.99 12.78 -38.51
CA GLY C 154 -5.94 13.16 -39.46
C GLY C 154 -4.55 13.11 -38.87
N SER C 155 -4.36 13.64 -37.66
CA SER C 155 -3.03 13.68 -37.09
C SER C 155 -2.57 12.32 -36.58
N HIS C 156 -3.50 11.50 -36.08
CA HIS C 156 -3.14 10.23 -35.47
C HIS C 156 -3.12 9.06 -36.46
N ALA C 157 -3.58 9.26 -37.69
CA ALA C 157 -3.60 8.19 -38.67
C ALA C 157 -3.74 8.77 -40.07
N ASP C 158 -3.53 7.91 -41.06
CA ASP C 158 -3.72 8.28 -42.47
C ASP C 158 -5.15 7.90 -42.86
N ASN C 159 -6.05 8.87 -42.78
CA ASN C 159 -7.48 8.63 -42.96
C ASN C 159 -8.11 9.46 -44.06
N ASN C 160 -7.43 10.48 -44.57
CA ASN C 160 -8.06 11.54 -45.37
C ASN C 160 -9.24 12.15 -44.63
N VAL C 161 -9.08 12.34 -43.32
CA VAL C 161 -10.07 12.97 -42.47
C VAL C 161 -9.42 14.20 -41.86
N ASP C 162 -10.04 15.37 -42.07
CA ASP C 162 -9.50 16.61 -41.54
C ASP C 162 -9.70 16.74 -40.03
N MET C 163 -10.77 16.16 -39.51
CA MET C 163 -11.06 16.19 -38.09
C MET C 163 -10.07 15.30 -37.35
N GLN C 164 -9.88 15.56 -36.04
CA GLN C 164 -8.92 14.78 -35.26
C GLN C 164 -9.57 13.68 -34.43
N GLU C 165 -10.50 14.03 -33.54
CA GLU C 165 -11.09 13.04 -32.64
C GLU C 165 -12.60 13.15 -32.57
N PHE C 166 -13.27 12.00 -32.57
CA PHE C 166 -14.70 11.88 -32.31
C PHE C 166 -14.91 11.02 -31.07
N MET C 167 -15.74 11.49 -30.15
CA MET C 167 -15.99 10.84 -28.88
C MET C 167 -17.49 10.68 -28.64
N ILE C 168 -17.85 9.71 -27.79
CA ILE C 168 -19.23 9.50 -27.37
C ILE C 168 -19.36 9.87 -25.90
N VAL C 169 -20.46 10.53 -25.56
CA VAL C 169 -20.75 10.98 -24.20
C VAL C 169 -22.04 10.30 -23.74
N PRO C 170 -21.95 9.27 -22.89
CA PRO C 170 -23.14 8.60 -22.34
C PRO C 170 -23.73 9.34 -21.14
N ALA C 171 -24.55 10.35 -21.42
CA ALA C 171 -25.02 11.29 -20.42
C ALA C 171 -26.49 11.09 -20.04
N GLY C 172 -27.10 9.98 -20.47
CA GLY C 172 -28.51 9.77 -20.16
C GLY C 172 -28.79 8.68 -19.16
N PHE C 173 -27.98 8.59 -18.11
CA PHE C 173 -28.07 7.49 -17.16
C PHE C 173 -28.02 8.03 -15.73
N ASP C 174 -28.52 7.22 -14.79
CA ASP C 174 -28.60 7.61 -13.39
C ASP C 174 -27.36 7.25 -12.59
N THR C 175 -26.49 6.39 -13.10
CA THR C 175 -25.29 5.97 -12.39
C THR C 175 -24.13 5.85 -13.36
N PHE C 176 -22.92 5.82 -12.80
CA PHE C 176 -21.72 5.67 -13.62
C PHE C 176 -21.58 4.26 -14.18
N SER C 177 -22.15 3.27 -13.50
CA SER C 177 -22.05 1.89 -13.94
C SER C 177 -22.80 1.67 -15.26
N GLU C 178 -24.03 2.20 -15.36
CA GLU C 178 -24.77 2.09 -16.61
C GLU C 178 -24.10 2.88 -17.73
N ALA C 179 -23.52 4.02 -17.41
CA ALA C 179 -22.79 4.78 -18.42
C ALA C 179 -21.58 4.01 -18.94
N LEU C 180 -20.83 3.36 -18.05
CA LEU C 180 -19.70 2.56 -18.49
C LEU C 180 -20.15 1.36 -19.31
N ARG C 181 -21.25 0.71 -18.91
CA ARG C 181 -21.77 -0.40 -19.68
C ARG C 181 -22.21 0.05 -21.07
N CYS C 182 -22.86 1.22 -21.17
CA CYS C 182 -23.25 1.76 -22.46
C CYS C 182 -22.05 2.05 -23.33
N GLY C 183 -20.99 2.64 -22.75
CA GLY C 183 -19.78 2.88 -23.52
C GLY C 183 -19.16 1.61 -24.04
N THR C 184 -19.10 0.57 -23.21
CA THR C 184 -18.50 -0.70 -23.63
C THR C 184 -19.32 -1.35 -24.74
N GLU C 185 -20.65 -1.40 -24.58
CA GLU C 185 -21.50 -2.01 -25.59
C GLU C 185 -21.44 -1.25 -26.90
N VAL C 186 -21.42 0.08 -26.85
CA VAL C 186 -21.35 0.87 -28.07
C VAL C 186 -19.99 0.71 -28.73
N PHE C 187 -18.91 0.56 -27.94
CA PHE C 187 -17.60 0.30 -28.53
C PHE C 187 -17.59 -1.02 -29.31
N HIS C 188 -18.13 -2.07 -28.70
CA HIS C 188 -18.16 -3.38 -29.38
C HIS C 188 -19.05 -3.34 -30.63
N THR C 189 -20.23 -2.72 -30.52
CA THR C 189 -21.11 -2.62 -31.67
C THR C 189 -20.51 -1.74 -32.77
N LEU C 190 -19.73 -0.73 -32.39
CA LEU C 190 -19.05 0.10 -33.39
C LEU C 190 -17.99 -0.70 -34.12
N LYS C 191 -17.26 -1.56 -33.41
CA LYS C 191 -16.32 -2.45 -34.09
C LYS C 191 -17.05 -3.34 -35.08
N LYS C 192 -18.18 -3.92 -34.66
CA LYS C 192 -18.93 -4.80 -35.56
C LYS C 192 -19.48 -4.05 -36.77
N VAL C 193 -19.96 -2.82 -36.56
CA VAL C 193 -20.52 -2.02 -37.66
C VAL C 193 -19.42 -1.64 -38.65
N LEU C 194 -18.28 -1.17 -38.14
CA LEU C 194 -17.18 -0.81 -39.03
C LEU C 194 -16.63 -2.03 -39.76
N ILE C 195 -16.74 -3.22 -39.16
CA ILE C 195 -16.39 -4.45 -39.88
C ILE C 195 -17.41 -4.73 -40.99
N ALA C 196 -18.69 -4.50 -40.71
CA ALA C 196 -19.74 -4.84 -41.67
C ALA C 196 -19.63 -4.00 -42.94
N ASP C 197 -19.22 -2.73 -42.80
CA ASP C 197 -19.10 -1.84 -43.94
C ASP C 197 -17.79 -2.02 -44.72
N GLY C 198 -17.06 -3.09 -44.46
CA GLY C 198 -15.83 -3.37 -45.19
C GLY C 198 -14.71 -2.37 -44.95
N TYR C 199 -14.46 -2.02 -43.68
CA TYR C 199 -13.41 -1.08 -43.33
C TYR C 199 -12.32 -1.79 -42.54
N SER C 200 -11.12 -1.21 -42.59
CA SER C 200 -9.96 -1.75 -41.88
C SER C 200 -10.06 -1.36 -40.41
N VAL C 201 -10.28 -2.35 -39.55
CA VAL C 201 -10.57 -2.10 -38.14
C VAL C 201 -9.50 -2.75 -37.29
N ALA C 202 -8.79 -3.73 -37.85
CA ALA C 202 -7.77 -4.46 -37.10
C ALA C 202 -6.64 -3.54 -36.68
N GLY C 203 -6.41 -3.49 -35.37
CA GLY C 203 -5.49 -2.54 -34.77
C GLY C 203 -6.21 -1.59 -33.83
N VAL C 204 -5.40 -0.80 -33.12
CA VAL C 204 -5.91 0.13 -32.12
C VAL C 204 -4.92 1.28 -31.99
N GLY C 205 -5.45 2.47 -31.66
CA GLY C 205 -4.62 3.65 -31.54
C GLY C 205 -4.00 3.80 -30.16
N ASP C 206 -3.33 4.95 -29.97
CA ASP C 206 -2.69 5.23 -28.69
C ASP C 206 -3.69 5.44 -27.58
N GLU C 207 -4.87 5.97 -27.90
CA GLU C 207 -5.91 6.25 -26.92
C GLU C 207 -7.02 5.20 -26.93
N GLY C 208 -6.75 4.05 -27.55
CA GLY C 208 -7.72 2.97 -27.58
C GLY C 208 -8.78 3.09 -28.66
N GLY C 209 -8.78 4.17 -29.43
CA GLY C 209 -9.81 4.38 -30.43
C GLY C 209 -9.43 3.84 -31.79
N TYR C 210 -10.45 3.45 -32.55
CA TYR C 210 -10.23 2.95 -33.90
C TYR C 210 -9.83 4.09 -34.82
N ALA C 211 -9.09 3.74 -35.88
CA ALA C 211 -8.67 4.69 -36.90
C ALA C 211 -8.94 4.11 -38.28
N PRO C 212 -10.21 3.98 -38.66
CA PRO C 212 -10.52 3.43 -39.99
C PRO C 212 -10.37 4.47 -41.08
N ASP C 213 -10.25 3.99 -42.31
CA ASP C 213 -10.06 4.86 -43.47
C ASP C 213 -11.41 5.35 -43.97
N LEU C 214 -12.02 6.24 -43.18
CA LEU C 214 -13.31 6.81 -43.51
C LEU C 214 -13.14 7.84 -44.63
N PRO C 215 -14.20 8.07 -45.43
CA PRO C 215 -14.09 9.02 -46.54
C PRO C 215 -14.30 10.47 -46.12
N SER C 216 -15.10 10.71 -45.09
CA SER C 216 -15.45 12.06 -44.68
C SER C 216 -15.89 12.05 -43.22
N ASN C 217 -16.04 13.26 -42.67
CA ASN C 217 -16.45 13.41 -41.28
C ASN C 217 -17.92 13.05 -41.10
N GLU C 218 -18.75 13.35 -42.11
CA GLU C 218 -20.16 12.96 -42.07
C GLU C 218 -20.30 11.45 -41.95
N ALA C 219 -19.47 10.69 -42.67
CA ALA C 219 -19.50 9.24 -42.57
C ALA C 219 -19.13 8.79 -41.17
N ALA C 220 -18.13 9.43 -40.55
CA ALA C 220 -17.73 9.05 -39.20
C ALA C 220 -18.86 9.30 -38.20
N ILE C 221 -19.50 10.47 -38.28
CA ILE C 221 -20.58 10.78 -37.34
C ILE C 221 -21.78 9.85 -37.56
N GLU C 222 -22.11 9.57 -38.81
CA GLU C 222 -23.23 8.67 -39.09
C GLU C 222 -22.92 7.25 -38.62
N ALA C 223 -21.67 6.81 -38.79
CA ALA C 223 -21.27 5.49 -38.29
C ALA C 223 -21.37 5.42 -36.78
N ILE C 224 -20.95 6.48 -36.09
CA ILE C 224 -21.08 6.50 -34.63
C ILE C 224 -22.53 6.46 -34.21
N LEU C 225 -23.39 7.23 -34.89
CA LEU C 225 -24.81 7.27 -34.53
C LEU C 225 -25.49 5.93 -34.78
N LYS C 226 -25.15 5.26 -35.88
CA LYS C 226 -25.78 3.96 -36.15
C LYS C 226 -25.21 2.87 -35.24
N ALA C 227 -23.97 3.04 -34.77
CA ALA C 227 -23.47 2.14 -33.74
C ALA C 227 -24.18 2.37 -32.40
N VAL C 228 -24.55 3.63 -32.11
CA VAL C 228 -25.32 3.90 -30.90
C VAL C 228 -26.71 3.27 -30.99
N LYS C 229 -27.40 3.47 -32.11
CA LYS C 229 -28.76 2.93 -32.22
C LYS C 229 -28.78 1.44 -32.52
N GLU C 230 -27.64 0.83 -32.88
CA GLU C 230 -27.56 -0.61 -33.04
C GLU C 230 -27.29 -1.34 -31.73
N ALA C 231 -26.81 -0.64 -30.71
CA ALA C 231 -26.49 -1.25 -29.43
C ALA C 231 -27.63 -1.16 -28.43
N GLY C 232 -28.78 -0.62 -28.81
CA GLY C 232 -29.94 -0.55 -27.94
C GLY C 232 -30.18 0.77 -27.26
N TYR C 233 -29.43 1.81 -27.59
CA TYR C 233 -29.58 3.13 -26.98
C TYR C 233 -29.97 4.15 -28.04
N GLU C 234 -30.78 5.13 -27.61
CA GLU C 234 -31.28 6.15 -28.52
C GLU C 234 -30.29 7.32 -28.57
N PRO C 235 -29.81 7.70 -29.75
CA PRO C 235 -28.98 8.91 -29.85
C PRO C 235 -29.78 10.15 -29.50
N GLY C 236 -29.10 11.11 -28.87
CA GLY C 236 -29.71 12.36 -28.47
C GLY C 236 -30.41 12.33 -27.14
N LYS C 237 -30.67 11.16 -26.59
CA LYS C 237 -31.26 10.98 -25.27
C LYS C 237 -30.32 10.24 -24.33
N HIS C 238 -29.58 9.27 -24.85
CA HIS C 238 -28.62 8.49 -24.06
C HIS C 238 -27.17 8.79 -24.40
N VAL C 239 -26.84 8.95 -25.69
CA VAL C 239 -25.46 9.16 -26.12
C VAL C 239 -25.40 10.40 -26.99
N PHE C 240 -24.53 11.34 -26.62
CA PHE C 240 -24.24 12.54 -27.40
C PHE C 240 -22.86 12.41 -28.02
N ILE C 241 -22.50 13.38 -28.86
CA ILE C 241 -21.24 13.35 -29.60
C ILE C 241 -20.37 14.49 -29.11
N ALA C 242 -19.08 14.22 -28.93
CA ALA C 242 -18.09 15.24 -28.60
C ALA C 242 -17.03 15.29 -29.70
N LEU C 243 -16.57 16.49 -29.99
CA LEU C 243 -15.65 16.72 -31.09
C LEU C 243 -14.28 17.15 -30.56
N ASP C 244 -13.27 16.99 -31.41
CA ASP C 244 -11.94 17.53 -31.12
C ASP C 244 -11.26 17.79 -32.46
N PRO C 245 -11.44 18.98 -33.02
CA PRO C 245 -10.74 19.29 -34.29
C PRO C 245 -9.25 19.50 -34.13
N ALA C 246 -8.82 20.21 -33.07
CA ALA C 246 -7.45 20.71 -32.95
C ALA C 246 -7.03 21.43 -34.23
N SER C 247 -7.75 22.52 -34.51
CA SER C 247 -7.68 23.19 -35.80
C SER C 247 -6.37 23.93 -36.05
N SER C 248 -5.40 23.85 -35.12
CA SER C 248 -4.10 24.45 -35.36
C SER C 248 -3.33 23.74 -36.47
N GLU C 249 -3.71 22.49 -36.79
CA GLU C 249 -2.95 21.72 -37.77
C GLU C 249 -3.18 22.24 -39.19
N PHE C 250 -4.44 22.51 -39.55
CA PHE C 250 -4.79 22.91 -40.91
C PHE C 250 -5.15 24.40 -40.99
N TYR C 251 -4.44 25.23 -40.23
CA TYR C 251 -4.58 26.68 -40.29
C TYR C 251 -3.31 27.26 -40.90
N LYS C 252 -3.45 28.01 -41.99
CA LYS C 252 -2.31 28.57 -42.69
C LYS C 252 -2.71 29.89 -43.33
N ASP C 253 -2.00 30.96 -42.98
CA ASP C 253 -2.21 32.29 -43.56
C ASP C 253 -3.64 32.77 -43.38
N GLY C 254 -4.22 32.49 -42.22
CA GLY C 254 -5.57 32.95 -41.92
C GLY C 254 -6.68 32.14 -42.55
N LYS C 255 -6.39 30.98 -43.13
CA LYS C 255 -7.38 30.18 -43.81
C LYS C 255 -7.42 28.77 -43.20
N TYR C 256 -8.64 28.30 -42.93
CA TYR C 256 -8.86 26.93 -42.47
C TYR C 256 -8.97 26.04 -43.69
N GLU C 257 -8.01 25.13 -43.85
CA GLU C 257 -7.90 24.28 -45.04
C GLU C 257 -8.51 22.92 -44.73
N LEU C 258 -9.77 22.72 -45.14
CA LEU C 258 -10.43 21.44 -44.98
C LEU C 258 -10.05 20.59 -46.19
N LYS C 259 -8.99 19.79 -46.04
CA LYS C 259 -8.46 19.03 -47.16
C LYS C 259 -9.34 17.84 -47.53
N SER C 260 -10.15 17.34 -46.60
CA SER C 260 -11.04 16.22 -46.91
C SER C 260 -12.07 16.62 -47.96
N GLU C 261 -12.63 17.81 -47.84
CA GLU C 261 -13.59 18.33 -48.80
C GLU C 261 -12.96 19.32 -49.78
N ASN C 262 -11.66 19.56 -49.66
CA ASN C 262 -10.92 20.47 -50.54
C ASN C 262 -11.52 21.88 -50.53
N LYS C 263 -11.50 22.50 -49.35
CA LYS C 263 -12.08 23.82 -49.15
C LYS C 263 -11.12 24.69 -48.36
N SER C 264 -11.20 26.00 -48.60
CA SER C 264 -10.46 27.01 -47.85
C SER C 264 -11.48 27.99 -47.27
N LEU C 265 -11.68 27.94 -45.97
CA LEU C 265 -12.73 28.72 -45.31
C LEU C 265 -12.12 29.79 -44.42
N THR C 266 -12.82 30.91 -44.29
CA THR C 266 -12.47 31.95 -43.35
C THR C 266 -13.02 31.57 -41.98
N SER C 267 -13.02 32.52 -41.05
CA SER C 267 -13.48 32.23 -39.69
C SER C 267 -15.00 32.11 -39.62
N GLU C 268 -15.72 33.17 -40.03
CA GLU C 268 -17.15 33.23 -39.80
C GLU C 268 -17.89 32.08 -40.50
N GLU C 269 -17.44 31.70 -41.69
CA GLU C 269 -18.05 30.55 -42.35
C GLU C 269 -17.64 29.24 -41.67
N MET C 270 -16.50 29.22 -40.98
CA MET C 270 -16.13 28.04 -40.20
C MET C 270 -17.07 27.87 -39.01
N ILE C 271 -17.40 28.97 -38.33
CA ILE C 271 -18.42 28.90 -37.28
C ILE C 271 -19.78 28.54 -37.86
N ASP C 272 -20.08 29.01 -39.07
CA ASP C 272 -21.34 28.64 -39.72
C ASP C 272 -21.41 27.12 -39.96
N TYR C 273 -20.29 26.53 -40.40
CA TYR C 273 -20.22 25.08 -40.57
C TYR C 273 -20.41 24.36 -39.23
N TYR C 274 -19.76 24.87 -38.17
CA TYR C 274 -19.92 24.26 -36.86
C TYR C 274 -21.36 24.34 -36.39
N ALA C 275 -22.04 25.47 -36.64
CA ALA C 275 -23.44 25.59 -36.23
C ALA C 275 -24.33 24.64 -37.02
N ALA C 276 -24.08 24.50 -38.32
CA ALA C 276 -24.81 23.53 -39.12
C ALA C 276 -24.67 22.14 -38.51
N TRP C 277 -23.46 21.80 -38.06
CA TRP C 277 -23.28 20.55 -37.33
C TRP C 277 -24.02 20.56 -36.00
N VAL C 278 -24.11 21.71 -35.33
CA VAL C 278 -24.67 21.77 -33.98
C VAL C 278 -26.16 21.43 -33.99
N GLU C 279 -26.93 22.07 -34.86
CA GLU C 279 -28.31 21.58 -35.02
C GLU C 279 -28.46 20.51 -36.10
N LYS C 280 -27.35 19.92 -36.56
CA LYS C 280 -27.47 18.72 -37.37
C LYS C 280 -27.38 17.43 -36.56
N TYR C 281 -26.57 17.42 -35.50
CA TYR C 281 -26.29 16.24 -34.71
C TYR C 281 -26.40 16.56 -33.23
N PRO C 282 -26.54 15.54 -32.36
CA PRO C 282 -26.45 15.78 -30.92
C PRO C 282 -25.01 16.02 -30.47
N ILE C 283 -24.39 17.09 -30.95
CA ILE C 283 -23.00 17.39 -30.68
C ILE C 283 -22.95 18.48 -29.63
N VAL C 284 -22.48 18.15 -28.42
CA VAL C 284 -22.19 19.21 -27.46
C VAL C 284 -20.77 19.08 -26.92
N SER C 285 -19.81 19.51 -27.74
CA SER C 285 -18.45 19.92 -27.36
C SER C 285 -17.73 20.34 -28.64
N ILE C 286 -16.95 21.41 -28.57
CA ILE C 286 -16.03 21.74 -29.67
C ILE C 286 -14.72 22.18 -29.05
N GLU C 287 -13.74 21.27 -28.99
CA GLU C 287 -12.47 21.53 -28.33
C GLU C 287 -11.45 21.97 -29.38
N ASP C 288 -10.86 23.15 -29.17
CA ASP C 288 -9.93 23.76 -30.11
C ASP C 288 -10.54 23.88 -31.51
N GLY C 289 -11.80 24.34 -31.56
CA GLY C 289 -12.49 24.48 -32.83
C GLY C 289 -11.91 25.54 -33.74
N LEU C 290 -11.08 26.42 -33.20
CA LEU C 290 -10.38 27.43 -33.98
C LEU C 290 -8.93 27.48 -33.51
N ALA C 291 -8.11 28.22 -34.24
CA ALA C 291 -6.70 28.29 -33.90
C ALA C 291 -6.49 29.09 -32.61
N GLU C 292 -5.32 28.88 -31.99
CA GLU C 292 -4.98 29.61 -30.78
C GLU C 292 -4.47 31.02 -31.06
N GLU C 293 -4.11 31.33 -32.31
CA GLU C 293 -3.70 32.67 -32.69
C GLU C 293 -4.86 33.53 -33.18
N ASP C 294 -6.01 32.91 -33.47
CA ASP C 294 -7.16 33.62 -34.04
C ASP C 294 -8.16 33.91 -32.91
N TRP C 295 -7.85 34.93 -32.11
CA TRP C 295 -8.70 35.26 -30.96
C TRP C 295 -9.97 36.00 -31.36
N ALA C 296 -9.94 36.75 -32.46
CA ALA C 296 -11.15 37.41 -32.93
C ALA C 296 -12.22 36.41 -33.32
N GLY C 297 -11.82 35.36 -34.05
CA GLY C 297 -12.75 34.29 -34.35
C GLY C 297 -13.22 33.56 -33.12
N TRP C 298 -12.36 33.45 -32.10
CA TRP C 298 -12.78 32.85 -30.84
C TRP C 298 -13.85 33.69 -30.15
N LYS C 299 -13.70 35.02 -30.16
CA LYS C 299 -14.73 35.88 -29.59
C LYS C 299 -16.04 35.77 -30.37
N LEU C 300 -15.96 35.72 -31.70
CA LEU C 300 -17.16 35.52 -32.51
C LEU C 300 -17.83 34.20 -32.20
N LEU C 301 -17.03 33.12 -32.07
CA LEU C 301 -17.57 31.80 -31.77
C LEU C 301 -18.24 31.77 -30.41
N THR C 302 -17.63 32.40 -29.40
CA THR C 302 -18.26 32.47 -28.09
C THR C 302 -19.52 33.31 -28.11
N GLU C 303 -19.56 34.34 -28.97
CA GLU C 303 -20.76 35.17 -29.09
C GLU C 303 -21.93 34.37 -29.67
N LYS C 304 -21.71 33.71 -30.80
CA LYS C 304 -22.82 33.11 -31.54
C LYS C 304 -22.99 31.62 -31.29
N LEU C 305 -22.17 31.01 -30.44
CA LEU C 305 -22.34 29.59 -30.11
C LEU C 305 -22.08 29.29 -28.64
N GLY C 306 -21.94 30.30 -27.79
CA GLY C 306 -21.65 30.05 -26.39
C GLY C 306 -22.82 29.60 -25.57
N ASN C 307 -24.04 29.66 -26.11
CA ASN C 307 -25.24 29.26 -25.40
C ASN C 307 -25.90 28.02 -26.01
N LYS C 308 -25.24 27.37 -26.95
CA LYS C 308 -25.77 26.18 -27.60
C LYS C 308 -24.90 24.94 -27.43
N VAL C 309 -23.59 25.09 -27.30
CA VAL C 309 -22.68 23.99 -27.03
C VAL C 309 -21.68 24.42 -25.97
N GLN C 310 -20.72 23.54 -25.66
CA GLN C 310 -19.63 23.86 -24.76
C GLN C 310 -18.34 23.96 -25.56
N LEU C 311 -17.66 25.10 -25.45
CA LEU C 311 -16.44 25.37 -26.19
C LEU C 311 -15.24 25.19 -25.27
N VAL C 312 -14.36 24.27 -25.63
CA VAL C 312 -13.23 23.88 -24.80
C VAL C 312 -11.95 24.44 -25.40
N GLY C 313 -11.02 24.85 -24.56
CA GLY C 313 -9.75 25.36 -25.02
C GLY C 313 -8.55 24.65 -24.40
N ASP C 314 -7.76 23.99 -25.24
CA ASP C 314 -6.58 23.26 -24.78
C ASP C 314 -5.29 23.93 -25.22
N ASP C 315 -5.10 24.14 -26.52
CA ASP C 315 -3.97 24.91 -27.01
C ASP C 315 -4.18 26.40 -26.80
N LEU C 316 -5.41 26.82 -26.52
CA LEU C 316 -5.71 28.24 -26.32
C LEU C 316 -5.22 28.73 -24.96
N PHE C 317 -5.40 27.92 -23.92
CA PHE C 317 -5.09 28.34 -22.55
C PHE C 317 -3.93 27.59 -21.92
N VAL C 318 -3.47 26.49 -22.54
CA VAL C 318 -2.40 25.59 -22.10
C VAL C 318 -2.25 25.49 -20.58
N THR C 319 -3.38 25.40 -19.87
CA THR C 319 -3.42 25.26 -18.41
C THR C 319 -2.56 26.33 -17.74
N ASN C 320 -2.76 27.57 -18.19
CA ASN C 320 -1.98 28.71 -17.71
C ASN C 320 -2.93 29.71 -17.06
N PRO C 321 -2.71 30.08 -15.79
CA PRO C 321 -3.59 31.09 -15.17
C PRO C 321 -3.55 32.44 -15.86
N SER C 322 -2.41 32.86 -16.40
CA SER C 322 -2.33 34.18 -17.02
C SER C 322 -3.14 34.23 -18.32
N ILE C 323 -2.94 33.24 -19.19
CA ILE C 323 -3.68 33.21 -20.45
C ILE C 323 -5.16 33.00 -20.20
N LEU C 324 -5.49 32.18 -19.19
CA LEU C 324 -6.89 31.99 -18.83
C LEU C 324 -7.52 33.29 -18.34
N ALA C 325 -6.77 34.07 -17.55
CA ALA C 325 -7.30 35.35 -17.07
C ALA C 325 -7.50 36.32 -18.22
N LYS C 326 -6.58 36.34 -19.19
CA LYS C 326 -6.77 37.16 -20.38
C LYS C 326 -7.99 36.73 -21.17
N GLY C 327 -8.20 35.42 -21.29
CA GLY C 327 -9.39 34.94 -21.99
C GLY C 327 -10.67 35.27 -21.27
N ILE C 328 -10.64 35.24 -19.93
CA ILE C 328 -11.82 35.61 -19.14
C ILE C 328 -12.14 37.09 -19.32
N GLU C 329 -11.12 37.95 -19.24
CA GLU C 329 -11.40 39.38 -19.38
C GLU C 329 -11.81 39.73 -20.81
N LYS C 330 -11.34 38.97 -21.80
CA LYS C 330 -11.79 39.18 -23.17
C LYS C 330 -13.07 38.42 -23.51
N GLY C 331 -13.51 37.51 -22.65
CA GLY C 331 -14.75 36.77 -22.88
C GLY C 331 -14.65 35.79 -24.04
N ILE C 332 -13.86 34.73 -23.86
CA ILE C 332 -13.62 33.73 -24.89
C ILE C 332 -13.84 32.34 -24.31
N ALA C 333 -14.63 31.52 -25.02
CA ALA C 333 -14.92 30.13 -24.67
C ALA C 333 -15.70 30.00 -23.36
N ASN C 334 -16.16 28.79 -23.04
CA ASN C 334 -16.85 28.56 -21.77
C ASN C 334 -16.46 27.22 -21.16
N SER C 335 -15.22 26.78 -21.38
CA SER C 335 -14.68 25.59 -20.72
C SER C 335 -13.18 25.61 -20.87
N ILE C 336 -12.51 24.77 -20.09
CA ILE C 336 -11.06 24.64 -20.12
C ILE C 336 -10.69 23.18 -19.90
N LEU C 337 -9.65 22.71 -20.59
CA LEU C 337 -9.14 21.36 -20.45
C LEU C 337 -7.88 21.40 -19.59
N ILE C 338 -7.86 20.61 -18.52
CA ILE C 338 -6.84 20.70 -17.49
C ILE C 338 -5.87 19.54 -17.64
N LYS C 339 -4.59 19.85 -17.80
CA LYS C 339 -3.52 18.86 -17.87
C LYS C 339 -2.48 19.18 -16.82
N LEU C 340 -2.08 18.18 -16.03
CA LEU C 340 -1.13 18.40 -14.96
C LEU C 340 0.28 18.66 -15.49
N ASN C 341 0.66 17.97 -16.56
CA ASN C 341 2.01 18.07 -17.09
C ASN C 341 2.32 19.43 -17.68
N GLN C 342 1.29 20.18 -18.10
CA GLN C 342 1.51 21.43 -18.81
C GLN C 342 1.93 22.57 -17.89
N ILE C 343 1.69 22.48 -16.59
CA ILE C 343 2.05 23.54 -15.67
C ILE C 343 3.16 23.13 -14.69
N GLY C 344 3.19 21.87 -14.25
CA GLY C 344 4.33 21.36 -13.51
C GLY C 344 4.13 21.19 -12.02
N THR C 345 3.11 21.81 -11.43
CA THR C 345 2.85 21.65 -10.00
C THR C 345 1.36 21.49 -9.75
N LEU C 346 1.04 20.95 -8.58
CA LEU C 346 -0.35 20.72 -8.21
C LEU C 346 -1.04 22.01 -7.77
N THR C 347 -0.31 22.91 -7.10
CA THR C 347 -0.93 24.13 -6.58
C THR C 347 -1.32 25.07 -7.71
N GLU C 348 -0.53 25.12 -8.78
CA GLU C 348 -0.91 25.95 -9.93
C GLU C 348 -2.09 25.33 -10.68
N THR C 349 -2.18 24.01 -10.73
CA THR C 349 -3.36 23.36 -11.29
C THR C 349 -4.61 23.74 -10.50
N PHE C 350 -4.53 23.65 -9.17
CA PHE C 350 -5.66 24.06 -8.33
C PHE C 350 -6.02 25.53 -8.54
N GLU C 351 -5.01 26.39 -8.68
CA GLU C 351 -5.29 27.80 -8.94
C GLU C 351 -6.03 28.00 -10.26
N ALA C 352 -5.60 27.29 -11.31
CA ALA C 352 -6.26 27.42 -12.61
C ALA C 352 -7.70 26.93 -12.55
N MET C 353 -7.95 25.78 -11.91
CA MET C 353 -9.32 25.30 -11.83
C MET C 353 -10.19 26.15 -10.92
N ALA C 354 -9.63 26.74 -9.86
CA ALA C 354 -10.41 27.66 -9.04
C ALA C 354 -10.77 28.92 -9.80
N MET C 355 -9.83 29.44 -10.62
CA MET C 355 -10.12 30.57 -11.48
C MET C 355 -11.24 30.24 -12.45
N ALA C 356 -11.18 29.06 -13.07
CA ALA C 356 -12.22 28.65 -14.00
C ALA C 356 -13.57 28.48 -13.29
N GLY C 357 -13.56 27.96 -12.06
CA GLY C 357 -14.80 27.78 -11.33
C GLY C 357 -15.46 29.09 -10.96
N GLN C 358 -14.67 30.07 -10.48
CA GLN C 358 -15.26 31.37 -10.16
C GLN C 358 -15.62 32.17 -11.41
N ALA C 359 -14.98 31.91 -12.55
CA ALA C 359 -15.36 32.61 -13.77
C ALA C 359 -16.68 32.10 -14.35
N GLY C 360 -17.13 30.92 -13.92
CA GLY C 360 -18.33 30.31 -14.47
C GLY C 360 -18.08 29.22 -15.48
N TYR C 361 -16.82 28.88 -15.74
CA TYR C 361 -16.47 27.83 -16.70
C TYR C 361 -16.57 26.46 -16.04
N THR C 362 -16.56 25.42 -16.88
CA THR C 362 -16.49 24.04 -16.43
C THR C 362 -15.12 23.47 -16.75
N CYS C 363 -14.59 22.66 -15.84
CA CYS C 363 -13.26 22.10 -15.96
C CYS C 363 -13.33 20.65 -16.42
N VAL C 364 -12.43 20.27 -17.31
CA VAL C 364 -12.34 18.91 -17.82
C VAL C 364 -10.92 18.42 -17.57
N VAL C 365 -10.78 17.46 -16.66
CA VAL C 365 -9.47 16.88 -16.38
C VAL C 365 -9.10 15.96 -17.53
N SER C 366 -7.87 16.09 -18.02
CA SER C 366 -7.45 15.43 -19.26
C SER C 366 -6.27 14.50 -19.00
N HIS C 367 -5.96 13.71 -20.03
CA HIS C 367 -4.85 12.78 -20.05
C HIS C 367 -3.87 13.17 -21.14
N ARG C 368 -2.77 12.42 -21.23
CA ARG C 368 -1.76 12.63 -22.25
C ARG C 368 -1.60 11.38 -23.09
N SER C 369 -0.81 11.50 -24.16
CA SER C 369 -0.55 10.34 -25.01
C SER C 369 0.37 9.34 -24.32
N GLY C 370 1.44 9.84 -23.70
CA GLY C 370 2.37 8.99 -22.97
C GLY C 370 1.92 8.77 -21.54
N GLU C 371 0.88 7.98 -21.38
CA GLU C 371 0.28 7.76 -20.06
C GLU C 371 1.05 6.68 -19.31
N THR C 372 0.84 6.62 -18.00
CA THR C 372 1.46 5.60 -17.16
C THR C 372 0.39 4.80 -16.44
N SER C 373 0.80 3.95 -15.49
CA SER C 373 -0.16 3.17 -14.72
C SER C 373 -0.77 3.96 -13.57
N ASP C 374 -0.30 5.19 -13.33
CA ASP C 374 -0.86 6.00 -12.27
C ASP C 374 -2.24 6.52 -12.67
N THR C 375 -3.17 6.51 -11.72
CA THR C 375 -4.56 6.88 -11.96
C THR C 375 -4.95 8.09 -11.14
N ILE C 376 -4.10 9.11 -11.15
CA ILE C 376 -4.31 10.28 -10.29
C ILE C 376 -5.42 11.18 -10.82
N ILE C 377 -5.69 11.17 -12.13
CA ILE C 377 -6.66 12.10 -12.68
C ILE C 377 -8.08 11.71 -12.32
N ALA C 378 -8.33 10.42 -12.07
CA ALA C 378 -9.66 10.01 -11.61
C ALA C 378 -9.96 10.58 -10.22
N ASP C 379 -9.00 10.45 -9.30
CA ASP C 379 -9.15 11.03 -7.97
C ASP C 379 -9.24 12.54 -8.05
N LEU C 380 -8.47 13.16 -8.97
CA LEU C 380 -8.54 14.60 -9.14
C LEU C 380 -9.91 15.05 -9.62
N ALA C 381 -10.49 14.31 -10.56
CA ALA C 381 -11.81 14.67 -11.08
C ALA C 381 -12.90 14.45 -10.06
N VAL C 382 -12.79 13.40 -9.23
CA VAL C 382 -13.79 13.18 -8.20
C VAL C 382 -13.67 14.22 -7.09
N ALA C 383 -12.45 14.56 -6.70
CA ALA C 383 -12.24 15.42 -5.54
C ALA C 383 -12.79 16.82 -5.76
N THR C 384 -12.57 17.39 -6.94
CA THR C 384 -12.96 18.77 -7.20
C THR C 384 -14.43 18.91 -7.61
N CYS C 385 -15.15 17.80 -7.77
CA CYS C 385 -16.60 17.80 -8.02
C CYS C 385 -16.96 18.56 -9.29
N SER C 386 -16.07 18.58 -10.27
CA SER C 386 -16.37 19.09 -11.61
C SER C 386 -16.55 17.86 -12.49
N GLY C 387 -17.78 17.45 -12.71
CA GLY C 387 -17.97 16.15 -13.30
C GLY C 387 -17.97 16.13 -14.81
N GLN C 388 -16.76 15.94 -15.36
CA GLN C 388 -16.43 15.68 -16.75
C GLN C 388 -14.98 15.22 -16.76
N ILE C 389 -14.68 14.18 -17.54
CA ILE C 389 -13.33 13.65 -17.61
C ILE C 389 -13.04 13.19 -19.02
N LYS C 390 -11.78 13.32 -19.44
CA LYS C 390 -11.31 12.89 -20.74
C LYS C 390 -10.12 11.96 -20.51
N THR C 391 -10.38 10.66 -20.36
CA THR C 391 -9.34 9.69 -20.02
C THR C 391 -9.28 8.53 -21.00
N GLY C 392 -9.68 8.76 -22.25
CA GLY C 392 -9.54 7.75 -23.28
C GLY C 392 -10.72 6.80 -23.36
N SER C 393 -10.58 5.82 -24.24
CA SER C 393 -11.64 4.88 -24.55
C SER C 393 -11.43 3.55 -23.82
N LEU C 394 -12.26 2.58 -24.16
CA LEU C 394 -12.33 1.30 -23.44
C LEU C 394 -11.55 0.22 -24.18
N SER C 395 -10.22 0.39 -24.31
CA SER C 395 -9.47 -0.60 -25.08
C SER C 395 -8.07 -0.95 -24.58
N ARG C 396 -7.58 -0.38 -23.49
CA ARG C 396 -6.24 -0.72 -23.01
C ARG C 396 -6.05 -0.23 -21.58
N SER C 397 -5.12 -0.86 -20.87
CA SER C 397 -5.07 -0.77 -19.41
C SER C 397 -4.70 0.63 -18.92
N ASP C 398 -3.86 1.34 -19.66
CA ASP C 398 -3.58 2.74 -19.34
C ASP C 398 -4.79 3.64 -19.52
N ARG C 399 -5.84 3.16 -20.19
CA ARG C 399 -7.12 3.85 -20.25
C ARG C 399 -8.20 3.19 -19.42
N ILE C 400 -8.02 1.91 -19.04
CA ILE C 400 -9.02 1.19 -18.25
C ILE C 400 -8.82 1.37 -16.75
N ALA C 401 -7.59 1.66 -16.31
CA ALA C 401 -7.33 1.81 -14.88
C ALA C 401 -8.09 2.97 -14.29
N LYS C 402 -8.26 4.06 -15.05
CA LYS C 402 -9.01 5.21 -14.56
C LYS C 402 -10.49 4.85 -14.35
N TYR C 403 -11.08 4.12 -15.30
CA TYR C 403 -12.47 3.71 -15.13
C TYR C 403 -12.64 2.71 -14.00
N ASN C 404 -11.66 1.83 -13.80
CA ASN C 404 -11.71 0.91 -12.67
C ASN C 404 -11.64 1.65 -11.34
N GLN C 405 -10.77 2.67 -11.27
CA GLN C 405 -10.71 3.49 -10.07
C GLN C 405 -12.02 4.22 -9.83
N LEU C 406 -12.64 4.70 -10.92
CA LEU C 406 -13.93 5.39 -10.78
C LEU C 406 -15.02 4.43 -10.29
N LEU C 407 -14.99 3.17 -10.76
CA LEU C 407 -15.94 2.18 -10.26
C LEU C 407 -15.74 1.90 -8.77
N ARG C 408 -14.48 1.78 -8.34
CA ARG C 408 -14.21 1.57 -6.91
C ARG C 408 -14.68 2.75 -6.08
N ILE C 409 -14.44 3.98 -6.56
CA ILE C 409 -14.88 5.17 -5.85
C ILE C 409 -16.41 5.21 -5.78
N GLU C 410 -17.08 4.88 -6.88
CA GLU C 410 -18.53 4.88 -6.94
C GLU C 410 -19.14 3.83 -6.02
N GLU C 411 -18.45 2.71 -5.79
CA GLU C 411 -19.00 1.73 -4.85
C GLU C 411 -18.66 2.03 -3.40
N GLU C 412 -17.56 2.75 -3.14
CA GLU C 412 -17.19 3.07 -1.77
C GLU C 412 -17.84 4.35 -1.26
N LEU C 413 -18.53 5.08 -2.12
CA LEU C 413 -19.28 6.28 -1.78
C LEU C 413 -20.74 6.12 -2.15
N GLY C 414 -21.33 4.97 -1.78
CA GLY C 414 -22.59 4.56 -2.38
C GLY C 414 -23.72 5.55 -2.19
N GLU C 415 -23.89 6.05 -0.97
CA GLU C 415 -24.94 7.03 -0.71
C GLU C 415 -24.55 8.44 -1.18
N ASN C 416 -23.27 8.79 -1.07
CA ASN C 416 -22.82 10.17 -1.19
C ASN C 416 -22.16 10.49 -2.53
N ALA C 417 -22.25 9.60 -3.51
CA ALA C 417 -21.76 9.87 -4.85
C ALA C 417 -22.93 9.93 -5.81
N ILE C 418 -23.06 11.03 -6.55
CA ILE C 418 -24.18 11.22 -7.46
C ILE C 418 -23.65 11.53 -8.85
N TYR C 419 -24.40 11.09 -9.86
CA TYR C 419 -23.99 11.21 -11.25
C TYR C 419 -24.80 12.29 -11.96
N PRO C 420 -24.22 13.43 -12.29
CA PRO C 420 -24.93 14.49 -13.03
C PRO C 420 -24.93 14.24 -14.53
N GLY C 421 -25.90 13.44 -14.98
CA GLY C 421 -25.94 12.98 -16.36
C GLY C 421 -25.92 14.09 -17.39
N ILE C 422 -27.01 14.85 -17.49
CA ILE C 422 -27.08 15.93 -18.47
C ILE C 422 -26.93 17.30 -17.82
N LYS C 423 -27.08 17.39 -16.49
CA LYS C 423 -26.92 18.66 -15.80
C LYS C 423 -25.47 19.13 -15.74
N ALA C 424 -24.50 18.27 -16.09
CA ALA C 424 -23.10 18.62 -16.01
C ALA C 424 -22.64 19.55 -17.14
N PHE C 425 -23.46 19.74 -18.16
CA PHE C 425 -23.14 20.63 -19.27
C PHE C 425 -23.85 21.96 -19.01
N VAL C 426 -23.14 22.89 -18.40
CA VAL C 426 -23.69 24.20 -18.05
C VAL C 426 -23.37 25.13 -19.22
N PHE C 427 -24.25 25.12 -20.23
CA PHE C 427 -24.15 26.02 -21.36
C PHE C 427 -25.45 26.71 -21.70
N ASN C 428 -26.58 26.28 -21.14
CA ASN C 428 -27.87 26.90 -21.37
C ASN C 428 -28.45 27.32 -20.02
N SER C 429 -29.04 28.53 -20.00
CA SER C 429 -29.58 29.14 -18.79
C SER C 429 -28.53 29.24 -17.69
N MET D 1 12.52 -23.83 -12.41
CA MET D 1 12.54 -23.58 -10.97
C MET D 1 13.81 -24.17 -10.39
N LYS D 2 14.43 -23.47 -9.44
CA LYS D 2 15.80 -23.76 -9.04
C LYS D 2 15.99 -24.16 -7.59
N ASN D 3 15.04 -23.87 -6.71
CA ASN D 3 15.20 -24.14 -5.29
C ASN D 3 14.11 -25.07 -4.78
N ILE D 4 13.90 -26.18 -5.49
CA ILE D 4 12.75 -27.06 -5.25
C ILE D 4 12.81 -27.69 -3.86
N ASP D 5 14.00 -28.07 -3.41
CA ASP D 5 14.13 -28.67 -2.08
C ASP D 5 13.70 -27.70 -0.98
N LYS D 6 14.10 -26.44 -1.11
CA LYS D 6 13.67 -25.43 -0.15
C LYS D 6 12.16 -25.25 -0.18
N TYR D 7 11.56 -25.33 -1.37
CA TYR D 7 10.11 -25.22 -1.50
C TYR D 7 9.41 -26.35 -0.75
N TYR D 8 9.88 -27.58 -0.95
CA TYR D 8 9.25 -28.73 -0.28
C TYR D 8 9.45 -28.66 1.22
N MET D 9 10.62 -28.22 1.67
CA MET D 9 10.83 -28.08 3.12
C MET D 9 9.98 -26.97 3.71
N GLN D 10 9.74 -25.89 2.96
CA GLN D 10 8.83 -24.84 3.43
C GLN D 10 7.40 -25.36 3.55
N GLN D 11 6.96 -26.16 2.58
CA GLN D 11 5.63 -26.75 2.68
C GLN D 11 5.54 -27.69 3.88
N ALA D 12 6.59 -28.47 4.14
CA ALA D 12 6.61 -29.34 5.31
C ALA D 12 6.55 -28.54 6.60
N LEU D 13 7.25 -27.39 6.65
CA LEU D 13 7.20 -26.55 7.84
C LEU D 13 5.82 -25.94 8.03
N THR D 14 5.14 -25.58 6.95
CA THR D 14 3.77 -25.10 7.07
C THR D 14 2.84 -26.18 7.61
N LEU D 15 2.98 -27.41 7.13
CA LEU D 15 2.19 -28.50 7.69
C LEU D 15 2.52 -28.73 9.16
N ALA D 16 3.79 -28.57 9.54
CA ALA D 16 4.17 -28.70 10.94
C ALA D 16 3.50 -27.63 11.79
N ASN D 17 3.45 -26.39 11.28
CA ASN D 17 2.80 -25.31 12.01
C ASN D 17 1.28 -25.48 12.07
N ARG D 18 0.71 -26.29 11.18
CA ARG D 18 -0.72 -26.55 11.24
C ARG D 18 -1.16 -27.18 12.56
N GLY D 19 -0.24 -27.79 13.30
CA GLY D 19 -0.57 -28.39 14.59
C GLY D 19 -0.06 -27.61 15.78
N ARG D 20 -0.22 -26.29 15.75
CA ARG D 20 0.43 -25.42 16.73
C ARG D 20 -0.16 -25.58 18.14
N LEU D 21 -1.48 -25.75 18.24
CA LEU D 21 -2.15 -25.62 19.53
C LEU D 21 -2.24 -26.91 20.34
N THR D 22 -2.27 -28.08 19.69
CA THR D 22 -2.71 -29.31 20.35
C THR D 22 -1.71 -30.44 20.17
N VAL D 23 -0.43 -30.18 20.45
CA VAL D 23 0.59 -31.23 20.33
C VAL D 23 1.46 -31.39 21.57
N SER D 24 1.53 -30.42 22.48
CA SER D 24 2.40 -30.56 23.63
C SER D 24 1.95 -31.73 24.50
N PRO D 25 2.88 -32.53 25.05
CA PRO D 25 4.34 -32.35 25.02
C PRO D 25 5.07 -32.92 23.81
N ASN D 26 4.36 -33.41 22.81
CA ASN D 26 4.99 -33.89 21.60
C ASN D 26 5.43 -32.71 20.73
N PRO D 27 6.42 -32.89 19.85
CA PRO D 27 6.88 -31.78 19.01
C PRO D 27 5.98 -31.59 17.79
N MET D 28 6.35 -30.58 17.01
CA MET D 28 5.62 -30.18 15.82
C MET D 28 6.37 -30.70 14.59
N VAL D 29 5.80 -31.67 13.90
CA VAL D 29 6.46 -32.37 12.81
C VAL D 29 5.52 -32.44 11.61
N GLY D 30 6.04 -32.09 10.43
CA GLY D 30 5.34 -32.27 9.18
C GLY D 30 6.09 -33.25 8.28
N CYS D 31 5.45 -33.60 7.17
CA CYS D 31 6.04 -34.60 6.28
C CYS D 31 5.43 -34.50 4.89
N ILE D 32 6.30 -34.53 3.89
CA ILE D 32 5.95 -34.56 2.47
C ILE D 32 6.61 -35.78 1.85
N ILE D 33 5.88 -36.51 1.02
CA ILE D 33 6.43 -37.59 0.22
C ILE D 33 6.24 -37.25 -1.25
N VAL D 34 7.34 -37.19 -2.00
CA VAL D 34 7.34 -36.75 -3.39
C VAL D 34 7.88 -37.88 -4.25
N LYS D 35 7.11 -38.29 -5.25
CA LYS D 35 7.57 -39.28 -6.23
C LYS D 35 7.24 -38.77 -7.63
N ASN D 36 8.23 -38.86 -8.52
CA ASN D 36 8.11 -38.40 -9.91
C ASN D 36 7.71 -36.93 -9.98
N GLY D 37 8.25 -36.13 -9.04
CA GLY D 37 8.01 -34.70 -9.03
C GLY D 37 6.62 -34.28 -8.56
N ALA D 38 5.77 -35.22 -8.18
CA ALA D 38 4.41 -34.92 -7.73
C ALA D 38 4.27 -35.31 -6.27
N ILE D 39 3.69 -34.40 -5.48
CA ILE D 39 3.47 -34.64 -4.05
C ILE D 39 2.28 -35.58 -3.93
N ILE D 40 2.54 -36.87 -3.68
CA ILE D 40 1.43 -37.72 -3.26
C ILE D 40 1.71 -38.32 -1.89
N SER D 41 1.58 -37.47 -0.87
CA SER D 41 1.32 -37.77 0.53
C SER D 41 1.41 -36.45 1.28
N GLU D 42 0.78 -36.36 2.45
CA GLU D 42 0.90 -35.18 3.31
C GLU D 42 0.70 -35.64 4.74
N GLY D 43 1.45 -35.06 5.66
CA GLY D 43 1.23 -35.42 7.04
C GLY D 43 1.67 -34.39 8.04
N TRP D 44 0.97 -34.32 9.17
CA TRP D 44 1.39 -33.50 10.29
C TRP D 44 0.98 -34.17 11.58
N HIS D 45 1.69 -33.86 12.65
CA HIS D 45 1.41 -34.44 13.95
C HIS D 45 0.40 -33.58 14.69
N GLU D 46 -0.74 -34.18 15.03
CA GLU D 46 -1.77 -33.54 15.83
C GLU D 46 -2.23 -34.52 16.89
N THR D 47 -2.54 -34.00 18.08
CA THR D 47 -3.00 -34.74 19.26
C THR D 47 -1.86 -35.59 19.83
N VAL D 48 -1.85 -35.78 21.14
CA VAL D 48 -0.86 -36.62 21.81
C VAL D 48 -1.34 -38.06 21.76
N GLY D 49 -0.47 -38.96 21.30
CA GLY D 49 -0.78 -40.38 21.27
C GLY D 49 -1.37 -40.90 19.98
N GLU D 50 -1.72 -40.01 19.05
CA GLU D 50 -2.27 -40.43 17.76
C GLU D 50 -1.12 -40.85 16.83
N ALA D 51 -1.44 -41.04 15.55
CA ALA D 51 -0.44 -41.47 14.59
C ALA D 51 0.62 -40.41 14.37
N HIS D 52 1.86 -40.85 14.22
CA HIS D 52 2.97 -39.95 13.95
C HIS D 52 2.84 -39.35 12.55
N ALA D 53 3.62 -38.31 12.29
CA ALA D 53 3.54 -37.62 11.00
C ALA D 53 3.92 -38.54 9.85
N GLU D 54 4.99 -39.31 10.02
CA GLU D 54 5.40 -40.25 8.97
C GLU D 54 4.38 -41.36 8.79
N VAL D 55 3.84 -41.89 9.89
CA VAL D 55 2.82 -42.93 9.80
C VAL D 55 1.55 -42.37 9.16
N HIS D 56 1.15 -41.17 9.56
CA HIS D 56 -0.03 -40.54 8.97
C HIS D 56 0.16 -40.30 7.47
N ALA D 57 1.38 -39.96 7.06
CA ALA D 57 1.64 -39.72 5.65
C ALA D 57 1.70 -41.01 4.85
N LEU D 58 2.30 -42.06 5.42
CA LEU D 58 2.56 -43.29 4.68
C LEU D 58 1.48 -44.35 4.83
N ILE D 59 0.46 -44.12 5.66
CA ILE D 59 -0.59 -45.12 5.76
C ILE D 59 -1.61 -45.00 4.63
N LYS D 60 -1.74 -43.80 4.05
CA LYS D 60 -2.66 -43.64 2.92
C LYS D 60 -2.06 -44.17 1.63
N VAL D 61 -0.75 -44.06 1.46
CA VAL D 61 -0.05 -44.60 0.29
C VAL D 61 0.61 -45.91 0.72
N GLY D 62 -0.13 -47.01 0.51
CA GLY D 62 0.37 -48.30 0.96
C GLY D 62 1.58 -48.79 0.18
N ASP D 63 1.56 -48.65 -1.14
CA ASP D 63 2.62 -49.19 -1.98
C ASP D 63 3.05 -48.27 -3.11
N LYS D 64 2.52 -47.06 -3.21
CA LYS D 64 2.91 -46.11 -4.25
C LYS D 64 4.11 -45.27 -3.86
N ALA D 65 4.65 -45.45 -2.66
CA ALA D 65 5.78 -44.67 -2.17
C ALA D 65 7.12 -45.33 -2.44
N LYS D 66 7.14 -46.43 -3.19
CA LYS D 66 8.38 -47.17 -3.45
C LYS D 66 9.30 -46.34 -4.33
N GLY D 67 10.47 -45.97 -3.81
CA GLY D 67 11.42 -45.17 -4.54
C GLY D 67 11.19 -43.68 -4.47
N ALA D 68 10.42 -43.20 -3.50
CA ALA D 68 10.06 -41.80 -3.41
C ALA D 68 11.10 -41.03 -2.60
N THR D 69 10.78 -39.79 -2.25
CA THR D 69 11.64 -38.93 -1.45
C THR D 69 10.82 -38.37 -0.30
N ALA D 70 11.42 -38.31 0.88
CA ALA D 70 10.74 -37.84 2.09
C ALA D 70 11.37 -36.55 2.58
N TYR D 71 10.54 -35.53 2.76
CA TYR D 71 10.93 -34.28 3.39
C TYR D 71 10.27 -34.26 4.77
N VAL D 72 11.08 -34.41 5.80
CA VAL D 72 10.59 -34.58 7.17
C VAL D 72 11.25 -33.51 8.05
N THR D 73 10.44 -32.80 8.84
CA THR D 73 10.93 -31.65 9.58
C THR D 73 11.92 -32.06 10.67
N LEU D 74 11.64 -33.13 11.41
CA LEU D 74 12.47 -33.55 12.52
C LEU D 74 12.99 -34.96 12.26
N GLU D 75 14.09 -35.30 12.92
CA GLU D 75 14.66 -36.64 12.76
C GLU D 75 13.67 -37.68 13.25
N PRO D 76 13.38 -38.73 12.47
CA PRO D 76 12.42 -39.74 12.92
C PRO D 76 12.88 -40.45 14.18
N CYS D 77 11.92 -40.79 15.03
CA CYS D 77 12.22 -41.45 16.28
C CYS D 77 12.68 -42.89 16.03
N CYS D 78 13.59 -43.36 16.87
CA CYS D 78 14.16 -44.70 16.75
C CYS D 78 13.73 -45.63 17.86
N HIS D 79 13.89 -45.22 19.12
CA HIS D 79 13.52 -46.04 20.27
C HIS D 79 12.53 -45.37 21.20
N HIS D 80 12.04 -44.17 20.86
CA HIS D 80 11.14 -43.45 21.75
C HIS D 80 9.77 -44.12 21.74
N GLY D 81 9.03 -43.94 22.84
CA GLY D 81 7.77 -44.63 23.04
C GLY D 81 6.54 -43.89 22.54
N ARG D 82 6.74 -42.80 21.80
CA ARG D 82 5.60 -42.05 21.27
C ARG D 82 4.82 -42.86 20.25
N THR D 83 5.51 -43.66 19.44
CA THR D 83 4.90 -44.41 18.35
C THR D 83 5.85 -45.53 17.97
N PRO D 84 5.36 -46.56 17.26
CA PRO D 84 6.27 -47.52 16.64
C PRO D 84 7.24 -46.81 15.71
N PRO D 85 8.48 -47.30 15.61
CA PRO D 85 9.54 -46.50 14.98
C PRO D 85 9.23 -46.14 13.53
N CYS D 86 9.26 -44.84 13.25
CA CYS D 86 8.97 -44.35 11.91
C CYS D 86 10.06 -44.73 10.91
N THR D 87 11.29 -44.98 11.39
CA THR D 87 12.34 -45.47 10.50
C THR D 87 11.97 -46.84 9.93
N ASP D 88 11.34 -47.69 10.73
CA ASP D 88 10.88 -48.98 10.24
C ASP D 88 9.82 -48.80 9.15
N THR D 89 8.89 -47.87 9.36
CA THR D 89 7.86 -47.62 8.34
C THR D 89 8.49 -47.08 7.06
N ILE D 90 9.47 -46.20 7.18
CA ILE D 90 10.16 -45.66 6.01
C ILE D 90 10.88 -46.77 5.26
N ILE D 91 11.56 -47.66 5.99
CA ILE D 91 12.30 -48.75 5.36
C ILE D 91 11.34 -49.71 4.66
N LYS D 92 10.24 -50.07 5.30
CA LYS D 92 9.29 -50.99 4.68
C LYS D 92 8.57 -50.38 3.48
N ALA D 93 8.26 -49.07 3.55
CA ALA D 93 7.58 -48.43 2.44
C ALA D 93 8.44 -48.33 1.19
N GLY D 94 9.76 -48.29 1.33
CA GLY D 94 10.64 -48.24 0.19
C GLY D 94 11.11 -46.86 -0.20
N ILE D 95 11.25 -45.95 0.76
CA ILE D 95 11.71 -44.60 0.45
C ILE D 95 13.19 -44.65 0.08
N LYS D 96 13.54 -44.02 -1.04
CA LYS D 96 14.91 -44.04 -1.54
C LYS D 96 15.77 -42.95 -0.93
N LYS D 97 15.21 -41.76 -0.69
CA LYS D 97 15.97 -40.64 -0.17
C LYS D 97 15.18 -39.95 0.93
N VAL D 98 15.86 -39.60 2.01
CA VAL D 98 15.25 -38.91 3.14
C VAL D 98 16.02 -37.63 3.40
N ILE D 99 15.31 -36.51 3.48
CA ILE D 99 15.90 -35.20 3.74
C ILE D 99 15.35 -34.69 5.06
N ILE D 100 16.24 -34.40 5.99
CA ILE D 100 15.87 -34.01 7.35
C ILE D 100 16.35 -32.59 7.60
N ALA D 101 15.50 -31.77 8.24
CA ALA D 101 15.88 -30.40 8.52
C ALA D 101 16.82 -30.31 9.70
N THR D 102 16.41 -30.85 10.86
CA THR D 102 17.21 -30.79 12.07
C THR D 102 17.33 -32.18 12.67
N LEU D 103 18.39 -32.36 13.46
CA LEU D 103 18.54 -33.57 14.25
C LEU D 103 17.66 -33.47 15.51
N ASP D 104 17.53 -34.60 16.20
CA ASP D 104 16.74 -34.62 17.41
C ASP D 104 17.43 -33.81 18.51
N PRO D 105 16.70 -32.98 19.25
CA PRO D 105 17.35 -32.11 20.24
C PRO D 105 18.04 -32.86 21.38
N ASN D 106 17.64 -34.09 21.67
CA ASN D 106 18.24 -34.83 22.76
C ASN D 106 19.60 -35.38 22.34
N PRO D 107 20.68 -35.05 23.05
CA PRO D 107 22.00 -35.62 22.69
C PRO D 107 22.07 -37.13 22.74
N LYS D 108 21.31 -37.76 23.65
CA LYS D 108 21.34 -39.22 23.75
C LYS D 108 20.62 -39.91 22.59
N VAL D 109 19.79 -39.18 21.85
CA VAL D 109 19.07 -39.76 20.72
C VAL D 109 19.56 -39.25 19.38
N ALA D 110 20.11 -38.03 19.33
CA ALA D 110 20.53 -37.42 18.08
C ALA D 110 21.60 -38.26 17.38
N GLY D 111 21.41 -38.45 16.07
CA GLY D 111 22.35 -39.18 15.26
C GLY D 111 22.18 -40.68 15.23
N LYS D 112 21.13 -41.21 15.86
CA LYS D 112 20.91 -42.66 15.83
C LYS D 112 19.88 -43.07 14.78
N GLY D 113 18.82 -42.27 14.61
CA GLY D 113 17.89 -42.53 13.51
C GLY D 113 18.55 -42.38 12.16
N VAL D 114 19.49 -41.43 12.04
CA VAL D 114 20.25 -41.28 10.80
C VAL D 114 21.08 -42.52 10.52
N GLU D 115 21.75 -43.06 11.54
CA GLU D 115 22.55 -44.27 11.35
C GLU D 115 21.68 -45.47 11.02
N ARG D 116 20.51 -45.57 11.67
CA ARG D 116 19.59 -46.67 11.36
C ARG D 116 19.10 -46.58 9.93
N LEU D 117 18.79 -45.38 9.45
CA LEU D 117 18.39 -45.21 8.06
C LEU D 117 19.52 -45.53 7.10
N LYS D 118 20.74 -45.10 7.42
CA LYS D 118 21.87 -45.32 6.52
C LYS D 118 22.37 -46.75 6.54
N ASN D 119 21.97 -47.54 7.54
CA ASN D 119 22.28 -48.97 7.52
C ASN D 119 21.58 -49.66 6.35
N ALA D 120 20.35 -49.28 6.07
CA ALA D 120 19.57 -49.87 4.99
C ALA D 120 19.88 -49.27 3.63
N GLY D 121 20.87 -48.39 3.54
CA GLY D 121 21.26 -47.79 2.28
C GLY D 121 20.50 -46.56 1.87
N ILE D 122 19.63 -46.03 2.73
CA ILE D 122 18.87 -44.84 2.41
C ILE D 122 19.79 -43.63 2.42
N THR D 123 19.62 -42.74 1.44
CA THR D 123 20.38 -41.50 1.39
C THR D 123 19.78 -40.50 2.36
N VAL D 124 20.61 -39.98 3.26
CA VAL D 124 20.17 -39.06 4.31
C VAL D 124 20.92 -37.74 4.17
N GLU D 125 20.17 -36.65 4.08
CA GLU D 125 20.72 -35.30 4.08
C GLU D 125 20.12 -34.54 5.25
N VAL D 126 20.97 -33.94 6.08
CA VAL D 126 20.54 -33.23 7.27
C VAL D 126 21.10 -31.81 7.23
N GLY D 127 20.22 -30.81 7.37
CA GLY D 127 20.68 -29.44 7.48
C GLY D 127 19.98 -28.45 6.58
N LEU D 128 18.90 -28.87 5.92
CA LEU D 128 18.16 -27.98 5.04
C LEU D 128 17.13 -27.20 5.85
N LEU D 129 17.21 -25.86 5.80
CA LEU D 129 16.34 -24.97 6.55
C LEU D 129 16.34 -25.32 8.04
N GLU D 130 17.54 -25.47 8.58
CA GLU D 130 17.70 -25.93 9.96
C GLU D 130 17.27 -24.86 10.97
N LYS D 131 17.65 -23.60 10.71
CA LYS D 131 17.37 -22.54 11.67
C LYS D 131 15.87 -22.30 11.83
N GLN D 132 15.13 -22.31 10.72
CA GLN D 132 13.68 -22.13 10.81
C GLN D 132 13.02 -23.29 11.53
N ALA D 133 13.49 -24.51 11.30
CA ALA D 133 12.93 -25.67 11.97
C ALA D 133 13.32 -25.74 13.44
N GLN D 134 14.39 -25.03 13.83
CA GLN D 134 14.71 -24.93 15.26
C GLN D 134 13.92 -23.80 15.93
N GLU D 135 13.62 -22.73 15.19
CA GLU D 135 12.81 -21.66 15.74
C GLU D 135 11.34 -22.05 15.85
N LEU D 136 10.85 -22.88 14.92
CA LEU D 136 9.48 -23.37 14.98
C LEU D 136 9.25 -24.23 16.22
N ASN D 137 10.25 -25.01 16.60
CA ASN D 137 10.18 -25.94 17.73
C ASN D 137 10.94 -25.41 18.95
N LYS D 138 10.83 -24.11 19.23
CA LYS D 138 11.63 -23.51 20.29
C LYS D 138 11.30 -24.11 21.66
N ILE D 139 10.02 -24.38 21.92
CA ILE D 139 9.61 -24.91 23.22
C ILE D 139 10.21 -26.29 23.45
N PHE D 140 10.05 -27.19 22.47
CA PHE D 140 10.55 -28.55 22.63
C PHE D 140 12.06 -28.58 22.64
N PHE D 141 12.71 -27.77 21.79
CA PHE D 141 14.16 -27.72 21.78
C PHE D 141 14.71 -27.22 23.10
N HIS D 142 14.11 -26.17 23.66
CA HIS D 142 14.54 -25.67 24.96
C HIS D 142 14.34 -26.69 26.05
N TYR D 143 13.17 -27.36 26.07
CA TYR D 143 12.89 -28.34 27.09
C TYR D 143 13.83 -29.54 27.00
N GLN D 144 14.18 -29.97 25.79
CA GLN D 144 15.05 -31.13 25.64
C GLN D 144 16.50 -30.79 25.92
N THR D 145 16.95 -29.59 25.55
CA THR D 145 18.34 -29.22 25.81
C THR D 145 18.59 -28.86 27.26
N THR D 146 17.58 -28.31 27.96
CA THR D 146 17.76 -27.81 29.30
C THR D 146 17.12 -28.68 30.38
N LYS D 147 16.10 -29.45 30.02
CA LYS D 147 15.27 -30.22 30.97
C LYS D 147 14.56 -29.31 31.96
N LYS D 148 14.27 -28.09 31.54
CA LYS D 148 13.48 -27.11 32.28
C LYS D 148 12.40 -26.56 31.37
N PRO D 149 11.24 -26.20 31.93
CA PRO D 149 10.14 -25.74 31.08
C PRO D 149 10.42 -24.41 30.41
N PHE D 150 9.80 -24.23 29.24
CA PHE D 150 9.71 -22.92 28.61
C PHE D 150 8.64 -22.12 29.34
N VAL D 151 8.93 -20.85 29.62
CA VAL D 151 8.08 -20.04 30.50
C VAL D 151 7.67 -18.76 29.79
N TYR D 152 6.39 -18.41 29.94
CA TYR D 152 5.82 -17.16 29.44
C TYR D 152 5.45 -16.27 30.62
N ALA D 153 5.68 -14.97 30.48
CA ALA D 153 5.20 -13.98 31.44
C ALA D 153 4.19 -13.09 30.74
N LYS D 154 2.99 -13.00 31.30
CA LYS D 154 1.89 -12.26 30.70
C LYS D 154 1.15 -11.48 31.78
N TRP D 155 0.96 -10.18 31.54
CA TRP D 155 0.20 -9.35 32.46
C TRP D 155 -0.37 -8.16 31.71
N ALA D 156 -1.37 -7.53 32.31
CA ALA D 156 -2.01 -6.35 31.75
C ALA D 156 -1.78 -5.17 32.69
N MET D 157 -1.55 -4.00 32.10
CA MET D 157 -1.26 -2.81 32.89
C MET D 157 -1.89 -1.60 32.21
N SER D 158 -2.14 -0.56 33.01
CA SER D 158 -2.77 0.66 32.54
C SER D 158 -1.71 1.60 31.95
N LEU D 159 -2.14 2.81 31.60
CA LEU D 159 -1.22 3.75 30.97
C LEU D 159 -0.24 4.34 31.98
N ASP D 160 -0.62 4.41 33.25
CA ASP D 160 0.25 4.96 34.29
C ASP D 160 1.13 3.91 34.94
N GLY D 161 0.99 2.64 34.57
CA GLY D 161 1.82 1.59 35.10
C GLY D 161 1.26 0.82 36.28
N LYS D 162 -0.06 0.74 36.42
CA LYS D 162 -0.70 0.03 37.51
C LYS D 162 -1.33 -1.25 36.97
N ILE D 163 -1.11 -2.36 37.66
CA ILE D 163 -1.61 -3.66 37.22
C ILE D 163 -2.98 -3.94 37.83
N ALA D 164 -3.15 -3.69 39.13
CA ALA D 164 -4.38 -4.00 39.84
C ALA D 164 -5.23 -2.75 40.02
N VAL D 165 -6.52 -2.89 39.75
CA VAL D 165 -7.47 -1.79 39.90
C VAL D 165 -7.76 -1.56 41.37
N ASN D 166 -8.42 -0.45 41.69
CA ASN D 166 -8.82 -0.17 43.07
C ASN D 166 -9.98 -1.08 43.47
N ASP D 167 -10.19 -1.17 44.78
CA ASP D 167 -11.15 -2.12 45.34
C ASP D 167 -12.57 -1.66 45.02
N GLY D 168 -13.26 -2.41 44.17
CA GLY D 168 -14.65 -2.13 43.87
C GLY D 168 -14.97 -2.02 42.39
N ASP D 169 -13.94 -1.99 41.54
CA ASP D 169 -14.15 -1.77 40.12
C ASP D 169 -14.41 -3.09 39.40
N SER D 170 -14.58 -3.02 38.08
CA SER D 170 -14.98 -4.17 37.29
C SER D 170 -13.85 -5.16 37.05
N LYS D 171 -12.61 -4.82 37.38
CA LYS D 171 -11.44 -5.69 37.20
C LYS D 171 -11.28 -6.12 35.74
N LYS D 172 -11.43 -5.17 34.82
CA LYS D 172 -11.26 -5.42 33.40
C LYS D 172 -10.36 -4.36 32.81
N ILE D 173 -9.14 -4.76 32.39
CA ILE D 173 -8.21 -3.85 31.73
C ILE D 173 -7.81 -4.48 30.40
N SER D 174 -8.64 -5.38 29.89
CA SER D 174 -8.34 -6.11 28.67
C SER D 174 -9.57 -6.17 27.77
N SER D 175 -9.32 -6.34 26.47
CA SER D 175 -10.37 -6.42 25.46
C SER D 175 -10.59 -7.87 25.06
N HIS D 176 -11.40 -8.07 24.01
CA HIS D 176 -11.69 -9.43 23.55
C HIS D 176 -10.50 -10.09 22.88
N GLN D 177 -9.68 -9.32 22.16
CA GLN D 177 -8.50 -9.88 21.53
C GLN D 177 -7.49 -10.35 22.56
N ALA D 178 -7.35 -9.60 23.65
CA ALA D 178 -6.51 -10.06 24.77
C ALA D 178 -7.07 -11.33 25.38
N PHE D 179 -8.40 -11.44 25.46
CA PHE D 179 -9.04 -12.66 25.96
C PHE D 179 -8.69 -13.85 25.08
N VAL D 180 -8.79 -13.68 23.76
CA VAL D 180 -8.50 -14.76 22.82
C VAL D 180 -7.03 -15.17 22.90
N ASN D 181 -6.13 -14.18 22.94
CA ASN D 181 -4.71 -14.48 23.03
C ASN D 181 -4.37 -15.20 24.33
N THR D 182 -4.98 -14.75 25.44
CA THR D 182 -4.75 -15.38 26.74
C THR D 182 -5.19 -16.84 26.73
N HIS D 183 -6.37 -17.11 26.18
CA HIS D 183 -6.85 -18.50 26.20
C HIS D 183 -6.10 -19.38 25.21
N GLU D 184 -5.62 -18.82 24.10
CA GLU D 184 -4.76 -19.60 23.22
C GLU D 184 -3.44 -19.95 23.89
N LEU D 185 -2.84 -19.00 24.62
CA LEU D 185 -1.64 -19.30 25.38
C LEU D 185 -1.91 -20.31 26.49
N ARG D 186 -3.10 -20.29 27.08
CA ARG D 186 -3.46 -21.30 28.06
C ARG D 186 -3.57 -22.68 27.43
N ASN D 187 -4.14 -22.76 26.22
CA ASN D 187 -4.26 -24.04 25.54
C ASN D 187 -2.89 -24.58 25.15
N ILE D 188 -1.98 -23.71 24.72
CA ILE D 188 -0.65 -24.16 24.32
C ILE D 188 0.14 -24.67 25.51
N CYS D 189 0.14 -23.92 26.61
CA CYS D 189 0.98 -24.24 27.76
C CYS D 189 0.48 -25.47 28.50
N ASP D 190 1.43 -26.19 29.11
CA ASP D 190 1.11 -27.38 29.89
C ASP D 190 0.85 -27.09 31.35
N ALA D 191 1.03 -25.85 31.80
CA ALA D 191 0.80 -25.51 33.19
C ALA D 191 0.33 -24.06 33.27
N ILE D 192 -0.29 -23.72 34.39
CA ILE D 192 -0.66 -22.35 34.71
C ILE D 192 -0.26 -22.07 36.15
N LEU D 193 0.39 -20.92 36.37
CA LEU D 193 0.92 -20.58 37.68
C LEU D 193 0.44 -19.20 38.09
N ILE D 194 -0.10 -19.09 39.31
CA ILE D 194 -0.50 -17.83 39.89
C ILE D 194 0.06 -17.76 41.31
N GLY D 195 -0.27 -16.70 42.04
CA GLY D 195 0.13 -16.54 43.41
C GLY D 195 -1.03 -16.80 44.36
N LYS D 196 -0.68 -16.87 45.66
CA LYS D 196 -1.71 -17.00 46.69
C LYS D 196 -2.56 -15.74 46.78
N GLN D 197 -1.93 -14.56 46.71
CA GLN D 197 -2.66 -13.30 46.83
C GLN D 197 -3.62 -13.11 45.65
N THR D 198 -3.19 -13.48 44.44
CA THR D 198 -4.06 -13.35 43.28
C THR D 198 -5.30 -14.24 43.42
N LEU D 199 -5.12 -15.46 43.92
CA LEU D 199 -6.25 -16.36 44.11
C LEU D 199 -7.16 -15.86 45.21
N ILE D 200 -6.59 -15.27 46.27
CA ILE D 200 -7.41 -14.73 47.34
C ILE D 200 -8.25 -13.56 46.83
N ASP D 201 -7.63 -12.65 46.08
CA ASP D 201 -8.32 -11.44 45.64
C ASP D 201 -9.35 -11.73 44.55
N ASP D 202 -8.98 -12.53 43.55
CA ASP D 202 -9.79 -12.68 42.36
C ASP D 202 -10.63 -13.96 42.34
N ASN D 203 -10.16 -15.03 42.99
CA ASN D 203 -10.77 -16.35 42.91
C ASN D 203 -10.98 -16.81 41.47
N PRO D 204 -9.90 -17.03 40.73
CA PRO D 204 -10.04 -17.38 39.31
C PRO D 204 -10.05 -18.88 39.06
N SER D 205 -10.79 -19.27 38.03
CA SER D 205 -10.74 -20.60 37.47
C SER D 205 -9.93 -20.53 36.18
N LEU D 206 -8.86 -21.33 36.11
CA LEU D 206 -7.84 -21.18 35.08
C LEU D 206 -8.06 -22.12 33.90
N ASP D 207 -9.32 -22.36 33.54
CA ASP D 207 -9.65 -23.24 32.42
C ASP D 207 -9.56 -22.45 31.12
N VAL D 208 -10.05 -23.05 30.03
CA VAL D 208 -10.09 -22.42 28.71
C VAL D 208 -11.54 -22.23 28.32
N ARG D 209 -11.90 -20.98 27.97
CA ARG D 209 -13.29 -20.61 27.72
C ARG D 209 -13.47 -20.02 26.33
N ILE D 210 -12.83 -20.61 25.32
CA ILE D 210 -13.02 -20.20 23.94
C ILE D 210 -13.37 -21.43 23.11
N ASN D 211 -13.77 -21.18 21.87
CA ASN D 211 -14.25 -22.22 20.97
C ASN D 211 -13.11 -22.67 20.04
N ILE D 212 -12.42 -23.74 20.44
CA ILE D 212 -11.37 -24.35 19.65
C ILE D 212 -11.60 -25.85 19.61
N ASN D 213 -10.82 -26.53 18.76
CA ASN D 213 -11.10 -27.92 18.43
C ASN D 213 -10.98 -28.84 19.65
N LYS D 214 -9.86 -28.77 20.36
CA LYS D 214 -9.58 -29.66 21.47
C LYS D 214 -9.11 -28.85 22.66
N ILE D 215 -9.88 -28.90 23.75
CA ILE D 215 -9.56 -28.15 24.96
C ILE D 215 -8.52 -28.92 25.75
N LYS D 216 -7.41 -28.26 26.06
CA LYS D 216 -6.32 -28.85 26.85
C LYS D 216 -6.09 -27.95 28.06
N HIS D 217 -6.78 -28.27 29.16
CA HIS D 217 -6.69 -27.46 30.36
C HIS D 217 -5.31 -27.59 30.99
N PRO D 218 -4.65 -26.48 31.33
CA PRO D 218 -3.31 -26.57 31.91
C PRO D 218 -3.36 -27.03 33.36
N THR D 219 -2.22 -27.53 33.83
CA THR D 219 -2.07 -27.92 35.22
C THR D 219 -1.91 -26.69 36.08
N ARG D 220 -2.61 -26.66 37.21
CA ARG D 220 -2.63 -25.47 38.07
C ARG D 220 -1.58 -25.61 39.18
N PHE D 221 -0.75 -24.58 39.33
CA PHE D 221 0.20 -24.48 40.42
C PHE D 221 -0.12 -23.24 41.23
N ILE D 222 -0.22 -23.40 42.55
CA ILE D 222 -0.51 -22.30 43.46
C ILE D 222 0.71 -22.11 44.36
N LEU D 223 1.34 -20.95 44.24
CA LEU D 223 2.55 -20.63 44.98
C LEU D 223 2.19 -19.89 46.26
N ALA D 224 2.63 -20.42 47.39
CA ALA D 224 2.35 -19.81 48.68
C ALA D 224 3.53 -20.06 49.60
N ASN D 225 4.17 -18.99 50.07
CA ASN D 225 5.33 -19.14 50.95
C ASN D 225 4.95 -19.79 52.28
N HIS D 226 3.82 -19.38 52.86
CA HIS D 226 3.32 -19.97 54.10
C HIS D 226 1.88 -20.40 53.90
N LEU D 227 1.58 -21.65 54.22
CA LEU D 227 0.23 -22.21 54.06
C LEU D 227 -0.37 -22.38 55.45
N THR D 228 -1.39 -21.57 55.75
CA THR D 228 -2.06 -21.64 57.05
C THR D 228 -3.57 -21.68 56.89
N THR D 229 -4.08 -21.10 55.81
CA THR D 229 -5.52 -20.96 55.60
C THR D 229 -5.93 -21.68 54.32
N ILE D 230 -7.00 -22.48 54.43
CA ILE D 230 -7.60 -23.17 53.29
C ILE D 230 -9.07 -22.81 53.24
N ASN D 231 -9.53 -22.30 52.10
CA ASN D 231 -10.91 -21.86 51.93
C ASN D 231 -11.69 -22.91 51.16
N HIS D 232 -12.92 -23.16 51.61
CA HIS D 232 -13.77 -24.15 50.96
C HIS D 232 -14.35 -23.64 49.65
N ASN D 233 -14.48 -22.33 49.48
CA ASN D 233 -15.12 -21.75 48.32
C ASN D 233 -14.15 -21.47 47.17
N TRP D 234 -12.90 -21.91 47.30
CA TRP D 234 -11.94 -21.75 46.21
C TRP D 234 -12.37 -22.54 44.99
N ARG D 235 -12.21 -21.94 43.81
CA ARG D 235 -12.59 -22.59 42.57
C ARG D 235 -11.55 -23.59 42.08
N VAL D 236 -10.31 -23.52 42.60
CA VAL D 236 -9.26 -24.42 42.15
C VAL D 236 -9.29 -25.77 42.84
N LEU D 237 -10.08 -25.93 43.89
CA LEU D 237 -10.17 -27.20 44.58
C LEU D 237 -10.97 -28.23 43.79
N ASP D 238 -11.66 -27.83 42.72
CA ASP D 238 -12.39 -28.76 41.88
C ASP D 238 -11.41 -29.43 40.92
N GLN D 239 -11.32 -30.76 40.98
CA GLN D 239 -10.35 -31.52 40.23
C GLN D 239 -10.94 -32.19 39.00
N ARG D 240 -12.16 -31.81 38.59
CA ARG D 240 -12.83 -32.49 37.49
C ARG D 240 -12.14 -32.21 36.16
N HIS D 241 -11.60 -31.02 35.98
CA HIS D 241 -11.00 -30.62 34.70
C HIS D 241 -9.49 -30.75 34.67
N ALA D 242 -8.79 -30.31 35.70
CA ALA D 242 -7.33 -30.32 35.71
C ALA D 242 -6.86 -30.70 37.11
N LYS D 243 -5.57 -30.51 37.35
CA LYS D 243 -4.94 -30.86 38.63
C LYS D 243 -4.34 -29.61 39.26
N THR D 244 -4.35 -29.57 40.59
CA THR D 244 -3.85 -28.44 41.36
C THR D 244 -2.75 -28.91 42.30
N ILE D 245 -1.62 -28.21 42.30
CA ILE D 245 -0.48 -28.52 43.14
C ILE D 245 -0.10 -27.27 43.92
N PHE D 246 0.04 -27.40 45.23
CA PHE D 246 0.43 -26.29 46.11
C PHE D 246 1.93 -26.35 46.37
N VAL D 247 2.62 -25.25 46.10
CA VAL D 247 4.05 -25.14 46.33
C VAL D 247 4.27 -24.29 47.56
N CYS D 248 5.04 -24.81 48.52
CA CYS D 248 5.23 -24.11 49.78
C CYS D 248 6.55 -24.53 50.41
N SER D 249 7.00 -23.74 51.38
CA SER D 249 8.17 -24.06 52.19
C SER D 249 7.82 -24.45 53.62
N LYS D 250 6.73 -23.91 54.17
CA LYS D 250 6.26 -24.26 55.50
C LYS D 250 4.75 -24.48 55.43
N ILE D 251 4.30 -25.67 55.85
CA ILE D 251 2.90 -26.04 55.75
C ILE D 251 2.42 -26.52 57.12
N SER D 252 1.25 -26.06 57.54
CA SER D 252 0.69 -26.45 58.83
C SER D 252 0.20 -27.89 58.80
N ALA D 253 0.14 -28.49 59.98
CA ALA D 253 -0.32 -29.88 60.09
C ALA D 253 -1.80 -30.01 59.73
N GLN D 254 -2.63 -29.07 60.19
CA GLN D 254 -4.05 -29.09 59.85
C GLN D 254 -4.25 -28.88 58.36
N VAL D 255 -3.48 -27.95 57.77
CA VAL D 255 -3.55 -27.72 56.33
C VAL D 255 -3.13 -28.97 55.56
N ALA D 256 -2.06 -29.63 56.02
CA ALA D 256 -1.61 -30.85 55.36
C ALA D 256 -2.65 -31.95 55.43
N THR D 257 -3.28 -32.11 56.60
CA THR D 257 -4.33 -33.13 56.73
C THR D 257 -5.54 -32.81 55.85
N LYS D 258 -5.92 -31.54 55.79
CA LYS D 258 -7.04 -31.14 54.93
C LYS D 258 -6.72 -31.39 53.47
N LEU D 259 -5.49 -31.08 53.04
CA LEU D 259 -5.10 -31.34 51.66
C LEU D 259 -5.07 -32.84 51.36
N ASN D 260 -4.60 -33.65 52.31
CA ASN D 260 -4.61 -35.08 52.12
C ASN D 260 -6.03 -35.61 52.00
N GLN D 261 -6.95 -35.08 52.80
CA GLN D 261 -8.36 -35.46 52.67
C GLN D 261 -8.94 -35.03 51.32
N LEU D 262 -8.57 -33.84 50.85
CA LEU D 262 -9.09 -33.32 49.59
C LEU D 262 -8.40 -33.91 48.37
N GLY D 263 -7.27 -34.60 48.55
CA GLY D 263 -6.56 -35.16 47.42
C GLY D 263 -5.60 -34.21 46.73
N ILE D 264 -5.34 -33.04 47.31
CA ILE D 264 -4.44 -32.07 46.71
C ILE D 264 -3.01 -32.41 47.10
N GLU D 265 -2.11 -32.42 46.12
CA GLU D 265 -0.71 -32.75 46.34
C GLU D 265 0.08 -31.48 46.60
N TYR D 266 0.86 -31.48 47.68
CA TYR D 266 1.68 -30.33 48.03
C TYR D 266 3.15 -30.65 47.85
N TRP D 267 3.93 -29.63 47.46
CA TRP D 267 5.37 -29.75 47.25
C TRP D 267 6.09 -28.89 48.27
N LEU D 268 7.01 -29.49 49.00
CA LEU D 268 7.79 -28.79 50.01
C LEU D 268 9.18 -28.50 49.45
N LEU D 269 9.53 -27.23 49.35
CA LEU D 269 10.78 -26.79 48.75
C LEU D 269 11.48 -25.81 49.67
N PRO D 270 12.81 -25.72 49.61
CA PRO D 270 13.52 -24.77 50.46
C PRO D 270 13.26 -23.32 50.04
N GLN D 271 13.55 -22.42 50.97
CA GLN D 271 13.33 -21.00 50.77
C GLN D 271 14.60 -20.33 50.25
N SER D 272 14.44 -19.46 49.25
CA SER D 272 15.56 -18.74 48.67
C SER D 272 15.09 -17.41 48.12
N GLN D 273 15.71 -16.33 48.58
CA GLN D 273 15.46 -14.97 48.09
C GLN D 273 14.00 -14.57 48.25
N HIS D 274 13.52 -14.68 49.49
CA HIS D 274 12.15 -14.31 49.90
C HIS D 274 11.07 -15.09 49.13
N GLN D 275 11.46 -16.17 48.47
CA GLN D 275 10.54 -17.03 47.73
C GLN D 275 10.92 -18.47 48.00
N VAL D 276 10.18 -19.39 47.40
CA VAL D 276 10.60 -20.80 47.39
C VAL D 276 11.70 -20.93 46.35
N CYS D 277 12.43 -22.04 46.38
CA CYS D 277 13.50 -22.25 45.42
C CYS D 277 12.90 -22.47 44.04
N LEU D 278 13.02 -21.46 43.17
CA LEU D 278 12.40 -21.56 41.85
C LEU D 278 13.17 -22.50 40.93
N ASP D 279 14.49 -22.59 41.08
CA ASP D 279 15.26 -23.51 40.25
C ASP D 279 14.89 -24.96 40.56
N THR D 280 14.74 -25.29 41.84
CA THR D 280 14.31 -26.64 42.21
C THR D 280 12.89 -26.92 41.70
N LEU D 281 12.03 -25.91 41.75
CA LEU D 281 10.67 -26.07 41.23
C LEU D 281 10.69 -26.33 39.72
N LEU D 282 11.55 -25.61 38.98
CA LEU D 282 11.66 -25.85 37.55
C LEU D 282 12.21 -27.24 37.26
N GLU D 283 13.19 -27.69 38.05
CA GLU D 283 13.72 -29.04 37.86
C GLU D 283 12.66 -30.10 38.11
N LYS D 284 11.87 -29.93 39.18
CA LYS D 284 10.79 -30.87 39.46
C LYS D 284 9.73 -30.86 38.37
N MET D 285 9.40 -29.68 37.86
CA MET D 285 8.46 -29.57 36.75
C MET D 285 8.97 -30.30 35.51
N GLY D 286 10.25 -30.13 35.19
CA GLY D 286 10.82 -30.85 34.06
C GLY D 286 10.82 -32.35 34.27
N LYS D 287 11.10 -32.79 35.50
CA LYS D 287 11.15 -34.22 35.78
C LYS D 287 9.77 -34.86 35.69
N ILE D 288 8.73 -34.17 36.16
CA ILE D 288 7.42 -34.81 36.23
C ILE D 288 6.68 -34.82 34.90
N GLY D 289 6.94 -33.86 34.00
CA GLY D 289 6.35 -33.96 32.68
C GLY D 289 5.91 -32.68 31.99
N ILE D 290 5.82 -31.57 32.72
CA ILE D 290 5.41 -30.30 32.11
C ILE D 290 6.50 -29.78 31.19
N THR D 291 6.10 -29.34 29.99
CA THR D 291 6.99 -28.79 28.98
C THR D 291 6.95 -27.27 28.90
N SER D 292 5.76 -26.67 29.00
CA SER D 292 5.60 -25.22 28.94
C SER D 292 4.95 -24.72 30.22
N LEU D 293 5.41 -23.55 30.66
CA LEU D 293 4.90 -22.93 31.89
C LEU D 293 4.38 -21.54 31.56
N LEU D 294 3.27 -21.18 32.20
CA LEU D 294 2.64 -19.88 31.99
C LEU D 294 2.45 -19.19 33.33
N VAL D 295 3.01 -17.99 33.47
CA VAL D 295 2.92 -17.20 34.69
C VAL D 295 2.05 -15.98 34.41
N GLU D 296 0.93 -15.89 35.12
CA GLU D 296 0.00 -14.78 34.95
C GLU D 296 -0.29 -14.14 36.30
N GLY D 297 -0.32 -12.81 36.32
CA GLY D 297 -0.83 -12.07 37.45
C GLY D 297 0.02 -12.07 38.70
N GLY D 298 -0.16 -11.05 39.53
CA GLY D 298 0.55 -10.95 40.79
C GLY D 298 1.86 -10.20 40.65
N ASN D 299 1.96 -9.03 41.28
CA ASN D 299 3.20 -8.27 41.22
C ASN D 299 4.33 -9.01 41.92
N LYS D 300 4.02 -9.68 43.04
CA LYS D 300 5.03 -10.45 43.76
C LYS D 300 5.59 -11.58 42.89
N THR D 301 4.71 -12.41 42.33
CA THR D 301 5.14 -13.54 41.54
C THR D 301 5.87 -13.11 40.28
N LEU D 302 5.34 -12.11 39.57
CA LEU D 302 5.97 -11.61 38.36
C LEU D 302 7.34 -11.01 38.65
N ASN D 303 7.44 -10.23 39.72
CA ASN D 303 8.72 -9.62 40.08
C ASN D 303 9.72 -10.69 40.48
N SER D 304 9.26 -11.73 41.19
CA SER D 304 10.15 -12.83 41.58
C SER D 304 10.68 -13.56 40.35
N PHE D 305 9.82 -13.79 39.35
CA PHE D 305 10.26 -14.51 38.16
C PHE D 305 11.11 -13.65 37.24
N ILE D 306 10.87 -12.34 37.21
CA ILE D 306 11.54 -11.50 36.21
C ILE D 306 12.98 -11.22 36.60
N ASN D 307 13.23 -10.80 37.84
CA ASN D 307 14.57 -10.39 38.22
C ASN D 307 15.53 -11.57 38.41
N GLN D 308 15.04 -12.80 38.34
CA GLN D 308 15.88 -13.99 38.43
C GLN D 308 16.19 -14.59 37.06
N LYS D 309 15.82 -13.89 35.98
CA LYS D 309 16.18 -14.23 34.59
C LYS D 309 15.57 -15.54 34.11
N LEU D 310 14.53 -16.04 34.78
CA LEU D 310 13.87 -17.26 34.33
C LEU D 310 13.08 -17.04 33.04
N VAL D 311 12.49 -15.86 32.86
CA VAL D 311 11.49 -15.64 31.83
C VAL D 311 12.14 -15.71 30.44
N ASN D 312 11.45 -16.36 29.49
CA ASN D 312 11.92 -16.52 28.12
C ASN D 312 11.24 -15.57 27.14
N GLU D 313 9.92 -15.38 27.26
CA GLU D 313 9.21 -14.43 26.43
C GLU D 313 8.19 -13.69 27.27
N PHE D 314 7.81 -12.50 26.81
CA PHE D 314 6.92 -11.61 27.54
C PHE D 314 5.67 -11.31 26.73
N TYR D 315 4.62 -10.89 27.43
CA TYR D 315 3.37 -10.46 26.81
C TYR D 315 2.73 -9.39 27.70
N THR D 316 2.45 -8.23 27.13
CA THR D 316 1.91 -7.10 27.88
C THR D 316 0.65 -6.60 27.20
N TYR D 317 -0.42 -6.42 27.98
CA TYR D 317 -1.69 -5.89 27.48
C TYR D 317 -1.87 -4.49 28.06
N LEU D 318 -1.66 -3.46 27.24
CA LEU D 318 -1.76 -2.08 27.67
C LEU D 318 -3.09 -1.51 27.20
N ALA D 319 -3.90 -1.03 28.15
CA ALA D 319 -5.21 -0.46 27.88
C ALA D 319 -5.20 1.04 28.09
N PRO D 320 -6.08 1.79 27.40
CA PRO D 320 -6.14 3.25 27.61
C PRO D 320 -7.02 3.64 28.79
N VAL D 321 -6.54 3.36 30.00
CA VAL D 321 -7.23 3.73 31.23
C VAL D 321 -6.22 4.33 32.19
N ILE D 322 -6.73 5.08 33.16
CA ILE D 322 -5.92 5.66 34.23
C ILE D 322 -6.42 5.10 35.56
N ILE D 323 -5.50 4.51 36.32
CA ILE D 323 -5.82 3.86 37.60
C ILE D 323 -5.03 4.59 38.67
N ALA D 324 -5.65 5.55 39.34
CA ALA D 324 -4.99 6.27 40.43
C ALA D 324 -6.05 6.85 41.36
N ASP D 325 -6.19 6.25 42.54
CA ASP D 325 -6.96 6.81 43.66
C ASP D 325 -8.43 7.05 43.33
N TYR D 326 -9.01 6.27 42.43
CA TYR D 326 -10.45 6.32 42.18
C TYR D 326 -11.01 4.92 42.02
N ASN D 327 -12.20 4.71 42.59
CA ASN D 327 -12.91 3.44 42.39
C ASN D 327 -13.23 3.16 40.92
N PRO D 328 -13.77 4.09 40.14
CA PRO D 328 -13.92 3.83 38.72
C PRO D 328 -12.72 4.29 37.91
N LYS D 329 -12.40 3.53 36.87
CA LYS D 329 -11.29 3.87 36.00
C LYS D 329 -11.68 4.99 35.05
N GLN D 330 -10.74 5.91 34.82
CA GLN D 330 -10.94 7.01 33.87
C GLN D 330 -10.56 6.51 32.49
N GLN D 331 -11.56 6.16 31.68
CA GLN D 331 -11.30 5.61 30.36
C GLN D 331 -10.77 6.68 29.42
N LEU D 332 -9.69 6.37 28.73
CA LEU D 332 -9.06 7.27 27.77
C LEU D 332 -9.42 6.83 26.36
N SER D 333 -8.79 7.46 25.37
CA SER D 333 -8.91 7.05 23.98
C SER D 333 -7.66 7.51 23.24
N PHE D 334 -6.94 6.56 22.64
CA PHE D 334 -5.73 6.91 21.91
C PHE D 334 -6.05 7.76 20.69
N ASN D 335 -5.13 8.66 20.36
CA ASN D 335 -5.24 9.48 19.15
C ASN D 335 -4.27 9.07 18.06
N GLN D 336 -3.02 8.81 18.41
CA GLN D 336 -2.03 8.35 17.45
C GLN D 336 -0.92 7.64 18.20
N ILE D 337 -0.51 6.49 17.67
CA ILE D 337 0.58 5.70 18.23
C ILE D 337 1.66 5.60 17.17
N SER D 338 2.86 6.04 17.51
CA SER D 338 4.02 5.96 16.62
C SER D 338 4.96 4.90 17.18
N VAL D 339 5.07 3.78 16.48
CA VAL D 339 5.86 2.65 16.93
C VAL D 339 7.25 2.75 16.32
N ARG D 340 8.25 2.78 17.17
CA ARG D 340 9.66 2.90 16.79
C ARG D 340 10.47 2.17 17.85
N GLU D 341 11.76 2.52 17.97
CA GLU D 341 12.61 2.02 19.05
C GLU D 341 11.89 2.02 20.41
N ASP D 342 11.19 3.11 20.72
CA ASP D 342 10.34 3.17 21.90
C ASP D 342 8.97 3.71 21.51
N ILE D 343 7.91 3.08 22.02
CA ILE D 343 6.56 3.50 21.65
C ILE D 343 6.27 4.88 22.21
N ILE D 344 5.69 5.74 21.39
CA ILE D 344 5.27 7.08 21.79
C ILE D 344 3.76 7.17 21.61
N ILE D 345 3.05 7.44 22.69
CA ILE D 345 1.59 7.34 22.73
C ILE D 345 0.99 8.69 23.10
N ASN D 346 -0.13 9.02 22.48
CA ASN D 346 -0.87 10.25 22.73
C ASN D 346 -2.34 9.93 22.91
N SER D 347 -2.97 10.55 23.91
CA SER D 347 -4.37 10.30 24.18
C SER D 347 -4.96 11.46 24.98
N CYS D 348 -6.22 11.80 24.69
CA CYS D 348 -6.92 12.82 25.46
C CYS D 348 -8.40 12.45 25.54
N PHE D 349 -8.79 11.82 26.64
CA PHE D 349 -10.19 11.65 27.00
C PHE D 349 -10.38 11.91 28.49
N LYS D 350 -9.53 12.75 29.07
CA LYS D 350 -9.55 13.01 30.49
C LYS D 350 -8.95 14.39 30.78
#